data_8XJT
#
_entry.id   8XJT
#
_cell.length_a   1.00
_cell.length_b   1.00
_cell.length_c   1.00
_cell.angle_alpha   90.00
_cell.angle_beta   90.00
_cell.angle_gamma   90.00
#
_symmetry.space_group_name_H-M   'P 1'
#
_entity_poly.entity_id   1
_entity_poly.type   'polypeptide(L)'
_entity_poly.pdbx_seq_one_letter_code
;MGSSHHHHHHSSGLVPRGSHMASMTGGQQMGRGSEFELRRQALEYASEMNGMEIAIIGMAVRFPQSRTLHEFWHNIVQGK
ECVTFFSEEELLAEGVEQSTLDNPAYVRAKPYIEGICDFDAAFFGYSHKEAQTLDPKSRVLHEVAYHALEDAGYAQRTSD
LITGVFVGASEDVDWLRRSLSQIGGDALNRFESGIYGHKDLLAHLIAYSLNLNGPVYSLYTSCSTSLSATHIACRSLLFG
ECDLALAGGITIDLPQKSGYFCQQGMIHSTDGHCRPFDSQASGTLFGDGAGVVVLRRLEDALAAGDRIYAVIRGSAVNND
GKQKIGFVAPGHEGQKAVICAACHLAEVSPESIGYVETHGTGTRIGDPIEFAALTEAFDTSHRQYCALGAVKANIGHTHA
AAGVAGLIKTALVLHHRTIPPLANYQMPNSKLDLAHSPFYIPIQPQEWPASRMPPRAGVSSFGIGGTNVHMILEGLNPAV
RDDHDQVRAPVFIPLSAPSFEQLDELTQQLTPLLATLDASTLAYTQQVARPVFDCRRVIQVENDGTQAMLASLDNLMPDA
PWGLHCPDLRTTNDCTYAQWLAHSAHYQREATALTALLDGMNIPPAYCHAETWAAQANSSLLIRGCQTIAALKTWMNLLP
TLTLLSGAGTGLLPAAAASGMIATQDVLHLLWEMEQKALHLWLPERHEPIPGYVLAWQGNPITDAQRNDRGFWSEALLAD
TRELGEGVHSINWVRLPPEIREDVDVLRYVAQLWCAGINVDWAVWYGTPLPQRGSASAYPFAHNHYPLPGRVMGSVETQP
EAGPETHHPYQARPVLSVPFVAAHSRGMQYITGLMELLLEISPVGVDDDFFELGGHSLLVTQLTSRLERDFNVHIDLLTL
MENPNPRNIYAHIAAQLGGEDNLEIACQ
;
_entity_poly.pdbx_strand_id   A,B,C
#
# COMPACT_ATOMS: atom_id res chain seq x y z
N GLU A 44 18.65 -18.25 18.68
CA GLU A 44 17.36 -17.79 19.18
C GLU A 44 17.22 -16.30 18.96
N TYR A 45 16.36 -15.67 19.75
CA TYR A 45 15.99 -14.26 19.66
C TYR A 45 16.03 -13.54 21.00
N ALA A 46 15.57 -14.19 22.07
CA ALA A 46 15.75 -13.77 23.47
C ALA A 46 15.03 -12.46 23.80
N SER A 47 13.72 -12.45 23.55
CA SER A 47 12.80 -11.47 24.09
C SER A 47 11.40 -12.05 23.97
N GLU A 48 10.39 -11.23 24.22
CA GLU A 48 9.04 -11.72 23.98
C GLU A 48 8.71 -11.61 22.51
N MET A 49 7.59 -12.20 22.12
CA MET A 49 7.15 -12.15 20.73
C MET A 49 5.67 -11.79 20.70
N ASN A 50 5.37 -10.53 20.40
CA ASN A 50 4.01 -10.15 20.03
C ASN A 50 3.80 -10.48 18.55
N GLY A 51 2.73 -9.95 17.94
CA GLY A 51 2.47 -10.31 16.57
C GLY A 51 3.32 -9.59 15.55
N MET A 52 3.89 -8.44 15.92
CA MET A 52 4.48 -7.50 14.96
C MET A 52 6.01 -7.60 14.93
N GLU A 53 6.51 -8.65 14.30
CA GLU A 53 7.93 -8.76 13.96
C GLU A 53 7.98 -8.96 12.47
N ILE A 54 8.97 -8.39 11.79
CA ILE A 54 9.22 -8.70 10.38
C ILE A 54 10.72 -8.88 10.21
N ALA A 55 11.15 -9.98 9.60
CA ALA A 55 12.56 -10.32 9.54
C ALA A 55 13.16 -9.98 8.19
N ILE A 56 14.37 -9.47 8.18
CA ILE A 56 15.08 -9.11 6.95
C ILE A 56 15.95 -10.29 6.56
N ILE A 57 15.62 -11.00 5.48
CA ILE A 57 16.41 -12.19 5.16
C ILE A 57 17.13 -12.08 3.83
N GLY A 58 17.58 -10.88 3.47
CA GLY A 58 18.60 -10.77 2.44
C GLY A 58 18.64 -9.42 1.77
N MET A 59 19.80 -8.83 1.52
CA MET A 59 19.85 -7.51 0.92
C MET A 59 20.89 -7.45 -0.18
N ALA A 60 20.71 -6.54 -1.13
CA ALA A 60 21.67 -6.33 -2.20
C ALA A 60 21.76 -4.85 -2.51
N VAL A 61 22.93 -4.35 -2.93
CA VAL A 61 23.14 -2.92 -3.14
C VAL A 61 24.02 -2.67 -4.37
N ARG A 62 23.93 -1.44 -4.90
CA ARG A 62 24.85 -0.91 -5.93
C ARG A 62 25.16 0.58 -5.72
N PHE A 63 25.55 0.96 -4.52
CA PHE A 63 25.87 2.34 -4.17
C PHE A 63 27.19 2.77 -4.80
N PRO A 64 27.58 4.06 -4.77
CA PRO A 64 28.85 4.47 -5.40
C PRO A 64 30.09 3.84 -4.80
N GLN A 65 30.99 3.40 -5.68
CA GLN A 65 32.25 2.71 -5.35
C GLN A 65 32.03 1.50 -4.44
N SER A 66 30.86 0.87 -4.57
CA SER A 66 30.42 -0.10 -3.61
C SER A 66 29.65 -1.24 -4.26
N ARG A 67 30.18 -1.81 -5.33
CA ARG A 67 29.42 -2.65 -6.26
C ARG A 67 28.93 -3.97 -5.69
N THR A 68 29.13 -4.27 -4.41
CA THR A 68 28.51 -5.43 -3.79
C THR A 68 28.28 -5.09 -2.33
N LEU A 69 28.10 -6.11 -1.49
CA LEU A 69 27.73 -5.83 -0.11
C LEU A 69 28.92 -5.81 0.84
N HIS A 70 29.89 -6.72 0.65
CA HIS A 70 31.05 -6.73 1.52
C HIS A 70 31.91 -5.48 1.33
N GLU A 71 31.95 -4.92 0.12
CA GLU A 71 32.65 -3.65 -0.03
C GLU A 71 31.90 -2.52 0.63
N PHE A 72 30.57 -2.58 0.71
CA PHE A 72 29.84 -1.54 1.43
C PHE A 72 30.14 -1.59 2.91
N TRP A 73 30.25 -2.79 3.48
CA TRP A 73 30.59 -2.82 4.90
C TRP A 73 32.04 -2.40 5.15
N HIS A 74 32.96 -2.74 4.25
CA HIS A 74 34.33 -2.27 4.45
C HIS A 74 34.42 -0.75 4.35
N ASN A 75 33.64 -0.16 3.44
CA ASN A 75 33.63 1.29 3.30
C ASN A 75 32.95 1.98 4.47
N ILE A 76 31.99 1.33 5.12
CA ILE A 76 31.41 1.92 6.32
C ILE A 76 32.42 1.91 7.46
N VAL A 77 33.03 0.76 7.73
CA VAL A 77 33.76 0.62 8.99
C VAL A 77 35.12 1.29 8.91
N GLN A 78 35.65 1.56 7.72
CA GLN A 78 36.87 2.37 7.74
C GLN A 78 36.56 3.84 7.99
N GLY A 79 35.51 4.36 7.37
CA GLY A 79 35.21 5.77 7.45
C GLY A 79 35.59 6.58 6.23
N LYS A 80 36.16 5.95 5.20
CA LYS A 80 36.52 6.68 4.00
C LYS A 80 35.28 7.02 3.21
N GLU A 81 35.37 8.06 2.40
CA GLU A 81 34.22 8.54 1.66
C GLU A 81 34.35 8.23 0.18
N CYS A 82 33.20 8.05 -0.47
CA CYS A 82 33.14 7.50 -1.81
C CYS A 82 32.98 8.55 -2.90
N VAL A 83 33.05 9.82 -2.59
CA VAL A 83 32.91 10.86 -3.60
C VAL A 83 34.20 10.95 -4.40
N THR A 84 34.09 11.15 -5.71
CA THR A 84 35.26 11.34 -6.57
C THR A 84 35.36 12.79 -7.02
N PHE A 85 36.57 13.19 -7.41
CA PHE A 85 36.80 14.49 -8.05
C PHE A 85 37.36 14.30 -9.44
N PHE A 86 37.07 15.27 -10.29
CA PHE A 86 37.49 15.24 -11.69
C PHE A 86 38.61 16.24 -11.91
N SER A 87 39.14 16.21 -13.12
CA SER A 87 40.13 17.16 -13.61
C SER A 87 39.45 18.14 -14.55
N GLU A 88 40.25 18.88 -15.32
CA GLU A 88 39.74 19.87 -16.24
C GLU A 88 39.45 19.31 -17.64
N GLU A 89 39.66 18.02 -17.88
CA GLU A 89 39.56 17.46 -19.21
C GLU A 89 38.56 16.31 -19.34
N GLU A 90 38.32 15.56 -18.27
CA GLU A 90 37.33 14.48 -18.32
C GLU A 90 35.92 15.02 -18.45
N LEU A 91 35.69 16.26 -18.04
CA LEU A 91 34.41 16.91 -18.29
C LEU A 91 34.30 17.38 -19.73
N LEU A 92 35.40 17.86 -20.30
CA LEU A 92 35.38 18.28 -21.71
C LEU A 92 35.19 17.11 -22.63
N ALA A 93 35.67 15.93 -22.23
CA ALA A 93 35.54 14.74 -23.06
C ALA A 93 34.11 14.24 -23.21
N GLU A 94 33.15 14.71 -22.40
CA GLU A 94 31.81 14.14 -22.45
C GLU A 94 30.72 15.20 -22.49
N GLY A 95 30.98 16.33 -23.13
CA GLY A 95 29.89 17.23 -23.44
C GLY A 95 29.67 18.34 -22.45
N VAL A 96 30.75 18.93 -21.95
CA VAL A 96 30.69 20.18 -21.22
C VAL A 96 31.58 21.16 -21.97
N GLU A 97 30.99 22.25 -22.46
CA GLU A 97 31.77 23.23 -23.19
C GLU A 97 32.63 24.04 -22.23
N GLN A 98 33.64 24.70 -22.79
CA GLN A 98 34.64 25.36 -21.95
C GLN A 98 34.10 26.64 -21.32
N SER A 99 32.99 27.18 -21.84
CA SER A 99 32.40 28.40 -21.32
C SER A 99 31.81 28.27 -19.92
N THR A 100 31.57 27.05 -19.43
CA THR A 100 31.12 26.85 -18.07
C THR A 100 32.25 26.48 -17.11
N LEU A 101 33.36 25.93 -17.61
CA LEU A 101 34.45 25.49 -16.75
C LEU A 101 35.08 26.66 -16.00
N ASP A 102 35.25 27.80 -16.67
CA ASP A 102 35.91 28.93 -16.05
C ASP A 102 35.04 29.64 -15.02
N ASN A 103 33.76 29.30 -14.93
CA ASN A 103 32.88 29.87 -13.93
C ASN A 103 33.34 29.45 -12.54
N PRO A 104 33.61 30.38 -11.62
CA PRO A 104 34.09 29.99 -10.29
C PRO A 104 33.04 29.32 -9.44
N ALA A 105 31.75 29.50 -9.73
CA ALA A 105 30.69 28.81 -8.98
C ALA A 105 30.33 27.52 -9.71
N TYR A 106 31.29 26.60 -9.71
CA TYR A 106 31.12 25.31 -10.36
C TYR A 106 32.04 24.33 -9.66
N VAL A 107 31.46 23.49 -8.81
CA VAL A 107 32.19 22.49 -8.05
C VAL A 107 32.09 21.17 -8.80
N ARG A 108 33.23 20.52 -9.00
CA ARG A 108 33.32 19.41 -9.93
C ARG A 108 33.36 18.08 -9.17
N ALA A 109 32.20 17.55 -8.80
CA ALA A 109 32.15 16.30 -8.06
C ALA A 109 30.75 15.73 -8.13
N LYS A 110 30.65 14.42 -8.24
CA LYS A 110 29.34 13.77 -8.19
C LYS A 110 29.53 12.30 -7.88
N PRO A 111 28.87 11.77 -6.85
CA PRO A 111 29.07 10.37 -6.49
C PRO A 111 28.47 9.39 -7.48
N TYR A 112 29.19 9.09 -8.55
CA TYR A 112 28.66 8.37 -9.70
C TYR A 112 28.68 6.87 -9.51
N ILE A 113 27.67 6.18 -10.07
CA ILE A 113 27.74 4.72 -10.22
C ILE A 113 28.60 4.44 -11.44
N GLU A 114 29.24 3.26 -11.47
CA GLU A 114 29.85 2.75 -12.68
C GLU A 114 28.97 1.66 -13.25
N GLY A 115 28.92 1.57 -14.57
CA GLY A 115 28.08 0.56 -15.17
C GLY A 115 26.61 0.91 -15.19
N ILE A 116 26.29 2.13 -15.60
CA ILE A 116 24.90 2.47 -15.92
C ILE A 116 24.44 1.67 -17.14
N CYS A 117 25.28 1.59 -18.18
CA CYS A 117 24.84 1.23 -19.52
C CYS A 117 24.47 -0.23 -19.65
N ASP A 118 25.30 -1.13 -19.14
CA ASP A 118 25.31 -2.54 -19.54
C ASP A 118 24.10 -3.28 -19.00
N PHE A 119 23.82 -4.45 -19.59
CA PHE A 119 22.69 -5.26 -19.18
C PHE A 119 22.94 -6.69 -19.63
N ASP A 120 22.27 -7.64 -18.97
CA ASP A 120 22.16 -8.99 -19.47
C ASP A 120 20.93 -9.07 -20.35
N ALA A 121 21.11 -9.48 -21.60
CA ALA A 121 20.05 -9.33 -22.58
C ALA A 121 19.04 -10.46 -22.50
N ALA A 122 19.50 -11.68 -22.72
CA ALA A 122 18.60 -12.80 -22.97
C ALA A 122 18.26 -13.58 -21.73
N PHE A 123 18.78 -13.21 -20.58
CA PHE A 123 18.49 -13.96 -19.36
C PHE A 123 17.05 -13.77 -18.95
N PHE A 124 16.58 -12.54 -18.94
CA PHE A 124 15.32 -12.20 -18.30
C PHE A 124 14.12 -12.44 -19.17
N GLY A 125 14.30 -12.97 -20.39
CA GLY A 125 13.18 -13.20 -21.27
C GLY A 125 12.90 -12.09 -22.25
N TYR A 126 13.94 -11.41 -22.73
CA TYR A 126 13.84 -10.23 -23.57
C TYR A 126 14.35 -10.52 -24.97
N SER A 127 14.06 -9.61 -25.88
CA SER A 127 14.65 -9.61 -27.21
C SER A 127 15.89 -8.73 -27.18
N HIS A 128 16.37 -8.28 -28.33
CA HIS A 128 17.39 -7.25 -28.34
C HIS A 128 16.81 -5.84 -28.47
N LYS A 129 15.78 -5.64 -29.28
CA LYS A 129 15.21 -4.30 -29.43
C LYS A 129 14.47 -3.88 -28.17
N GLU A 130 13.75 -4.80 -27.53
CA GLU A 130 13.07 -4.50 -26.27
C GLU A 130 14.08 -4.15 -25.20
N ALA A 131 15.24 -4.79 -25.20
CA ALA A 131 16.28 -4.41 -24.26
C ALA A 131 16.89 -3.08 -24.63
N GLN A 132 16.85 -2.70 -25.91
CA GLN A 132 17.41 -1.42 -26.30
C GLN A 132 16.53 -0.26 -25.82
N THR A 133 15.21 -0.45 -25.82
CA THR A 133 14.32 0.69 -25.59
C THR A 133 14.00 0.98 -24.13
N LEU A 134 14.64 0.31 -23.17
CA LEU A 134 14.31 0.51 -21.76
C LEU A 134 14.91 1.80 -21.22
N ASP A 135 14.83 1.94 -19.89
CA ASP A 135 15.18 3.15 -19.17
C ASP A 135 16.09 2.73 -18.02
N PRO A 136 17.26 3.38 -17.83
CA PRO A 136 18.35 2.78 -17.04
C PRO A 136 18.03 2.48 -15.59
N LYS A 137 17.02 3.12 -15.00
CA LYS A 137 16.52 2.68 -13.70
C LYS A 137 16.04 1.24 -13.77
N SER A 138 15.30 0.89 -14.81
CA SER A 138 14.84 -0.48 -14.91
C SER A 138 15.99 -1.42 -15.25
N ARG A 139 16.94 -0.93 -16.04
CA ARG A 139 18.04 -1.75 -16.51
C ARG A 139 19.02 -2.08 -15.39
N VAL A 140 19.02 -1.32 -14.30
CA VAL A 140 19.78 -1.72 -13.12
C VAL A 140 18.93 -2.49 -12.13
N LEU A 141 17.70 -2.05 -11.85
CA LEU A 141 16.98 -2.64 -10.74
C LEU A 141 16.49 -4.04 -11.04
N HIS A 142 16.48 -4.47 -12.31
CA HIS A 142 16.34 -5.90 -12.58
C HIS A 142 17.48 -6.71 -11.93
N GLU A 143 18.73 -6.29 -12.18
CA GLU A 143 19.90 -7.00 -11.67
C GLU A 143 19.97 -6.98 -10.15
N VAL A 144 19.70 -5.84 -9.54
CA VAL A 144 19.82 -5.76 -8.08
C VAL A 144 18.73 -6.56 -7.37
N ALA A 145 17.48 -6.53 -7.88
CA ALA A 145 16.47 -7.36 -7.22
C ALA A 145 16.72 -8.84 -7.41
N TYR A 146 17.27 -9.26 -8.54
CA TYR A 146 17.61 -10.68 -8.64
C TYR A 146 18.75 -11.07 -7.72
N HIS A 147 19.72 -10.19 -7.47
CA HIS A 147 20.73 -10.51 -6.46
C HIS A 147 20.13 -10.61 -5.08
N ALA A 148 19.08 -9.83 -4.78
CA ALA A 148 18.42 -9.98 -3.49
C ALA A 148 17.74 -11.32 -3.32
N LEU A 149 17.02 -11.78 -4.34
CA LEU A 149 16.48 -13.14 -4.21
C LEU A 149 17.54 -14.22 -4.20
N GLU A 150 18.65 -14.03 -4.91
CA GLU A 150 19.68 -15.06 -4.87
C GLU A 150 20.39 -15.08 -3.54
N ASP A 151 20.38 -13.97 -2.82
CA ASP A 151 20.99 -13.94 -1.50
C ASP A 151 20.08 -14.45 -0.43
N ALA A 152 18.77 -14.37 -0.62
CA ALA A 152 17.86 -14.88 0.40
C ALA A 152 17.77 -16.39 0.41
N GLY A 153 18.17 -17.06 -0.68
CA GLY A 153 18.10 -18.50 -0.80
C GLY A 153 17.02 -18.96 -1.76
N TYR A 154 15.92 -18.23 -1.85
CA TYR A 154 14.81 -18.60 -2.74
C TYR A 154 15.10 -18.06 -4.13
N ALA A 155 16.08 -18.67 -4.78
CA ALA A 155 16.48 -18.18 -6.09
C ALA A 155 15.51 -18.62 -7.17
N GLN A 156 15.24 -19.92 -7.25
CA GLN A 156 14.31 -20.43 -8.25
C GLN A 156 13.24 -21.27 -7.61
N ARG A 157 12.96 -21.06 -6.34
CA ARG A 157 12.00 -21.88 -5.62
C ARG A 157 10.78 -21.07 -5.20
N THR A 158 10.45 -20.03 -5.98
CA THR A 158 9.24 -19.25 -5.75
C THR A 158 8.08 -19.85 -6.54
N SER A 159 7.72 -21.08 -6.18
CA SER A 159 6.61 -21.77 -6.81
C SER A 159 5.52 -22.10 -5.82
N ASP A 160 5.70 -21.76 -4.55
CA ASP A 160 4.74 -22.10 -3.53
C ASP A 160 4.31 -20.90 -2.71
N LEU A 161 4.97 -19.75 -2.86
CA LEU A 161 4.74 -18.57 -2.06
C LEU A 161 4.13 -17.47 -2.91
N ILE A 162 3.59 -16.47 -2.25
CA ILE A 162 2.85 -15.40 -2.89
C ILE A 162 3.66 -14.12 -2.69
N THR A 163 4.43 -13.73 -3.68
CA THR A 163 5.47 -12.72 -3.49
C THR A 163 5.03 -11.37 -4.04
N GLY A 164 5.04 -10.35 -3.19
CA GLY A 164 4.71 -9.01 -3.65
C GLY A 164 5.91 -8.28 -4.20
N VAL A 165 5.69 -7.04 -4.62
CA VAL A 165 6.72 -6.07 -4.95
C VAL A 165 6.24 -4.71 -4.44
N PHE A 166 7.10 -3.88 -3.86
CA PHE A 166 6.70 -2.51 -3.52
C PHE A 166 7.89 -1.58 -3.76
N VAL A 167 8.03 -1.06 -4.97
CA VAL A 167 9.26 -0.38 -5.39
C VAL A 167 8.97 1.07 -5.69
N GLY A 168 9.71 1.98 -5.09
CA GLY A 168 9.63 3.39 -5.44
C GLY A 168 10.63 3.76 -6.52
N ALA A 169 10.60 5.03 -6.92
CA ALA A 169 11.54 5.53 -7.93
C ALA A 169 11.54 7.04 -7.91
N SER A 170 12.41 7.64 -8.70
CA SER A 170 12.48 9.10 -8.81
C SER A 170 12.89 9.51 -10.19
N GLU A 171 12.21 10.52 -10.74
CA GLU A 171 12.31 10.88 -12.14
C GLU A 171 12.85 12.30 -12.30
N ASP A 172 13.96 12.43 -13.01
CA ASP A 172 14.61 13.72 -13.22
C ASP A 172 14.05 14.36 -14.50
N VAL A 173 14.75 15.37 -15.04
CA VAL A 173 14.29 16.05 -16.24
C VAL A 173 15.18 15.80 -17.46
N ASP A 174 16.40 15.30 -17.28
CA ASP A 174 17.36 15.19 -18.39
C ASP A 174 17.01 14.05 -19.34
N TRP A 175 16.67 12.88 -18.82
CA TRP A 175 16.16 11.83 -19.70
C TRP A 175 14.81 12.20 -20.30
N LEU A 176 14.04 13.06 -19.63
CA LEU A 176 12.80 13.55 -20.23
C LEU A 176 13.06 14.40 -21.46
N ARG A 177 14.05 15.30 -21.41
CA ARG A 177 14.41 16.03 -22.63
C ARG A 177 15.17 15.18 -23.64
N ARG A 178 15.77 14.07 -23.22
CA ARG A 178 16.40 13.14 -24.16
C ARG A 178 15.38 12.28 -24.89
N SER A 179 14.27 11.94 -24.24
CA SER A 179 13.31 11.01 -24.81
C SER A 179 12.05 11.66 -25.37
N LEU A 180 11.76 12.91 -24.99
CA LEU A 180 10.58 13.57 -25.54
C LEU A 180 10.80 14.00 -26.99
N SER A 181 11.98 14.52 -27.30
CA SER A 181 12.26 15.07 -28.62
C SER A 181 12.71 14.01 -29.62
N GLN A 182 12.93 12.77 -29.20
CA GLN A 182 13.25 11.73 -30.15
C GLN A 182 11.98 11.28 -30.88
N ILE A 183 12.18 10.68 -32.05
CA ILE A 183 11.07 10.28 -32.92
C ILE A 183 10.42 9.04 -32.34
N GLY A 184 9.20 9.20 -31.82
CA GLY A 184 8.47 8.06 -31.28
C GLY A 184 8.02 7.08 -32.34
N GLY A 185 7.60 7.59 -33.50
CA GLY A 185 7.15 6.74 -34.59
C GLY A 185 5.68 6.85 -34.88
N ASP A 186 5.02 5.72 -35.11
CA ASP A 186 3.58 5.69 -35.33
C ASP A 186 2.88 5.52 -33.99
N ALA A 187 1.59 5.17 -33.99
CA ALA A 187 0.86 5.00 -32.74
C ALA A 187 1.31 3.75 -32.00
N LEU A 188 1.69 2.69 -32.70
CA LEU A 188 2.09 1.45 -32.04
C LEU A 188 3.45 1.57 -31.38
N ASN A 189 4.42 2.21 -32.05
CA ASN A 189 5.72 2.40 -31.43
C ASN A 189 5.65 3.42 -30.30
N ARG A 190 4.74 4.40 -30.40
CA ARG A 190 4.49 5.31 -29.28
C ARG A 190 3.87 4.56 -28.11
N PHE A 191 2.98 3.60 -28.39
CA PHE A 191 2.40 2.75 -27.35
C PHE A 191 3.48 1.92 -26.67
N GLU A 192 4.40 1.35 -27.46
CA GLU A 192 5.52 0.57 -26.91
C GLU A 192 6.45 1.44 -26.06
N SER A 193 6.78 2.63 -26.53
CA SER A 193 7.71 3.49 -25.80
C SER A 193 7.08 4.13 -24.58
N GLY A 194 5.75 4.35 -24.59
CA GLY A 194 5.08 4.86 -23.40
C GLY A 194 4.77 3.81 -22.37
N ILE A 195 4.61 2.56 -22.79
CA ILE A 195 4.39 1.48 -21.85
C ILE A 195 5.72 1.04 -21.22
N TYR A 196 6.73 0.79 -22.05
CA TYR A 196 8.01 0.31 -21.53
C TYR A 196 8.85 1.45 -20.96
N GLY A 197 9.15 2.45 -21.77
CA GLY A 197 10.10 3.48 -21.39
C GLY A 197 9.57 4.60 -20.52
N HIS A 198 9.13 4.28 -19.29
CA HIS A 198 8.70 5.29 -18.36
C HIS A 198 8.91 4.74 -16.95
N LYS A 199 8.77 5.59 -15.94
CA LYS A 199 9.00 5.19 -14.56
C LYS A 199 7.72 4.76 -13.85
N ASP A 200 6.65 4.56 -14.59
CA ASP A 200 5.36 4.14 -14.05
C ASP A 200 5.20 2.62 -14.09
N LEU A 201 5.65 1.98 -15.16
CA LEU A 201 5.71 0.54 -15.26
C LEU A 201 7.13 0.10 -14.97
N LEU A 202 7.49 0.16 -13.68
CA LEU A 202 8.74 -0.39 -13.19
C LEU A 202 8.50 -1.62 -12.31
N ALA A 203 7.65 -1.51 -11.32
CA ALA A 203 7.38 -2.66 -10.48
C ALA A 203 6.59 -3.72 -11.19
N HIS A 204 5.79 -3.34 -12.19
CA HIS A 204 5.12 -4.36 -12.98
C HIS A 204 6.10 -5.11 -13.85
N LEU A 205 7.18 -4.47 -14.29
CA LEU A 205 8.20 -5.18 -15.05
C LEU A 205 9.02 -6.12 -14.17
N ILE A 206 9.34 -5.69 -12.94
CA ILE A 206 10.07 -6.60 -12.04
C ILE A 206 9.20 -7.78 -11.67
N ALA A 207 7.90 -7.58 -11.47
CA ALA A 207 7.07 -8.71 -11.13
C ALA A 207 6.72 -9.58 -12.33
N TYR A 208 6.87 -9.08 -13.55
CA TYR A 208 6.56 -9.95 -14.67
C TYR A 208 7.78 -10.68 -15.21
N SER A 209 8.96 -10.07 -15.22
CA SER A 209 10.11 -10.74 -15.80
C SER A 209 10.60 -11.90 -14.96
N LEU A 210 10.72 -11.73 -13.66
CA LEU A 210 10.76 -12.81 -12.71
C LEU A 210 9.32 -13.30 -12.56
N ASN A 211 9.10 -14.44 -11.93
CA ASN A 211 7.73 -14.93 -11.83
C ASN A 211 7.17 -14.73 -10.42
N LEU A 212 6.50 -13.61 -10.22
CA LEU A 212 5.99 -13.18 -8.93
C LEU A 212 4.54 -12.73 -9.07
N ASN A 213 3.64 -13.25 -8.22
CA ASN A 213 2.23 -12.92 -8.37
C ASN A 213 1.56 -12.48 -7.08
N GLY A 214 2.12 -11.51 -6.39
CA GLY A 214 1.44 -10.92 -5.26
C GLY A 214 0.92 -9.56 -5.64
N PRO A 215 0.68 -8.71 -4.64
CA PRO A 215 0.38 -7.31 -4.94
C PRO A 215 1.57 -6.62 -5.55
N VAL A 216 1.31 -5.57 -6.33
CA VAL A 216 2.37 -4.68 -6.78
C VAL A 216 1.90 -3.25 -6.60
N TYR A 217 2.83 -2.33 -6.39
CA TYR A 217 2.53 -0.92 -6.27
C TYR A 217 3.74 -0.15 -6.77
N SER A 218 3.67 1.17 -6.79
CA SER A 218 4.85 1.97 -7.14
C SER A 218 4.71 3.38 -6.54
N LEU A 219 5.26 3.58 -5.35
CA LEU A 219 4.94 4.76 -4.57
C LEU A 219 5.73 5.98 -5.05
N TYR A 220 5.52 7.12 -4.39
CA TYR A 220 6.46 8.25 -4.34
C TYR A 220 6.10 9.27 -3.26
N THR A 221 6.90 9.38 -2.17
CA THR A 221 6.72 10.40 -1.14
C THR A 221 7.95 11.31 -0.97
N SER A 222 8.82 11.36 -1.98
CA SER A 222 9.76 12.42 -2.36
C SER A 222 11.10 12.64 -1.66
N CYS A 223 11.35 12.09 -0.48
CA CYS A 223 12.74 11.81 -0.06
C CYS A 223 12.87 10.56 0.77
N SER A 224 11.77 10.02 1.27
CA SER A 224 11.79 8.81 2.05
C SER A 224 10.94 7.80 1.32
N THR A 225 11.13 7.72 0.00
CA THR A 225 10.38 6.83 -0.87
C THR A 225 10.62 5.38 -0.49
N SER A 226 11.86 5.04 -0.18
CA SER A 226 12.16 3.68 0.16
C SER A 226 11.57 3.28 1.49
N LEU A 227 11.66 4.13 2.51
CA LEU A 227 11.12 3.74 3.80
C LEU A 227 9.59 3.79 3.87
N SER A 228 8.93 4.62 3.06
CA SER A 228 7.50 4.45 2.94
C SER A 228 7.12 3.16 2.21
N ALA A 229 7.90 2.75 1.21
CA ALA A 229 7.61 1.46 0.59
C ALA A 229 7.89 0.29 1.53
N THR A 230 8.93 0.38 2.35
CA THR A 230 9.18 -0.67 3.34
C THR A 230 8.07 -0.73 4.38
N HIS A 231 7.54 0.42 4.78
CA HIS A 231 6.46 0.43 5.76
C HIS A 231 5.14 -0.10 5.19
N ILE A 232 4.86 0.15 3.91
CA ILE A 232 3.72 -0.52 3.29
C ILE A 232 3.95 -2.03 3.23
N ALA A 233 5.20 -2.47 3.03
CA ALA A 233 5.48 -3.90 2.99
C ALA A 233 5.28 -4.56 4.34
N CYS A 234 5.63 -3.88 5.44
CA CYS A 234 5.33 -4.44 6.76
C CYS A 234 3.82 -4.55 7.00
N ARG A 235 3.08 -3.47 6.71
CA ARG A 235 1.64 -3.53 6.95
C ARG A 235 0.93 -4.50 6.04
N SER A 236 1.50 -4.85 4.91
CA SER A 236 0.83 -5.83 4.08
C SER A 236 1.28 -7.24 4.37
N LEU A 237 2.47 -7.44 4.95
CA LEU A 237 2.82 -8.79 5.37
C LEU A 237 1.99 -9.22 6.56
N LEU A 238 1.69 -8.29 7.47
CA LEU A 238 1.09 -8.73 8.73
C LEU A 238 -0.36 -9.18 8.62
N PHE A 239 -1.05 -8.86 7.53
CA PHE A 239 -2.44 -9.33 7.44
C PHE A 239 -2.50 -10.73 6.89
N GLY A 240 -1.73 -11.02 5.87
CA GLY A 240 -1.76 -12.35 5.32
C GLY A 240 -2.08 -12.35 3.84
N GLU A 241 -1.73 -11.28 3.16
CA GLU A 241 -1.83 -11.29 1.71
C GLU A 241 -0.62 -11.98 1.10
N CYS A 242 0.56 -11.42 1.32
CA CYS A 242 1.76 -11.93 0.70
C CYS A 242 2.62 -12.68 1.73
N ASP A 243 3.64 -13.39 1.25
CA ASP A 243 4.55 -14.14 2.09
C ASP A 243 6.00 -13.79 1.83
N LEU A 244 6.26 -12.82 0.99
CA LEU A 244 7.57 -12.20 0.82
C LEU A 244 7.31 -10.76 0.43
N ALA A 245 8.36 -10.00 0.24
CA ALA A 245 8.23 -8.65 -0.26
C ALA A 245 9.54 -8.26 -0.89
N LEU A 246 9.58 -7.08 -1.47
CA LEU A 246 10.80 -6.44 -1.84
C LEU A 246 10.64 -5.00 -1.40
N ALA A 247 11.60 -4.14 -1.70
CA ALA A 247 11.50 -2.74 -1.29
C ALA A 247 12.46 -1.92 -2.12
N GLY A 248 12.69 -0.69 -1.70
CA GLY A 248 13.83 0.06 -2.16
C GLY A 248 13.60 0.76 -3.48
N GLY A 249 14.29 1.88 -3.67
CA GLY A 249 14.12 2.71 -4.82
C GLY A 249 15.31 2.64 -5.75
N ILE A 250 15.45 3.67 -6.59
CA ILE A 250 16.61 3.82 -7.45
C ILE A 250 16.68 5.29 -7.88
N THR A 251 17.87 5.78 -8.22
CA THR A 251 18.02 7.13 -8.75
C THR A 251 19.22 7.21 -9.68
N ILE A 252 19.02 7.54 -10.95
CA ILE A 252 20.10 7.70 -11.91
C ILE A 252 19.92 9.05 -12.60
N ASP A 253 20.96 9.88 -12.62
CA ASP A 253 20.95 11.14 -13.36
C ASP A 253 21.90 11.01 -14.54
N LEU A 254 21.38 11.10 -15.76
CA LEU A 254 22.00 10.47 -16.92
C LEU A 254 23.39 10.93 -17.37
N PRO A 255 23.77 12.21 -17.37
CA PRO A 255 25.19 12.47 -17.61
C PRO A 255 25.97 12.08 -16.37
N GLN A 256 26.63 10.91 -16.37
CA GLN A 256 27.04 10.32 -15.10
C GLN A 256 28.21 11.07 -14.49
N LYS A 257 29.07 11.66 -15.32
CA LYS A 257 30.24 12.38 -14.83
C LYS A 257 30.09 13.85 -15.18
N SER A 258 29.65 14.66 -14.23
CA SER A 258 29.45 16.08 -14.44
C SER A 258 29.25 16.78 -13.12
N GLY A 259 29.58 18.07 -13.09
CA GLY A 259 29.51 18.85 -11.87
C GLY A 259 28.11 19.34 -11.57
N TYR A 260 28.03 20.21 -10.58
CA TYR A 260 26.75 20.76 -10.15
C TYR A 260 26.96 22.20 -9.73
N PHE A 261 25.97 23.05 -10.02
CA PHE A 261 26.08 24.48 -9.73
C PHE A 261 25.83 24.75 -8.27
N CYS A 262 26.85 25.23 -7.57
CA CYS A 262 26.62 25.80 -6.25
C CYS A 262 25.98 27.17 -6.39
N GLN A 263 25.31 27.60 -5.34
CA GLN A 263 24.63 28.90 -5.29
C GLN A 263 24.35 29.28 -3.85
N GLN A 264 23.58 30.35 -3.66
CA GLN A 264 23.45 30.96 -2.34
C GLN A 264 22.11 30.68 -1.67
N GLY A 265 21.00 30.80 -2.39
CA GLY A 265 19.68 30.59 -1.79
C GLY A 265 19.34 29.15 -1.52
N MET A 266 19.25 28.34 -2.58
CA MET A 266 19.08 26.91 -2.43
C MET A 266 20.32 26.30 -1.77
N ILE A 267 20.13 25.21 -1.04
CA ILE A 267 21.26 24.58 -0.39
C ILE A 267 21.94 23.57 -1.32
N HIS A 268 23.22 23.81 -1.56
CA HIS A 268 24.18 22.85 -2.07
C HIS A 268 25.53 23.18 -1.49
N SER A 269 26.40 22.19 -1.37
CA SER A 269 27.70 22.39 -0.77
C SER A 269 28.57 23.27 -1.65
N THR A 270 29.26 24.21 -1.04
CA THR A 270 30.10 25.14 -1.77
C THR A 270 31.52 24.64 -1.94
N ASP A 271 31.80 23.43 -1.51
CA ASP A 271 33.15 22.89 -1.53
C ASP A 271 33.24 21.55 -2.21
N GLY A 272 32.25 20.69 -2.02
CA GLY A 272 32.25 19.34 -2.54
C GLY A 272 32.08 18.27 -1.50
N HIS A 273 32.21 18.58 -0.21
CA HIS A 273 32.15 17.58 0.85
C HIS A 273 30.93 17.82 1.73
N CYS A 274 30.30 16.73 2.16
CA CYS A 274 29.10 16.79 2.98
C CYS A 274 29.46 16.42 4.40
N ARG A 275 29.75 17.42 5.23
CA ARG A 275 30.04 17.19 6.64
C ARG A 275 28.76 17.26 7.44
N PRO A 276 28.30 16.18 8.08
CA PRO A 276 27.16 16.34 8.97
C PRO A 276 27.59 16.57 10.41
N PHE A 277 26.88 17.49 11.08
CA PHE A 277 27.16 17.95 12.44
C PHE A 277 28.62 18.35 12.62
N ASP A 278 29.02 19.39 11.91
CA ASP A 278 30.41 19.83 11.98
C ASP A 278 30.50 21.35 11.96
N SER A 279 31.51 21.88 12.60
CA SER A 279 31.67 23.33 12.66
C SER A 279 31.87 23.97 11.31
N GLN A 280 32.34 23.21 10.32
CA GLN A 280 32.55 23.74 8.98
C GLN A 280 31.55 23.17 7.98
N ALA A 281 30.33 22.90 8.43
CA ALA A 281 29.35 22.27 7.56
C ALA A 281 28.93 23.24 6.48
N SER A 282 28.81 22.73 5.26
CA SER A 282 28.58 23.61 4.12
C SER A 282 27.25 23.37 3.46
N GLY A 283 26.92 22.12 3.14
CA GLY A 283 25.72 21.89 2.35
C GLY A 283 25.29 20.45 2.25
N THR A 284 24.96 20.00 1.04
CA THR A 284 24.53 18.64 0.78
C THR A 284 25.12 18.29 -0.58
N LEU A 285 25.29 17.01 -0.86
CA LEU A 285 25.87 16.53 -2.10
C LEU A 285 24.93 15.50 -2.69
N PHE A 286 24.47 15.70 -3.90
CA PHE A 286 23.46 14.84 -4.50
C PHE A 286 24.12 13.78 -5.36
N GLY A 287 23.75 12.53 -5.16
CA GLY A 287 24.45 11.41 -5.75
C GLY A 287 23.51 10.46 -6.43
N ASP A 288 23.91 9.19 -6.48
CA ASP A 288 23.18 8.13 -7.17
C ASP A 288 23.07 6.92 -6.24
N GLY A 289 22.36 5.87 -6.67
CA GLY A 289 22.15 4.76 -5.75
C GLY A 289 21.25 3.68 -6.32
N ALA A 290 20.92 2.70 -5.47
CA ALA A 290 20.03 1.57 -5.74
C ALA A 290 19.75 0.88 -4.41
N GLY A 291 19.16 -0.32 -4.44
CA GLY A 291 19.06 -1.07 -3.21
C GLY A 291 17.75 -1.77 -2.99
N VAL A 292 17.74 -3.02 -2.52
CA VAL A 292 16.52 -3.82 -2.37
C VAL A 292 16.71 -4.74 -1.17
N VAL A 293 15.72 -4.83 -0.27
CA VAL A 293 15.73 -5.82 0.83
C VAL A 293 14.65 -6.86 0.56
N VAL A 294 14.51 -7.87 1.43
CA VAL A 294 13.49 -8.92 1.30
C VAL A 294 12.94 -9.22 2.69
N LEU A 295 11.63 -9.12 2.88
CA LEU A 295 11.03 -9.18 4.21
C LEU A 295 10.09 -10.37 4.33
N ARG A 296 10.03 -10.99 5.51
CA ARG A 296 9.17 -12.15 5.78
C ARG A 296 8.93 -12.23 7.28
N ARG A 297 7.80 -12.80 7.70
CA ARG A 297 7.39 -12.80 9.12
C ARG A 297 8.37 -13.57 9.99
N LEU A 298 8.22 -13.46 11.30
CA LEU A 298 9.25 -14.09 12.11
C LEU A 298 8.96 -15.55 12.39
N GLU A 299 7.70 -15.93 12.60
CA GLU A 299 7.40 -17.34 12.86
C GLU A 299 7.74 -18.21 11.68
N ASP A 300 7.49 -17.73 10.46
CA ASP A 300 7.86 -18.51 9.29
C ASP A 300 9.37 -18.56 9.11
N ALA A 301 10.06 -17.46 9.32
CA ALA A 301 11.49 -17.43 9.05
C ALA A 301 12.32 -17.96 10.20
N LEU A 302 11.71 -18.43 11.28
CA LEU A 302 12.41 -19.32 12.18
C LEU A 302 12.03 -20.78 12.02
N ALA A 303 10.79 -21.07 11.67
CA ALA A 303 10.43 -22.47 11.49
C ALA A 303 10.69 -22.97 10.08
N ALA A 304 11.52 -22.29 9.30
CA ALA A 304 11.97 -22.82 8.04
C ALA A 304 13.49 -22.82 7.91
N GLY A 305 14.20 -22.22 8.84
CA GLY A 305 15.63 -22.39 8.95
C GLY A 305 16.50 -21.30 8.36
N ASP A 306 15.94 -20.19 7.93
CA ASP A 306 16.65 -19.24 7.09
C ASP A 306 17.65 -18.41 7.90
N ARG A 307 18.25 -17.43 7.25
CA ARG A 307 19.26 -16.57 7.85
C ARG A 307 18.65 -15.20 8.07
N ILE A 308 18.82 -14.64 9.26
CA ILE A 308 18.13 -13.41 9.66
C ILE A 308 19.15 -12.39 10.12
N TYR A 309 19.14 -11.20 9.51
CA TYR A 309 20.08 -10.16 9.91
C TYR A 309 19.58 -9.37 11.12
N ALA A 310 18.38 -8.81 11.04
CA ALA A 310 17.82 -7.99 12.08
C ALA A 310 16.33 -7.97 11.88
N VAL A 311 15.56 -7.82 12.95
CA VAL A 311 14.11 -7.97 12.85
C VAL A 311 13.40 -6.68 13.23
N ILE A 312 12.55 -6.19 12.32
CA ILE A 312 11.93 -4.89 12.43
C ILE A 312 10.82 -4.94 13.46
N ARG A 313 10.84 -4.06 14.44
CA ARG A 313 9.87 -4.17 15.52
C ARG A 313 8.76 -3.15 15.50
N GLY A 314 8.87 -2.06 14.76
CA GLY A 314 7.82 -1.06 14.84
C GLY A 314 7.98 0.06 13.85
N SER A 315 6.90 0.72 13.47
CA SER A 315 6.97 1.63 12.33
C SER A 315 5.88 2.67 12.42
N ALA A 316 6.22 3.94 12.19
CA ALA A 316 5.24 5.00 12.24
C ALA A 316 5.47 5.95 11.07
N VAL A 317 4.39 6.58 10.60
CA VAL A 317 4.43 7.58 9.53
C VAL A 317 3.48 8.69 9.95
N ASN A 318 3.89 9.94 9.80
CA ASN A 318 2.90 11.02 9.84
C ASN A 318 3.26 12.00 8.74
N ASN A 319 2.69 13.19 8.79
CA ASN A 319 3.06 14.28 7.92
C ASN A 319 3.35 15.46 8.82
N ASP A 320 4.12 16.42 8.32
CA ASP A 320 4.39 17.58 9.14
C ASP A 320 3.16 18.46 9.27
N GLY A 321 2.32 18.50 8.24
CA GLY A 321 1.11 19.31 8.28
C GLY A 321 1.35 20.72 7.79
N LYS A 322 0.67 21.69 8.38
CA LYS A 322 1.02 23.09 8.21
C LYS A 322 1.79 23.62 9.41
N GLN A 323 2.24 22.74 10.30
CA GLN A 323 2.88 23.16 11.54
C GLN A 323 4.34 23.54 11.32
N LYS A 324 4.60 24.44 10.38
CA LYS A 324 5.91 24.99 10.12
C LYS A 324 5.72 26.33 9.41
N ILE A 325 6.79 26.83 8.81
CA ILE A 325 6.79 28.14 8.17
C ILE A 325 6.59 28.03 6.66
N GLY A 326 7.40 27.21 5.98
CA GLY A 326 7.33 27.08 4.54
C GLY A 326 7.11 25.65 4.09
N PHE A 327 6.95 25.50 2.77
CA PHE A 327 6.83 24.17 2.18
C PHE A 327 8.17 23.46 2.07
N VAL A 328 9.28 24.18 2.15
CA VAL A 328 10.59 23.57 2.01
C VAL A 328 11.35 23.48 3.33
N ALA A 329 10.98 24.26 4.35
CA ALA A 329 11.62 24.28 5.64
C ALA A 329 11.22 23.05 6.47
N PRO A 330 12.09 22.59 7.37
CA PRO A 330 11.72 21.45 8.21
C PRO A 330 11.03 21.84 9.51
N GLY A 331 10.06 21.02 9.91
CA GLY A 331 9.36 21.22 11.17
C GLY A 331 10.07 20.51 12.29
N HIS A 332 9.52 20.65 13.49
CA HIS A 332 10.09 20.03 14.67
C HIS A 332 9.11 19.15 15.42
N GLU A 333 7.85 19.57 15.52
CA GLU A 333 6.86 18.77 16.22
C GLU A 333 6.53 17.49 15.47
N GLY A 334 6.60 17.50 14.14
CA GLY A 334 6.36 16.28 13.39
C GLY A 334 7.39 15.21 13.65
N GLN A 335 8.65 15.61 13.73
CA GLN A 335 9.71 14.66 14.05
C GLN A 335 9.57 14.10 15.46
N LYS A 336 9.28 14.96 16.44
CA LYS A 336 9.17 14.45 17.80
C LYS A 336 7.94 13.55 17.99
N ALA A 337 6.85 13.84 17.29
CA ALA A 337 5.67 12.98 17.40
C ALA A 337 5.87 11.63 16.74
N VAL A 338 6.56 11.58 15.59
CA VAL A 338 6.72 10.26 14.96
C VAL A 338 7.72 9.40 15.73
N ILE A 339 8.75 9.99 16.35
CA ILE A 339 9.66 9.19 17.16
C ILE A 339 8.95 8.63 18.39
N CYS A 340 8.12 9.43 19.07
CA CYS A 340 7.44 8.88 20.24
C CYS A 340 6.39 7.83 19.86
N ALA A 341 5.73 7.97 18.71
CA ALA A 341 4.77 6.94 18.31
C ALA A 341 5.43 5.63 17.90
N ALA A 342 6.60 5.68 17.28
CA ALA A 342 7.25 4.42 16.94
C ALA A 342 8.08 3.82 18.07
N CYS A 343 8.34 4.57 19.14
CA CYS A 343 8.86 3.96 20.36
C CYS A 343 7.77 3.46 21.28
N HIS A 344 6.52 3.86 21.07
CA HIS A 344 5.37 3.27 21.76
C HIS A 344 4.80 2.03 21.08
N LEU A 345 4.67 2.05 19.76
CA LEU A 345 4.01 0.96 19.06
C LEU A 345 4.84 -0.32 19.04
N ALA A 346 6.12 -0.25 19.40
CA ALA A 346 7.00 -1.41 19.38
C ALA A 346 7.40 -1.87 20.77
N GLU A 347 6.80 -1.29 21.82
CA GLU A 347 6.99 -1.69 23.23
C GLU A 347 8.46 -1.70 23.66
N VAL A 348 9.20 -0.70 23.21
CA VAL A 348 10.61 -0.52 23.53
C VAL A 348 10.71 0.74 24.35
N SER A 349 11.23 0.65 25.53
CA SER A 349 11.48 1.91 26.20
C SER A 349 12.76 2.52 25.65
N PRO A 350 12.85 3.85 25.50
CA PRO A 350 14.04 4.46 24.92
C PRO A 350 15.17 4.66 25.92
N GLU A 351 15.48 3.61 26.67
CA GLU A 351 16.68 3.50 27.47
C GLU A 351 17.65 2.48 26.91
N SER A 352 17.13 1.43 26.28
CA SER A 352 17.97 0.37 25.74
C SER A 352 18.09 0.49 24.24
N ILE A 353 18.15 1.70 23.71
CA ILE A 353 18.45 1.91 22.31
C ILE A 353 19.89 2.37 22.25
N GLY A 354 20.74 1.61 21.55
CA GLY A 354 22.16 1.83 21.55
C GLY A 354 22.78 2.58 20.38
N TYR A 355 22.01 2.88 19.33
CA TYR A 355 22.59 3.47 18.12
C TYR A 355 21.47 4.08 17.28
N VAL A 356 21.47 5.40 17.15
CA VAL A 356 20.44 6.08 16.38
C VAL A 356 20.92 6.52 15.02
N GLU A 357 20.36 5.93 13.97
CA GLU A 357 20.72 6.35 12.61
C GLU A 357 19.79 7.48 12.21
N THR A 358 20.34 8.67 12.04
CA THR A 358 19.51 9.84 11.73
C THR A 358 19.56 10.27 10.28
N HIS A 359 18.90 11.38 9.96
CA HIS A 359 18.89 11.89 8.60
C HIS A 359 20.26 12.49 8.34
N GLY A 360 20.59 13.56 9.06
CA GLY A 360 21.90 14.16 8.99
C GLY A 360 22.20 14.77 7.65
N THR A 361 21.44 15.78 7.26
CA THR A 361 21.54 16.30 5.91
C THR A 361 22.84 17.05 5.72
N GLY A 362 23.25 17.82 6.71
CA GLY A 362 24.53 18.49 6.68
C GLY A 362 24.50 19.95 6.33
N THR A 363 23.32 20.53 6.18
CA THR A 363 23.22 21.98 6.02
C THR A 363 23.37 22.65 7.38
N ARG A 364 23.39 23.98 7.40
CA ARG A 364 23.71 24.70 8.63
C ARG A 364 22.53 24.87 9.55
N ILE A 365 21.32 24.50 9.12
CA ILE A 365 20.10 24.74 9.89
C ILE A 365 19.44 23.44 10.31
N GLY A 366 19.47 22.42 9.46
CA GLY A 366 18.79 21.17 9.75
C GLY A 366 19.41 20.37 10.89
N ASP A 367 20.65 20.63 11.24
CA ASP A 367 21.28 19.79 12.23
C ASP A 367 20.97 20.15 13.68
N PRO A 368 20.95 21.43 14.11
CA PRO A 368 20.42 21.70 15.44
C PRO A 368 18.95 21.35 15.62
N ILE A 369 18.14 21.49 14.57
CA ILE A 369 16.73 21.09 14.65
C ILE A 369 16.61 19.59 14.85
N GLU A 370 17.34 18.81 14.06
CA GLU A 370 17.25 17.36 14.20
C GLU A 370 17.79 16.87 15.54
N PHE A 371 18.91 17.44 16.01
CA PHE A 371 19.42 17.03 17.31
C PHE A 371 18.50 17.45 18.45
N ALA A 372 17.84 18.61 18.38
CA ALA A 372 16.94 18.98 19.46
C ALA A 372 15.67 18.14 19.44
N ALA A 373 15.21 17.74 18.25
CA ALA A 373 14.07 16.83 18.17
C ALA A 373 14.37 15.48 18.78
N LEU A 374 15.56 14.94 18.50
CA LEU A 374 15.93 13.65 19.08
C LEU A 374 16.08 13.75 20.59
N THR A 375 16.80 14.76 21.10
CA THR A 375 16.96 14.80 22.53
C THR A 375 15.71 15.23 23.29
N GLU A 376 14.66 15.67 22.61
CA GLU A 376 13.38 15.80 23.28
C GLU A 376 12.50 14.58 23.17
N ALA A 377 12.69 13.74 22.14
CA ALA A 377 11.91 12.51 22.11
C ALA A 377 12.44 11.50 23.10
N PHE A 378 13.76 11.39 23.23
CA PHE A 378 14.37 10.44 24.18
C PHE A 378 14.32 11.06 25.58
N ASP A 379 13.10 11.24 26.10
CA ASP A 379 12.99 11.96 27.36
C ASP A 379 13.46 11.09 28.49
N THR A 380 14.76 11.13 28.77
CA THR A 380 15.33 10.15 29.68
C THR A 380 16.30 10.68 30.71
N SER A 381 16.86 11.88 30.56
CA SER A 381 17.67 12.56 31.57
C SER A 381 18.90 11.77 32.01
N HIS A 382 19.43 10.90 31.16
CA HIS A 382 20.73 10.28 31.41
C HIS A 382 21.84 11.19 30.90
N ARG A 383 23.05 10.67 30.87
CA ARG A 383 24.12 11.34 30.15
C ARG A 383 24.47 10.52 28.91
N GLN A 384 25.60 10.80 28.29
CA GLN A 384 25.98 10.22 27.00
C GLN A 384 26.05 8.70 26.99
N TYR A 385 25.14 8.03 26.27
CA TYR A 385 25.20 6.58 26.14
C TYR A 385 24.96 6.04 24.74
N CYS A 386 24.27 6.75 23.85
CA CYS A 386 23.90 6.25 22.53
C CYS A 386 24.68 6.96 21.45
N ALA A 387 25.13 6.21 20.44
CA ALA A 387 25.98 6.76 19.39
C ALA A 387 25.13 7.48 18.35
N LEU A 388 25.75 7.93 17.27
CA LEU A 388 25.00 8.60 16.21
C LEU A 388 25.62 8.18 14.89
N GLY A 389 25.20 8.81 13.82
CA GLY A 389 25.78 8.49 12.54
C GLY A 389 24.92 9.04 11.44
N ALA A 390 25.46 8.96 10.23
CA ALA A 390 24.76 9.32 9.02
C ALA A 390 25.53 8.71 7.87
N VAL A 391 24.85 8.06 6.93
CA VAL A 391 25.54 7.51 5.77
C VAL A 391 25.75 8.58 4.72
N LYS A 392 25.12 9.73 4.90
CA LYS A 392 25.15 10.78 3.88
C LYS A 392 26.44 11.57 3.93
N ALA A 393 27.46 11.09 4.63
CA ALA A 393 28.79 11.60 4.42
C ALA A 393 29.64 10.59 3.66
N ASN A 394 29.32 9.32 3.80
CA ASN A 394 30.02 8.29 3.06
C ASN A 394 29.67 8.32 1.59
N ILE A 395 28.39 8.42 1.23
CA ILE A 395 28.03 8.35 -0.17
C ILE A 395 27.43 9.64 -0.72
N GLY A 396 26.92 10.52 0.11
CA GLY A 396 26.19 11.65 -0.38
C GLY A 396 24.71 11.33 -0.46
N HIS A 397 23.90 12.37 -0.59
CA HIS A 397 22.46 12.22 -0.63
C HIS A 397 22.05 11.46 -1.89
N THR A 398 21.09 10.57 -1.76
CA THR A 398 20.78 9.63 -2.82
C THR A 398 19.46 9.94 -3.53
N HIS A 399 18.56 10.68 -2.89
CA HIS A 399 17.35 11.35 -3.37
C HIS A 399 16.14 10.44 -3.59
N ALA A 400 16.29 9.13 -3.63
CA ALA A 400 15.12 8.30 -3.44
C ALA A 400 15.43 7.03 -2.68
N ALA A 401 16.69 6.68 -2.53
CA ALA A 401 17.07 5.47 -1.82
C ALA A 401 17.76 5.78 -0.51
N ALA A 402 17.63 7.01 0.01
CA ALA A 402 18.33 7.37 1.23
C ALA A 402 17.75 6.64 2.43
N GLY A 403 16.45 6.39 2.42
CA GLY A 403 15.88 5.57 3.47
C GLY A 403 16.42 4.15 3.46
N VAL A 404 16.61 3.56 2.28
CA VAL A 404 17.04 2.18 2.27
C VAL A 404 18.56 2.08 2.42
N ALA A 405 19.31 3.14 2.15
CA ALA A 405 20.70 3.12 2.60
C ALA A 405 20.79 3.15 4.10
N GLY A 406 19.91 3.93 4.75
CA GLY A 406 19.86 3.90 6.20
C GLY A 406 19.48 2.54 6.76
N LEU A 407 18.50 1.88 6.13
CA LEU A 407 18.06 0.58 6.62
C LEU A 407 19.13 -0.49 6.42
N ILE A 408 19.85 -0.47 5.29
CA ILE A 408 20.85 -1.51 5.08
C ILE A 408 22.08 -1.29 5.97
N LYS A 409 22.49 -0.03 6.21
CA LYS A 409 23.60 0.18 7.14
C LYS A 409 23.23 -0.21 8.56
N THR A 410 22.01 0.09 9.01
CA THR A 410 21.65 -0.30 10.37
C THR A 410 21.46 -1.80 10.52
N ALA A 411 20.99 -2.48 9.47
CA ALA A 411 20.92 -3.93 9.54
C ALA A 411 22.30 -4.55 9.64
N LEU A 412 23.27 -4.06 8.86
CA LEU A 412 24.60 -4.64 8.93
C LEU A 412 25.28 -4.34 10.26
N VAL A 413 25.05 -3.15 10.83
CA VAL A 413 25.65 -2.84 12.13
C VAL A 413 25.07 -3.71 13.25
N LEU A 414 23.77 -4.03 13.20
CA LEU A 414 23.30 -4.97 14.22
C LEU A 414 23.77 -6.39 13.97
N HIS A 415 24.03 -6.76 12.72
CA HIS A 415 24.48 -8.12 12.45
C HIS A 415 25.94 -8.33 12.81
N HIS A 416 26.80 -7.35 12.55
CA HIS A 416 28.23 -7.50 12.82
C HIS A 416 28.65 -6.97 14.17
N ARG A 417 27.84 -6.11 14.79
CA ARG A 417 28.05 -5.52 16.12
C ARG A 417 29.36 -4.73 16.18
N THR A 418 29.37 -3.62 15.47
CA THR A 418 30.47 -2.68 15.54
C THR A 418 29.95 -1.29 15.26
N ILE A 419 30.06 -0.38 16.21
CA ILE A 419 29.68 1.01 16.00
C ILE A 419 30.68 1.59 15.00
N PRO A 420 30.26 2.15 13.88
CA PRO A 420 31.19 2.69 12.92
C PRO A 420 31.33 4.18 13.06
N PRO A 421 32.48 4.75 12.70
CA PRO A 421 32.72 6.16 12.98
C PRO A 421 32.01 7.09 12.03
N LEU A 422 31.85 8.33 12.47
CA LEU A 422 31.28 9.37 11.62
C LEU A 422 32.34 9.79 10.63
N ALA A 423 31.93 10.11 9.41
CA ALA A 423 32.87 10.06 8.28
C ALA A 423 33.75 11.30 8.19
N ASN A 424 33.18 12.49 8.37
CA ASN A 424 33.96 13.74 8.38
C ASN A 424 33.58 14.51 9.62
N TYR A 425 34.43 14.50 10.65
CA TYR A 425 34.05 15.08 11.92
C TYR A 425 35.29 15.47 12.71
N GLN A 426 35.60 16.77 12.76
CA GLN A 426 36.69 17.25 13.59
C GLN A 426 36.20 17.88 14.89
N MET A 427 35.39 18.93 14.79
CA MET A 427 34.87 19.62 15.97
C MET A 427 33.37 19.83 15.83
N PRO A 428 32.59 19.67 16.91
CA PRO A 428 31.13 19.72 16.78
C PRO A 428 30.62 21.13 16.52
N ASN A 429 29.36 21.21 16.13
CA ASN A 429 28.72 22.47 15.77
C ASN A 429 28.63 23.38 16.98
N SER A 430 28.47 24.68 16.72
CA SER A 430 28.62 25.65 17.80
C SER A 430 27.41 25.64 18.73
N LYS A 431 26.20 25.57 18.18
CA LYS A 431 25.00 25.63 18.99
C LYS A 431 24.44 24.24 19.29
N LEU A 432 25.28 23.23 19.30
CA LEU A 432 24.89 21.88 19.69
C LEU A 432 25.18 21.71 21.17
N ASP A 433 24.15 21.36 21.94
CA ASP A 433 24.33 21.15 23.37
C ASP A 433 24.64 19.68 23.57
N LEU A 434 25.91 19.33 23.49
CA LEU A 434 26.23 17.91 23.43
C LEU A 434 26.28 17.26 24.80
N ALA A 435 26.98 17.88 25.76
CA ALA A 435 27.32 17.20 27.00
C ALA A 435 26.14 17.03 27.93
N HIS A 436 25.04 17.73 27.71
CA HIS A 436 23.84 17.58 28.52
C HIS A 436 22.84 16.62 27.89
N SER A 437 23.08 16.18 26.68
CA SER A 437 22.16 15.41 25.89
C SER A 437 22.56 13.95 25.90
N PRO A 438 21.65 13.04 25.64
CA PRO A 438 22.01 11.61 25.70
C PRO A 438 23.01 11.09 24.68
N PHE A 439 23.49 11.84 23.70
CA PHE A 439 24.20 11.24 22.57
C PHE A 439 25.67 11.62 22.52
N TYR A 440 26.49 10.71 22.02
CA TYR A 440 27.91 10.97 21.82
C TYR A 440 28.26 10.45 20.45
N ILE A 441 29.25 11.04 19.80
CA ILE A 441 29.50 10.76 18.39
C ILE A 441 30.89 10.18 18.21
N PRO A 442 31.02 8.96 17.69
CA PRO A 442 32.31 8.28 17.75
C PRO A 442 33.23 8.73 16.64
N ILE A 443 34.54 8.54 16.85
CA ILE A 443 35.52 8.81 15.80
C ILE A 443 36.49 7.66 15.56
N GLN A 444 36.37 6.55 16.27
CA GLN A 444 37.10 5.33 15.91
C GLN A 444 36.18 4.14 16.12
N PRO A 445 36.25 3.11 15.28
CA PRO A 445 35.29 2.00 15.39
C PRO A 445 35.49 1.20 16.66
N GLN A 446 34.43 1.06 17.45
CA GLN A 446 34.51 0.34 18.71
C GLN A 446 33.43 -0.71 18.78
N GLU A 447 33.68 -1.74 19.58
CA GLU A 447 32.77 -2.87 19.69
C GLU A 447 31.50 -2.47 20.42
N TRP A 448 30.50 -3.33 20.35
CA TRP A 448 29.19 -3.00 20.91
C TRP A 448 29.27 -3.04 22.42
N PRO A 449 28.94 -1.94 23.11
CA PRO A 449 29.24 -1.84 24.54
C PRO A 449 28.41 -2.80 25.36
N ALA A 450 29.06 -3.61 26.17
CA ALA A 450 28.48 -4.85 26.67
C ALA A 450 27.45 -4.66 27.76
N SER A 451 26.96 -3.45 28.01
CA SER A 451 25.86 -3.24 28.93
C SER A 451 24.62 -2.71 28.24
N ARG A 452 24.47 -2.96 26.94
CA ARG A 452 23.30 -2.53 26.16
C ARG A 452 22.71 -3.69 25.39
N MET A 453 22.51 -4.83 26.05
CA MET A 453 22.09 -6.01 25.30
C MET A 453 20.63 -6.36 25.56
N PRO A 454 19.92 -6.95 24.60
CA PRO A 454 20.19 -7.25 23.19
C PRO A 454 20.27 -5.95 22.39
N PRO A 455 20.96 -5.90 21.27
CA PRO A 455 21.25 -4.61 20.65
C PRO A 455 20.01 -4.05 20.00
N ARG A 456 19.77 -2.77 20.18
CA ARG A 456 18.62 -2.14 19.56
C ARG A 456 19.04 -0.82 18.92
N ALA A 457 18.47 -0.51 17.77
CA ALA A 457 18.95 0.59 16.95
C ALA A 457 17.79 1.47 16.55
N GLY A 458 17.96 2.32 15.56
CA GLY A 458 16.83 3.13 15.14
C GLY A 458 17.10 3.98 13.92
N VAL A 459 16.22 3.91 12.93
CA VAL A 459 16.46 4.47 11.60
C VAL A 459 15.50 5.62 11.37
N SER A 460 15.98 6.77 10.91
CA SER A 460 15.09 7.87 10.61
C SER A 460 15.34 8.31 9.17
N SER A 461 14.32 8.87 8.52
CA SER A 461 14.53 9.53 7.24
C SER A 461 13.39 10.50 6.99
N PHE A 462 13.64 11.79 7.05
CA PHE A 462 12.59 12.80 6.97
C PHE A 462 12.61 13.45 5.60
N GLY A 463 11.48 13.53 4.95
CA GLY A 463 11.40 14.00 3.59
C GLY A 463 11.48 15.51 3.47
N ILE A 464 11.15 16.00 2.28
CA ILE A 464 10.95 17.43 2.03
C ILE A 464 9.45 17.70 2.05
N GLY A 465 8.97 18.11 3.23
CA GLY A 465 7.57 18.46 3.39
C GLY A 465 6.62 17.30 3.34
N GLY A 466 7.10 16.08 3.24
CA GLY A 466 6.24 14.94 3.09
C GLY A 466 6.30 14.07 4.32
N THR A 467 6.16 12.78 4.14
CA THR A 467 6.09 11.88 5.28
C THR A 467 7.43 11.73 5.98
N ASN A 468 7.37 11.55 7.30
CA ASN A 468 8.52 11.44 8.19
C ASN A 468 8.53 10.07 8.84
N VAL A 469 9.40 9.16 8.40
CA VAL A 469 9.33 7.75 8.76
C VAL A 469 10.43 7.39 9.76
N HIS A 470 10.09 6.60 10.78
CA HIS A 470 11.02 6.11 11.79
C HIS A 470 10.70 4.67 12.10
N MET A 471 11.68 3.88 12.54
CA MET A 471 11.55 2.42 12.45
C MET A 471 12.55 1.70 13.37
N ILE A 472 12.11 1.25 14.54
CA ILE A 472 13.02 0.65 15.52
C ILE A 472 13.37 -0.76 15.09
N LEU A 473 14.65 -1.03 14.85
CA LEU A 473 15.12 -2.37 14.58
C LEU A 473 15.66 -3.01 15.84
N GLU A 474 16.07 -4.27 15.75
CA GLU A 474 16.52 -5.03 16.91
C GLU A 474 17.31 -6.24 16.46
N GLY A 475 18.47 -6.42 17.03
CA GLY A 475 19.41 -7.40 16.54
C GLY A 475 19.08 -8.78 17.01
N LEU A 476 19.88 -9.73 16.57
CA LEU A 476 19.57 -11.12 16.81
C LEU A 476 20.81 -11.77 17.40
N ASN A 477 20.67 -12.42 18.55
CA ASN A 477 21.80 -13.03 19.26
C ASN A 477 22.33 -14.24 18.50
N PRO A 478 23.65 -14.42 18.41
CA PRO A 478 24.22 -15.18 17.31
C PRO A 478 24.11 -16.69 17.53
N ALA A 479 24.61 -17.44 16.55
CA ALA A 479 24.80 -18.88 16.68
C ALA A 479 26.29 -19.19 16.72
N VAL A 480 26.67 -20.05 17.66
CA VAL A 480 28.08 -20.26 18.02
C VAL A 480 28.53 -21.62 17.51
N ARG A 481 29.66 -21.64 16.83
CA ARG A 481 30.29 -22.86 16.35
C ARG A 481 30.76 -23.71 17.52
N ASP A 482 30.84 -25.02 17.31
CA ASP A 482 31.31 -25.95 18.35
C ASP A 482 32.72 -26.46 18.09
N ASP A 483 33.45 -25.86 17.14
CA ASP A 483 34.81 -26.30 16.90
C ASP A 483 35.78 -25.65 17.90
N HIS A 484 37.04 -26.11 17.86
CA HIS A 484 38.07 -25.59 18.73
C HIS A 484 39.37 -25.38 17.96
N ASP A 485 39.24 -24.87 16.73
CA ASP A 485 40.33 -24.73 15.75
C ASP A 485 41.02 -26.07 15.51
N GLN A 486 40.26 -27.03 15.00
CA GLN A 486 40.74 -28.38 14.80
C GLN A 486 40.78 -28.73 13.32
N VAL A 487 41.07 -30.00 13.02
CA VAL A 487 41.52 -30.41 11.69
C VAL A 487 40.36 -31.12 10.99
N ARG A 488 39.19 -30.47 11.04
CA ARG A 488 37.81 -31.00 10.87
C ARG A 488 37.67 -31.97 9.71
N ALA A 489 37.72 -31.53 8.46
CA ALA A 489 37.41 -32.33 7.28
C ALA A 489 37.55 -31.44 6.07
N PRO A 490 37.83 -32.00 4.91
CA PRO A 490 37.62 -31.24 3.68
C PRO A 490 36.14 -31.00 3.46
N VAL A 491 35.80 -29.90 2.80
CA VAL A 491 34.42 -29.66 2.39
C VAL A 491 34.37 -29.71 0.87
N PHE A 492 33.20 -29.51 0.27
CA PHE A 492 33.10 -29.51 -1.17
C PHE A 492 32.13 -28.44 -1.63
N ILE A 493 32.57 -27.62 -2.58
CA ILE A 493 31.83 -26.47 -3.06
C ILE A 493 31.42 -26.75 -4.50
N PRO A 494 30.17 -26.87 -4.81
CA PRO A 494 29.69 -27.06 -6.18
C PRO A 494 29.33 -25.84 -7.04
N LEU A 495 30.30 -25.25 -7.74
CA LEU A 495 30.02 -24.12 -8.62
C LEU A 495 29.30 -24.57 -9.89
N SER A 496 28.49 -23.69 -10.47
CA SER A 496 27.73 -24.01 -11.66
C SER A 496 27.31 -22.75 -12.40
N ALA A 497 27.49 -22.75 -13.71
CA ALA A 497 27.19 -21.59 -14.54
C ALA A 497 26.96 -22.03 -15.97
N PRO A 498 26.20 -21.30 -16.79
CA PRO A 498 25.80 -21.84 -18.10
C PRO A 498 26.80 -21.79 -19.25
N SER A 499 28.01 -21.27 -19.06
CA SER A 499 29.06 -21.33 -20.08
C SER A 499 30.40 -21.10 -19.41
N PHE A 500 31.48 -21.50 -20.10
CA PHE A 500 32.77 -21.61 -19.44
C PHE A 500 33.38 -20.26 -19.05
N GLU A 501 33.05 -19.20 -19.77
CA GLU A 501 33.57 -17.88 -19.40
C GLU A 501 32.94 -17.38 -18.10
N GLN A 502 31.62 -17.51 -18.00
CA GLN A 502 30.92 -17.13 -16.77
C GLN A 502 31.33 -18.02 -15.63
N LEU A 503 31.64 -19.28 -15.89
CA LEU A 503 32.12 -20.16 -14.83
C LEU A 503 33.48 -19.73 -14.33
N ASP A 504 34.37 -19.32 -15.23
CA ASP A 504 35.69 -18.89 -14.77
C ASP A 504 35.62 -17.59 -13.97
N GLU A 505 34.77 -16.66 -14.38
CA GLU A 505 34.58 -15.47 -13.56
C GLU A 505 33.90 -15.79 -12.24
N LEU A 506 33.06 -16.81 -12.19
CA LEU A 506 32.46 -17.16 -10.91
C LEU A 506 33.48 -17.81 -10.00
N THR A 507 34.40 -18.61 -10.53
CA THR A 507 35.34 -19.27 -9.63
C THR A 507 36.47 -18.35 -9.24
N GLN A 508 36.56 -17.17 -9.87
CA GLN A 508 37.46 -16.17 -9.29
C GLN A 508 36.88 -15.45 -8.08
N GLN A 509 35.69 -15.80 -7.61
CA GLN A 509 35.14 -15.14 -6.45
C GLN A 509 35.45 -15.86 -5.15
N LEU A 510 36.13 -17.00 -5.17
CA LEU A 510 36.24 -17.75 -3.93
C LEU A 510 37.36 -17.23 -3.04
N THR A 511 38.30 -16.45 -3.57
CA THR A 511 39.30 -15.88 -2.67
C THR A 511 38.76 -14.76 -1.77
N PRO A 512 38.01 -13.75 -2.23
CA PRO A 512 37.49 -12.79 -1.25
C PRO A 512 36.34 -13.31 -0.41
N LEU A 513 35.57 -14.29 -0.89
CA LEU A 513 34.57 -14.88 0.00
C LEU A 513 35.20 -15.77 1.05
N LEU A 514 36.23 -16.53 0.69
CA LEU A 514 36.84 -17.37 1.71
C LEU A 514 37.74 -16.60 2.66
N ALA A 515 38.18 -15.40 2.30
CA ALA A 515 38.98 -14.65 3.26
C ALA A 515 38.14 -14.05 4.39
N THR A 516 36.82 -13.95 4.23
CA THR A 516 35.96 -13.28 5.20
C THR A 516 35.04 -14.23 5.92
N LEU A 517 34.31 -15.07 5.19
CA LEU A 517 33.32 -15.96 5.77
C LEU A 517 34.01 -17.17 6.37
N ASP A 518 33.23 -18.14 6.81
CA ASP A 518 33.78 -19.43 7.19
C ASP A 518 33.45 -20.45 6.11
N ALA A 519 34.23 -21.51 6.07
CA ALA A 519 34.29 -22.35 4.88
C ALA A 519 33.37 -23.55 4.94
N SER A 520 32.51 -23.65 5.95
CA SER A 520 31.57 -24.76 5.96
C SER A 520 30.16 -24.35 5.58
N THR A 521 29.68 -23.21 6.08
CA THR A 521 28.36 -22.74 5.67
C THR A 521 28.35 -22.30 4.22
N LEU A 522 29.50 -21.85 3.69
CA LEU A 522 29.62 -21.59 2.27
C LEU A 522 29.40 -22.86 1.46
N ALA A 523 29.98 -23.97 1.90
CA ALA A 523 29.80 -25.22 1.18
C ALA A 523 28.38 -25.74 1.31
N TYR A 524 27.75 -25.62 2.48
CA TYR A 524 26.38 -26.12 2.59
C TYR A 524 25.39 -25.26 1.80
N THR A 525 25.57 -23.93 1.79
CA THR A 525 24.66 -23.10 1.02
C THR A 525 24.84 -23.31 -0.46
N GLN A 526 26.07 -23.47 -0.93
CA GLN A 526 26.27 -23.79 -2.34
C GLN A 526 25.74 -25.17 -2.70
N GLN A 527 25.70 -26.10 -1.75
CA GLN A 527 25.15 -27.41 -2.06
C GLN A 527 23.63 -27.39 -2.16
N VAL A 528 22.95 -26.71 -1.24
CA VAL A 528 21.50 -26.87 -1.21
C VAL A 528 20.72 -25.71 -1.82
N ALA A 529 20.85 -24.52 -1.27
CA ALA A 529 19.93 -23.44 -1.60
C ALA A 529 20.42 -22.54 -2.73
N ARG A 530 20.83 -23.08 -3.87
CA ARG A 530 21.17 -22.32 -5.06
C ARG A 530 20.79 -23.17 -6.25
N PRO A 531 20.48 -22.59 -7.41
CA PRO A 531 20.10 -23.42 -8.55
C PRO A 531 21.30 -24.11 -9.20
N VAL A 532 21.06 -24.92 -10.22
CA VAL A 532 22.11 -25.60 -10.95
C VAL A 532 21.93 -25.34 -12.44
N PHE A 533 23.02 -25.48 -13.19
CA PHE A 533 22.99 -25.15 -14.61
C PHE A 533 23.80 -26.22 -15.33
N ASP A 534 24.24 -25.93 -16.55
CA ASP A 534 24.85 -26.97 -17.37
C ASP A 534 26.32 -27.24 -17.05
N CYS A 535 27.21 -26.29 -17.33
CA CYS A 535 28.63 -26.56 -17.15
C CYS A 535 29.01 -26.49 -15.67
N ARG A 536 29.65 -27.54 -15.18
CA ARG A 536 29.83 -27.73 -13.74
C ARG A 536 31.30 -27.93 -13.41
N ARG A 537 31.63 -27.73 -12.12
CA ARG A 537 32.98 -27.84 -11.58
C ARG A 537 32.88 -27.83 -10.07
N VAL A 538 33.65 -28.64 -9.35
CA VAL A 538 33.63 -28.64 -7.89
C VAL A 538 35.03 -28.34 -7.38
N ILE A 539 35.12 -27.68 -6.22
CA ILE A 539 36.38 -27.22 -5.64
C ILE A 539 36.51 -27.74 -4.22
N GLN A 540 37.63 -28.41 -3.93
CA GLN A 540 37.88 -28.97 -2.62
C GLN A 540 38.66 -27.99 -1.78
N VAL A 541 38.16 -27.65 -0.61
CA VAL A 541 38.85 -26.75 0.30
C VAL A 541 39.23 -27.53 1.54
N GLU A 542 40.53 -27.60 1.82
CA GLU A 542 41.03 -28.38 2.94
C GLU A 542 40.92 -27.59 4.24
N ASN A 543 41.67 -28.03 5.25
CA ASN A 543 41.59 -27.42 6.58
C ASN A 543 42.15 -26.01 6.61
N ASP A 544 43.23 -25.75 5.88
CA ASP A 544 43.86 -24.43 5.87
C ASP A 544 44.11 -23.98 4.43
N GLY A 545 43.10 -23.38 3.83
CA GLY A 545 43.21 -22.85 2.48
C GLY A 545 43.44 -23.96 1.46
N THR A 546 44.38 -23.71 0.56
CA THR A 546 44.86 -24.66 -0.46
C THR A 546 43.72 -25.21 -1.32
N GLN A 547 43.13 -24.31 -2.09
CA GLN A 547 42.07 -24.69 -3.00
C GLN A 547 42.60 -25.56 -4.12
N ALA A 548 41.92 -26.66 -4.39
CA ALA A 548 42.38 -27.56 -5.43
C ALA A 548 41.21 -28.20 -6.14
N MET A 549 41.16 -28.08 -7.46
CA MET A 549 40.03 -28.57 -8.24
C MET A 549 39.99 -30.09 -8.22
N LEU A 550 38.79 -30.65 -8.07
CA LEU A 550 38.63 -32.08 -8.09
C LEU A 550 38.84 -32.62 -9.49
N ALA A 551 39.42 -33.82 -9.57
CA ALA A 551 39.79 -34.41 -10.85
C ALA A 551 38.56 -34.77 -11.66
N SER A 552 38.73 -34.79 -12.97
CA SER A 552 37.65 -35.21 -13.84
C SER A 552 37.42 -36.71 -13.70
N LEU A 553 36.24 -37.15 -14.08
CA LEU A 553 35.90 -38.57 -14.00
C LEU A 553 35.99 -39.17 -15.38
N ASP A 554 36.86 -40.16 -15.54
CA ASP A 554 37.14 -40.76 -16.84
C ASP A 554 36.17 -41.92 -17.09
N ASN A 555 36.48 -42.73 -18.12
CA ASN A 555 35.83 -43.99 -18.51
C ASN A 555 34.30 -43.98 -18.51
N LEU A 556 33.71 -42.87 -18.91
CA LEU A 556 32.27 -42.68 -18.85
C LEU A 556 31.69 -42.77 -20.25
N MET A 557 30.64 -43.56 -20.41
CA MET A 557 29.95 -43.56 -21.69
C MET A 557 28.61 -42.84 -21.56
N PRO A 558 28.36 -41.82 -22.37
CA PRO A 558 27.14 -41.03 -22.23
C PRO A 558 25.92 -41.77 -22.77
N ASP A 559 24.77 -41.10 -22.64
CA ASP A 559 23.41 -41.58 -22.96
C ASP A 559 23.17 -43.04 -22.52
N ALA A 560 23.54 -43.33 -21.28
CA ALA A 560 23.43 -44.67 -20.73
C ALA A 560 22.70 -44.62 -19.40
N PRO A 561 22.02 -45.70 -19.03
CA PRO A 561 21.44 -45.77 -17.69
C PRO A 561 22.49 -46.04 -16.63
N TRP A 562 22.21 -45.56 -15.42
CA TRP A 562 23.08 -45.79 -14.27
C TRP A 562 22.52 -46.93 -13.45
N GLY A 563 23.39 -47.85 -13.06
CA GLY A 563 22.96 -49.04 -12.35
C GLY A 563 23.88 -49.38 -11.21
N LEU A 564 23.41 -50.28 -10.36
CA LEU A 564 24.11 -50.67 -9.15
C LEU A 564 24.11 -52.19 -9.07
N HIS A 565 25.15 -52.76 -8.46
CA HIS A 565 25.17 -54.20 -8.28
C HIS A 565 25.61 -54.57 -6.87
N CYS A 566 24.89 -55.51 -6.27
CA CYS A 566 25.19 -56.03 -4.94
C CYS A 566 25.52 -57.52 -5.04
N PRO A 567 26.71 -57.94 -4.67
CA PRO A 567 27.11 -59.34 -4.90
C PRO A 567 26.45 -60.32 -3.94
N ASP A 568 26.88 -61.58 -3.99
CA ASP A 568 26.27 -62.63 -3.19
C ASP A 568 26.62 -62.49 -1.72
N LEU A 569 25.62 -62.60 -0.87
CA LEU A 569 25.76 -62.30 0.55
C LEU A 569 26.29 -63.47 1.37
N ARG A 570 26.50 -64.64 0.77
CA ARG A 570 27.02 -65.76 1.56
C ARG A 570 28.53 -65.63 1.82
N THR A 571 29.22 -64.77 1.08
CA THR A 571 30.66 -64.58 1.25
C THR A 571 31.03 -63.16 1.67
N THR A 572 30.55 -62.15 0.95
CA THR A 572 31.01 -60.79 1.17
C THR A 572 30.36 -60.19 2.42
N ASN A 573 31.01 -59.15 2.95
CA ASN A 573 30.49 -58.41 4.09
C ASN A 573 30.05 -56.98 3.76
N ASP A 574 30.59 -56.37 2.71
CA ASP A 574 30.16 -55.03 2.30
C ASP A 574 28.76 -55.07 1.71
N CYS A 575 27.77 -54.83 2.56
CA CYS A 575 26.37 -54.92 2.15
C CYS A 575 26.02 -53.68 1.33
N THR A 576 26.46 -53.69 0.07
CA THR A 576 26.47 -52.56 -0.88
C THR A 576 26.78 -51.22 -0.21
N TYR A 577 27.89 -51.22 0.52
CA TYR A 577 28.48 -50.07 1.21
C TYR A 577 27.49 -49.48 2.22
N ALA A 578 27.17 -50.31 3.20
CA ALA A 578 26.29 -49.86 4.28
C ALA A 578 27.05 -49.57 5.55
N GLN A 579 28.38 -49.52 5.50
CA GLN A 579 29.08 -49.09 6.70
C GLN A 579 29.34 -47.59 6.68
N TRP A 580 29.57 -47.00 5.51
CA TRP A 580 29.79 -45.56 5.46
C TRP A 580 28.50 -44.77 5.57
N LEU A 581 27.38 -45.35 5.19
CA LEU A 581 26.11 -44.63 5.20
C LEU A 581 25.42 -44.67 6.55
N ALA A 582 26.07 -45.19 7.58
CA ALA A 582 25.43 -45.40 8.88
C ALA A 582 25.21 -44.12 9.67
N HIS A 583 25.72 -42.99 9.19
CA HIS A 583 25.53 -41.72 9.85
C HIS A 583 24.63 -40.79 9.05
N SER A 584 23.90 -41.31 8.07
CA SER A 584 23.21 -40.45 7.13
C SER A 584 22.01 -39.77 7.75
N ALA A 585 21.42 -40.36 8.78
CA ALA A 585 20.10 -40.01 9.32
C ALA A 585 19.02 -40.04 8.23
N HIS A 586 19.17 -40.94 7.27
CA HIS A 586 18.08 -41.38 6.43
C HIS A 586 18.17 -42.89 6.39
N TYR A 587 19.39 -43.39 6.58
CA TYR A 587 19.60 -44.81 6.74
C TYR A 587 18.98 -45.29 8.04
N GLN A 588 19.05 -44.48 9.09
CA GLN A 588 18.47 -44.87 10.36
C GLN A 588 16.96 -44.88 10.34
N ARG A 589 16.33 -44.09 9.47
CA ARG A 589 14.87 -44.14 9.38
C ARG A 589 14.40 -45.46 8.79
N GLU A 590 15.05 -45.93 7.72
CA GLU A 590 14.70 -47.23 7.17
C GLU A 590 15.11 -48.35 8.11
N ALA A 591 16.19 -48.16 8.88
CA ALA A 591 16.54 -49.16 9.88
C ALA A 591 15.49 -49.27 10.97
N THR A 592 14.93 -48.13 11.39
CA THR A 592 13.84 -48.15 12.36
C THR A 592 12.59 -48.82 11.79
N ALA A 593 12.27 -48.54 10.52
CA ALA A 593 11.10 -49.15 9.89
C ALA A 593 11.25 -50.66 9.76
N LEU A 594 12.42 -51.13 9.36
CA LEU A 594 12.64 -52.57 9.30
C LEU A 594 12.74 -53.20 10.68
N THR A 595 13.23 -52.46 11.68
CA THR A 595 13.19 -52.97 13.05
C THR A 595 11.76 -53.20 13.50
N ALA A 596 10.87 -52.25 13.21
CA ALA A 596 9.47 -52.40 13.56
C ALA A 596 8.81 -53.53 12.78
N LEU A 597 9.23 -53.74 11.53
CA LEU A 597 8.59 -54.78 10.75
C LEU A 597 9.08 -56.17 11.13
N LEU A 598 10.33 -56.31 11.55
CA LEU A 598 10.79 -57.61 12.04
C LEU A 598 10.44 -57.84 13.51
N ASP A 599 10.03 -56.81 14.25
CA ASP A 599 9.57 -57.02 15.62
C ASP A 599 8.28 -57.82 15.70
N GLY A 600 7.48 -57.86 14.64
CA GLY A 600 6.20 -58.54 14.70
C GLY A 600 6.31 -60.05 14.59
N MET A 601 7.39 -60.56 14.00
CA MET A 601 7.42 -61.98 13.68
C MET A 601 8.73 -62.70 14.00
N ASN A 602 9.87 -62.02 14.11
CA ASN A 602 11.15 -62.71 14.17
C ASN A 602 11.35 -63.40 15.53
N ILE A 603 11.89 -64.61 15.47
CA ILE A 603 11.99 -65.46 16.66
C ILE A 603 13.18 -65.10 17.56
N PRO A 604 14.45 -65.03 17.15
CA PRO A 604 15.50 -64.79 18.14
C PRO A 604 15.64 -63.32 18.47
N PRO A 605 15.85 -62.98 19.74
CA PRO A 605 16.17 -61.61 20.11
C PRO A 605 17.64 -61.31 19.83
N ALA A 606 18.01 -60.04 20.07
CA ALA A 606 19.29 -59.37 19.78
C ALA A 606 19.54 -59.20 18.28
N TYR A 607 18.63 -59.65 17.42
CA TYR A 607 18.61 -59.30 16.01
C TYR A 607 17.52 -58.29 15.70
N CYS A 608 16.66 -58.02 16.67
CA CYS A 608 15.59 -57.05 16.56
C CYS A 608 15.96 -55.72 17.18
N HIS A 609 17.23 -55.55 17.55
CA HIS A 609 17.70 -54.29 18.10
C HIS A 609 18.39 -53.49 17.00
N ALA A 610 17.89 -52.28 16.75
CA ALA A 610 18.60 -51.37 15.87
C ALA A 610 19.85 -50.83 16.57
N GLU A 611 20.71 -50.19 15.78
CA GLU A 611 22.01 -49.63 16.20
C GLU A 611 22.98 -50.68 16.74
N THR A 612 22.68 -51.96 16.52
CA THR A 612 23.56 -53.05 16.94
C THR A 612 23.70 -54.11 15.85
N TRP A 613 23.25 -53.83 14.63
CA TRP A 613 23.42 -54.77 13.53
C TRP A 613 24.88 -55.04 13.22
N ALA A 614 25.71 -54.00 13.21
CA ALA A 614 27.08 -54.14 12.75
C ALA A 614 27.97 -54.95 13.69
N ALA A 615 27.52 -55.18 14.93
CA ALA A 615 28.31 -55.99 15.85
C ALA A 615 28.28 -57.46 15.47
N GLN A 616 27.09 -57.99 15.17
CA GLN A 616 26.93 -59.41 14.89
C GLN A 616 26.41 -59.67 13.48
N ALA A 617 26.73 -58.77 12.55
CA ALA A 617 26.34 -58.98 11.16
C ALA A 617 27.13 -60.10 10.51
N ASN A 618 28.37 -60.31 10.93
CA ASN A 618 29.26 -61.26 10.28
C ASN A 618 28.92 -62.71 10.59
N SER A 619 28.02 -62.96 11.53
CA SER A 619 27.68 -64.32 11.91
C SER A 619 26.47 -64.88 11.17
N SER A 620 25.62 -64.01 10.64
CA SER A 620 24.35 -64.47 10.06
C SER A 620 24.16 -63.98 8.64
N LEU A 621 22.94 -64.13 8.13
CA LEU A 621 22.57 -63.62 6.82
C LEU A 621 21.40 -62.66 6.87
N LEU A 622 20.53 -62.79 7.87
CA LEU A 622 19.35 -61.94 7.99
C LEU A 622 19.73 -60.49 8.20
N ILE A 623 20.75 -60.26 9.02
CA ILE A 623 21.24 -58.91 9.25
C ILE A 623 21.82 -58.31 7.97
N ARG A 624 22.54 -59.12 7.19
CA ARG A 624 23.12 -58.61 5.95
C ARG A 624 22.04 -58.23 4.93
N GLY A 625 21.00 -59.04 4.81
CA GLY A 625 19.88 -58.68 3.95
C GLY A 625 19.17 -57.42 4.44
N CYS A 626 19.01 -57.30 5.75
CA CYS A 626 18.36 -56.13 6.32
C CYS A 626 19.18 -54.86 6.11
N GLN A 627 20.51 -54.97 6.15
CA GLN A 627 21.37 -53.83 5.86
C GLN A 627 21.27 -53.43 4.40
N THR A 628 21.27 -54.43 3.51
CA THR A 628 21.25 -54.15 2.08
C THR A 628 19.96 -53.46 1.64
N ILE A 629 18.83 -53.78 2.29
CA ILE A 629 17.57 -53.11 1.94
C ILE A 629 17.66 -51.61 2.18
N ALA A 630 18.15 -51.22 3.35
CA ALA A 630 18.21 -49.80 3.66
C ALA A 630 19.32 -49.09 2.88
N ALA A 631 20.42 -49.79 2.61
CA ALA A 631 21.48 -49.18 1.82
C ALA A 631 21.01 -48.94 0.39
N LEU A 632 20.21 -49.84 -0.15
CA LEU A 632 19.67 -49.61 -1.48
C LEU A 632 18.66 -48.49 -1.50
N LYS A 633 17.89 -48.32 -0.42
CA LYS A 633 16.94 -47.20 -0.44
C LYS A 633 17.65 -45.86 -0.25
N THR A 634 18.72 -45.83 0.54
CA THR A 634 19.47 -44.58 0.67
C THR A 634 20.20 -44.23 -0.62
N TRP A 635 20.81 -45.22 -1.29
CA TRP A 635 21.41 -44.96 -2.60
C TRP A 635 20.36 -44.74 -3.70
N MET A 636 19.10 -45.04 -3.43
CA MET A 636 18.03 -44.58 -4.29
C MET A 636 17.66 -43.13 -4.02
N ASN A 637 17.85 -42.68 -2.79
CA ASN A 637 17.57 -41.30 -2.45
C ASN A 637 18.69 -40.55 -3.08
N LEU A 638 19.90 -40.76 -2.57
CA LEU A 638 21.04 -40.17 -3.21
C LEU A 638 20.95 -40.58 -4.65
N LEU A 639 21.20 -39.66 -5.57
CA LEU A 639 21.17 -39.98 -6.99
C LEU A 639 19.76 -40.31 -7.46
N PRO A 640 18.86 -39.34 -7.64
CA PRO A 640 17.50 -39.66 -8.08
C PRO A 640 17.41 -40.35 -9.42
N THR A 641 18.37 -40.15 -10.32
CA THR A 641 18.28 -40.75 -11.64
C THR A 641 19.03 -42.08 -11.74
N LEU A 642 19.16 -42.82 -10.65
CA LEU A 642 19.62 -44.19 -10.70
C LEU A 642 18.43 -45.09 -11.03
N THR A 643 18.61 -45.98 -12.01
CA THR A 643 17.46 -46.70 -12.55
C THR A 643 17.56 -48.22 -12.46
N LEU A 644 18.62 -48.83 -12.98
CA LEU A 644 18.61 -50.27 -13.25
C LEU A 644 19.29 -51.00 -12.11
N LEU A 645 18.51 -51.62 -11.23
CA LEU A 645 19.10 -52.40 -10.15
C LEU A 645 19.56 -53.75 -10.70
N SER A 646 20.31 -54.48 -9.89
CA SER A 646 20.72 -55.84 -10.27
C SER A 646 21.05 -56.62 -9.02
N GLY A 647 21.26 -57.92 -9.20
CA GLY A 647 21.70 -58.77 -8.12
C GLY A 647 21.97 -60.20 -8.52
N ALA A 648 23.13 -60.73 -8.14
CA ALA A 648 23.57 -62.05 -8.55
C ALA A 648 23.61 -62.99 -7.35
N GLY A 649 22.86 -64.08 -7.43
CA GLY A 649 22.84 -65.03 -6.33
C GLY A 649 21.79 -64.67 -5.31
N THR A 650 22.20 -64.67 -4.04
CA THR A 650 21.27 -64.35 -2.96
C THR A 650 20.88 -62.87 -2.94
N GLY A 651 21.71 -62.01 -3.53
CA GLY A 651 21.43 -60.58 -3.58
C GLY A 651 20.30 -60.19 -4.50
N LEU A 652 19.83 -61.13 -5.33
CA LEU A 652 18.67 -60.89 -6.18
C LEU A 652 17.42 -60.62 -5.34
N LEU A 653 17.33 -61.25 -4.15
CA LEU A 653 16.17 -61.00 -3.30
C LEU A 653 16.16 -59.61 -2.66
N PRO A 654 17.25 -59.09 -2.07
CA PRO A 654 17.18 -57.70 -1.61
C PRO A 654 17.10 -56.70 -2.73
N ALA A 655 17.68 -56.99 -3.90
CA ALA A 655 17.47 -56.10 -5.04
C ALA A 655 16.01 -56.09 -5.46
N ALA A 656 15.35 -57.24 -5.37
CA ALA A 656 13.93 -57.33 -5.67
C ALA A 656 13.10 -56.55 -4.66
N ALA A 657 13.40 -56.70 -3.38
CA ALA A 657 12.61 -56.03 -2.35
C ALA A 657 12.83 -54.52 -2.37
N ALA A 658 14.01 -54.08 -2.76
CA ALA A 658 14.23 -52.64 -2.91
C ALA A 658 13.52 -52.10 -4.14
N SER A 659 13.49 -52.88 -5.22
CA SER A 659 12.81 -52.44 -6.43
C SER A 659 11.31 -52.42 -6.24
N GLY A 660 10.76 -53.35 -5.48
CA GLY A 660 9.34 -53.44 -5.25
C GLY A 660 8.65 -54.58 -5.95
N MET A 661 9.40 -55.52 -6.52
CA MET A 661 8.78 -56.57 -7.31
C MET A 661 8.08 -57.59 -6.41
N ILE A 662 8.69 -57.98 -5.29
CA ILE A 662 8.06 -59.04 -4.51
C ILE A 662 7.24 -58.50 -3.34
N ALA A 663 7.92 -58.04 -2.30
CA ALA A 663 7.32 -57.87 -0.99
C ALA A 663 8.31 -57.25 -0.04
N THR A 664 7.99 -57.19 1.24
CA THR A 664 9.06 -57.08 2.22
C THR A 664 9.05 -58.22 3.22
N GLN A 665 7.93 -58.45 3.91
CA GLN A 665 7.87 -59.46 4.98
C GLN A 665 8.09 -60.87 4.42
N ASP A 666 7.56 -61.13 3.24
CA ASP A 666 7.78 -62.40 2.56
C ASP A 666 9.25 -62.57 2.21
N VAL A 667 9.92 -61.49 1.80
CA VAL A 667 11.34 -61.54 1.48
C VAL A 667 12.16 -61.82 2.72
N LEU A 668 11.80 -61.20 3.85
CA LEU A 668 12.50 -61.45 5.11
C LEU A 668 12.38 -62.90 5.58
N HIS A 669 11.16 -63.45 5.62
CA HIS A 669 11.12 -64.83 6.14
C HIS A 669 11.59 -65.83 5.09
N LEU A 670 11.49 -65.49 3.80
CA LEU A 670 12.08 -66.32 2.75
C LEU A 670 13.60 -66.40 2.91
N LEU A 671 14.22 -65.26 3.23
CA LEU A 671 15.64 -65.25 3.57
C LEU A 671 15.90 -66.01 4.86
N TRP A 672 14.90 -66.09 5.75
CA TRP A 672 15.11 -66.85 6.99
C TRP A 672 15.15 -68.37 6.73
N GLU A 673 14.19 -68.92 5.96
CA GLU A 673 14.39 -70.34 5.61
C GLU A 673 15.56 -70.57 4.67
N MET A 674 16.03 -69.55 3.94
CA MET A 674 17.34 -69.74 3.34
C MET A 674 18.50 -69.61 4.32
N GLU A 675 18.26 -69.06 5.52
CA GLU A 675 19.32 -69.09 6.51
C GLU A 675 19.45 -70.48 7.12
N GLN A 676 18.36 -71.05 7.63
CA GLN A 676 18.58 -72.37 8.24
C GLN A 676 18.20 -73.56 7.37
N LYS A 677 17.14 -73.49 6.57
CA LYS A 677 16.61 -74.71 5.96
C LYS A 677 16.97 -74.88 4.49
N ALA A 678 16.64 -73.88 3.65
CA ALA A 678 16.83 -73.90 2.20
C ALA A 678 16.16 -75.11 1.55
N LEU A 679 14.97 -75.46 2.04
CA LEU A 679 14.17 -76.55 1.50
C LEU A 679 12.72 -76.11 1.43
N HIS A 680 12.06 -76.46 0.32
CA HIS A 680 10.70 -76.03 -0.02
C HIS A 680 10.58 -74.51 0.01
N LEU A 681 11.27 -73.90 -0.95
CA LEU A 681 11.07 -72.49 -1.23
C LEU A 681 9.65 -72.23 -1.72
N TRP A 682 9.05 -71.16 -1.23
CA TRP A 682 7.67 -70.80 -1.55
C TRP A 682 7.73 -69.48 -2.30
N LEU A 683 7.71 -69.55 -3.62
CA LEU A 683 7.94 -68.37 -4.45
C LEU A 683 6.74 -67.43 -4.41
N PRO A 684 6.91 -66.19 -3.98
CA PRO A 684 5.79 -65.25 -3.95
C PRO A 684 5.48 -64.71 -5.34
N GLU A 685 4.24 -64.26 -5.49
CA GLU A 685 3.77 -63.78 -6.77
C GLU A 685 4.24 -62.35 -6.98
N ARG A 686 4.68 -62.07 -8.18
CA ARG A 686 5.42 -60.85 -8.48
C ARG A 686 4.46 -59.72 -8.82
N HIS A 687 5.00 -58.51 -8.86
CA HIS A 687 4.24 -57.33 -9.25
C HIS A 687 4.90 -56.66 -10.44
N GLU A 688 4.38 -55.50 -10.81
CA GLU A 688 5.08 -54.55 -11.66
C GLU A 688 5.57 -53.44 -10.77
N PRO A 689 6.90 -53.35 -10.51
CA PRO A 689 7.39 -52.69 -9.29
C PRO A 689 7.10 -51.20 -9.10
N ILE A 690 7.63 -50.36 -9.97
CA ILE A 690 7.59 -48.90 -9.87
C ILE A 690 7.61 -48.45 -11.32
N PRO A 691 6.96 -47.36 -11.71
CA PRO A 691 7.10 -46.87 -13.09
C PRO A 691 8.49 -46.35 -13.48
N GLY A 692 9.50 -46.39 -12.60
CA GLY A 692 10.82 -46.01 -13.01
C GLY A 692 11.82 -47.14 -13.18
N TYR A 693 11.87 -48.07 -12.23
CA TYR A 693 13.03 -48.93 -12.05
C TYR A 693 12.90 -50.23 -12.82
N VAL A 694 14.04 -50.78 -13.20
CA VAL A 694 14.13 -52.01 -13.98
C VAL A 694 15.08 -52.96 -13.25
N LEU A 695 14.64 -54.17 -13.01
CA LEU A 695 15.45 -55.14 -12.29
C LEU A 695 16.17 -56.04 -13.29
N ALA A 696 17.31 -56.60 -12.86
CA ALA A 696 18.09 -57.49 -13.71
C ALA A 696 18.62 -58.66 -12.89
N TRP A 697 19.31 -59.58 -13.57
CA TRP A 697 19.90 -60.76 -12.95
C TRP A 697 21.42 -60.71 -12.92
N GLN A 698 22.05 -60.37 -14.04
CA GLN A 698 23.50 -60.28 -14.06
C GLN A 698 24.00 -59.04 -14.77
N GLY A 699 23.14 -58.32 -15.47
CA GLY A 699 23.55 -57.29 -16.40
C GLY A 699 22.63 -57.37 -17.60
N ASN A 700 21.93 -58.48 -17.70
CA ASN A 700 20.84 -58.62 -18.65
C ASN A 700 19.55 -58.21 -17.96
N PRO A 701 18.91 -57.12 -18.37
CA PRO A 701 17.65 -56.72 -17.75
C PRO A 701 16.54 -57.68 -18.14
N ILE A 702 15.87 -58.25 -17.15
CA ILE A 702 14.70 -59.11 -17.40
C ILE A 702 13.50 -58.18 -17.47
N THR A 703 13.32 -57.60 -18.66
CA THR A 703 12.15 -56.78 -18.96
C THR A 703 11.09 -57.72 -19.54
N ASP A 704 10.21 -58.21 -18.67
CA ASP A 704 9.11 -59.13 -18.98
C ASP A 704 9.62 -60.41 -19.63
N ALA A 705 10.80 -60.86 -19.23
CA ALA A 705 11.42 -62.02 -19.89
C ALA A 705 10.71 -63.31 -19.49
N GLN A 706 10.77 -63.68 -18.22
CA GLN A 706 10.08 -64.86 -17.75
C GLN A 706 9.00 -64.54 -16.74
N ARG A 707 9.36 -63.97 -15.58
CA ARG A 707 8.48 -63.41 -14.56
C ARG A 707 7.55 -64.39 -13.84
N ASN A 708 7.44 -65.62 -14.33
CA ASN A 708 6.49 -66.56 -13.76
C ASN A 708 7.02 -67.99 -13.71
N ASP A 709 8.22 -68.24 -14.21
CA ASP A 709 8.78 -69.59 -14.28
C ASP A 709 9.48 -69.90 -12.96
N ARG A 710 9.07 -70.99 -12.31
CA ARG A 710 9.73 -71.40 -11.08
C ARG A 710 11.11 -72.00 -11.36
N GLY A 711 11.29 -72.60 -12.54
CA GLY A 711 12.59 -73.17 -12.87
C GLY A 711 13.67 -72.12 -13.07
N PHE A 712 13.31 -70.96 -13.60
CA PHE A 712 14.29 -69.91 -13.86
C PHE A 712 14.85 -69.32 -12.57
N TRP A 713 13.96 -69.00 -11.62
CA TRP A 713 14.40 -68.46 -10.34
C TRP A 713 15.21 -69.49 -9.56
N SER A 714 14.78 -70.76 -9.58
CA SER A 714 15.49 -71.81 -8.87
C SER A 714 16.87 -72.06 -9.48
N GLU A 715 16.97 -72.03 -10.80
CA GLU A 715 18.27 -72.21 -11.45
C GLU A 715 19.18 -71.01 -11.20
N ALA A 716 18.62 -69.80 -11.19
CA ALA A 716 19.44 -68.62 -10.99
C ALA A 716 19.90 -68.46 -9.55
N LEU A 717 19.13 -69.00 -8.61
CA LEU A 717 19.33 -68.72 -7.20
C LEU A 717 19.96 -69.87 -6.42
N LEU A 718 19.61 -71.12 -6.74
CA LEU A 718 19.71 -72.20 -5.77
C LEU A 718 21.13 -72.71 -5.54
N ALA A 719 21.99 -72.74 -6.56
CA ALA A 719 23.30 -73.33 -6.34
C ALA A 719 24.26 -72.34 -5.69
N ASP A 720 24.67 -71.32 -6.44
CA ASP A 720 25.66 -70.30 -6.10
C ASP A 720 25.81 -69.40 -7.31
N THR A 721 26.59 -68.33 -7.15
CA THR A 721 26.99 -67.53 -8.30
C THR A 721 28.50 -67.50 -8.49
N ARG A 722 29.25 -66.99 -7.50
CA ARG A 722 30.71 -66.86 -7.42
C ARG A 722 31.41 -66.22 -8.62
N GLU A 723 30.71 -65.55 -9.55
CA GLU A 723 31.46 -64.74 -10.50
C GLU A 723 31.60 -63.32 -9.96
N LEU A 724 32.67 -62.67 -10.36
CA LEU A 724 32.70 -61.21 -10.26
C LEU A 724 31.79 -60.60 -11.30
N GLY A 725 31.59 -61.29 -12.42
CA GLY A 725 30.61 -61.01 -13.45
C GLY A 725 30.85 -59.69 -14.16
N GLU A 726 29.81 -59.28 -14.89
CA GLU A 726 29.73 -58.00 -15.60
C GLU A 726 30.87 -57.83 -16.61
N GLY A 727 30.85 -58.70 -17.62
CA GLY A 727 31.84 -58.62 -18.68
C GLY A 727 31.67 -57.40 -19.55
N VAL A 728 30.61 -57.35 -20.36
CA VAL A 728 30.32 -56.22 -21.23
C VAL A 728 28.81 -55.98 -21.24
N HIS A 729 28.40 -54.78 -20.85
CA HIS A 729 27.11 -54.22 -21.27
C HIS A 729 27.26 -52.69 -21.25
N SER A 730 26.15 -51.99 -21.30
CA SER A 730 26.17 -50.56 -21.61
C SER A 730 25.57 -49.71 -20.50
N ILE A 731 25.91 -49.98 -19.25
CA ILE A 731 25.43 -49.20 -18.12
C ILE A 731 26.59 -48.90 -17.17
N ASN A 732 26.66 -47.65 -16.72
CA ASN A 732 27.79 -47.18 -15.93
C ASN A 732 27.53 -47.48 -14.45
N TRP A 733 28.28 -48.43 -13.91
CA TRP A 733 28.03 -48.91 -12.55
C TRP A 733 28.48 -47.89 -11.52
N VAL A 734 27.80 -47.89 -10.38
CA VAL A 734 28.19 -47.03 -9.27
C VAL A 734 29.14 -47.85 -8.43
N ARG A 735 30.43 -47.76 -8.73
CA ARG A 735 31.45 -48.56 -8.06
C ARG A 735 32.47 -47.64 -7.41
N LEU A 736 32.72 -47.85 -6.11
CA LEU A 736 33.64 -47.01 -5.36
C LEU A 736 35.09 -47.35 -5.71
N PRO A 737 36.00 -46.37 -5.64
CA PRO A 737 37.41 -46.68 -5.87
C PRO A 737 37.95 -47.52 -4.73
N PRO A 738 38.95 -48.37 -5.00
CA PRO A 738 39.37 -49.34 -3.98
C PRO A 738 40.26 -48.79 -2.87
N GLU A 739 40.57 -47.50 -2.82
CA GLU A 739 41.37 -46.96 -1.73
C GLU A 739 40.55 -46.19 -0.73
N ILE A 740 39.34 -46.65 -0.39
CA ILE A 740 38.55 -45.99 0.65
C ILE A 740 39.15 -46.27 2.02
N ARG A 741 39.35 -45.22 2.78
CA ARG A 741 39.85 -45.39 4.14
C ARG A 741 39.30 -44.39 5.15
N GLU A 742 38.37 -43.52 4.77
CA GLU A 742 37.71 -42.65 5.73
C GLU A 742 36.22 -42.63 5.50
N ASP A 743 35.54 -41.64 6.08
CA ASP A 743 34.11 -41.48 5.89
C ASP A 743 33.83 -40.36 4.88
N VAL A 744 34.75 -39.43 4.70
CA VAL A 744 34.52 -38.35 3.76
C VAL A 744 34.81 -38.79 2.33
N ASP A 745 35.40 -39.98 2.14
CA ASP A 745 35.83 -40.35 0.81
C ASP A 745 34.66 -40.72 -0.09
N VAL A 746 33.59 -41.25 0.50
CA VAL A 746 32.38 -41.47 -0.29
C VAL A 746 31.76 -40.14 -0.69
N LEU A 747 31.88 -39.11 0.14
CA LEU A 747 31.42 -37.78 -0.29
C LEU A 747 32.27 -37.25 -1.42
N ARG A 748 33.58 -37.53 -1.40
CA ARG A 748 34.42 -37.15 -2.53
C ARG A 748 33.99 -37.86 -3.80
N TYR A 749 33.61 -39.13 -3.69
CA TYR A 749 33.15 -39.84 -4.87
C TYR A 749 31.80 -39.32 -5.34
N VAL A 750 30.90 -38.93 -4.44
CA VAL A 750 29.61 -38.48 -4.95
C VAL A 750 29.75 -37.08 -5.54
N ALA A 751 30.73 -36.29 -5.09
CA ALA A 751 30.97 -35.04 -5.79
C ALA A 751 31.63 -35.27 -7.14
N GLN A 752 32.46 -36.30 -7.27
CA GLN A 752 32.96 -36.63 -8.60
C GLN A 752 31.85 -37.15 -9.51
N LEU A 753 30.78 -37.70 -8.95
CA LEU A 753 29.62 -38.01 -9.77
C LEU A 753 28.89 -36.75 -10.20
N TRP A 754 28.68 -35.82 -9.27
CA TRP A 754 27.98 -34.57 -9.58
C TRP A 754 28.77 -33.67 -10.52
N CYS A 755 30.08 -33.85 -10.63
CA CYS A 755 30.84 -33.15 -11.66
C CYS A 755 30.42 -33.61 -13.05
N ALA A 756 29.96 -34.84 -13.19
CA ALA A 756 29.30 -35.32 -14.39
C ALA A 756 27.80 -35.09 -14.24
N GLY A 757 26.97 -35.71 -15.07
CA GLY A 757 25.62 -35.21 -15.22
C GLY A 757 24.57 -35.54 -14.18
N ILE A 758 24.86 -36.30 -13.12
CA ILE A 758 23.80 -36.79 -12.24
C ILE A 758 23.32 -35.69 -11.32
N ASN A 759 22.02 -35.45 -11.28
CA ASN A 759 21.46 -34.38 -10.47
C ASN A 759 21.24 -34.87 -9.05
N VAL A 760 22.34 -35.04 -8.32
CA VAL A 760 22.25 -35.61 -6.98
C VAL A 760 21.75 -34.66 -5.91
N ASP A 761 20.84 -35.14 -5.08
CA ASP A 761 20.36 -34.31 -3.97
C ASP A 761 21.52 -34.07 -3.03
N TRP A 762 21.58 -32.88 -2.45
CA TRP A 762 22.69 -32.54 -1.57
C TRP A 762 22.28 -32.45 -0.11
N ALA A 763 21.27 -33.21 0.31
CA ALA A 763 20.82 -33.05 1.68
C ALA A 763 20.51 -34.37 2.39
N VAL A 764 20.59 -35.51 1.71
CA VAL A 764 20.17 -36.75 2.35
C VAL A 764 21.43 -37.48 2.80
N TRP A 765 22.54 -36.77 2.82
CA TRP A 765 23.78 -37.30 3.34
C TRP A 765 24.09 -36.81 4.76
N TYR A 766 23.68 -35.60 5.13
CA TYR A 766 24.13 -35.02 6.37
C TYR A 766 23.38 -35.57 7.56
N GLY A 767 24.05 -35.62 8.70
CA GLY A 767 23.55 -36.25 9.91
C GLY A 767 22.44 -35.50 10.62
N THR A 768 22.20 -35.79 11.90
CA THR A 768 20.99 -35.20 12.49
C THR A 768 21.05 -33.73 12.90
N PRO A 769 22.18 -33.10 13.36
CA PRO A 769 22.18 -31.63 13.32
C PRO A 769 22.65 -31.12 11.96
N LEU A 770 21.74 -30.61 11.14
CA LEU A 770 22.17 -30.11 9.84
C LEU A 770 22.82 -28.75 10.02
N PRO A 771 23.84 -28.41 9.23
CA PRO A 771 24.51 -27.12 9.41
C PRO A 771 23.64 -25.94 9.00
N GLN A 772 23.94 -24.79 9.59
CA GLN A 772 23.17 -23.58 9.35
C GLN A 772 23.40 -23.06 7.94
N ARG A 773 22.46 -22.26 7.45
CA ARG A 773 22.45 -22.01 6.00
C ARG A 773 23.43 -20.93 5.57
N GLY A 774 23.19 -19.69 5.92
CA GLY A 774 24.19 -18.68 5.58
C GLY A 774 24.22 -18.20 4.14
N SER A 775 25.29 -17.49 3.82
CA SER A 775 25.43 -16.68 2.61
C SER A 775 26.55 -17.17 1.72
N ALA A 776 26.41 -16.97 0.41
CA ALA A 776 27.37 -17.55 -0.51
C ALA A 776 27.48 -16.68 -1.75
N SER A 777 28.05 -17.24 -2.81
CA SER A 777 28.45 -16.51 -4.01
C SER A 777 27.24 -16.05 -4.80
N ALA A 778 27.46 -15.06 -5.65
CA ALA A 778 26.40 -14.39 -6.37
C ALA A 778 26.73 -14.33 -7.86
N TYR A 779 25.66 -14.40 -8.66
CA TYR A 779 25.69 -14.88 -10.03
C TYR A 779 26.55 -13.98 -10.93
N PRO A 780 27.17 -14.52 -11.97
CA PRO A 780 27.86 -13.68 -12.94
C PRO A 780 27.02 -13.35 -14.17
N PHE A 781 26.85 -12.08 -14.51
CA PHE A 781 25.95 -11.71 -15.58
C PHE A 781 26.73 -11.47 -16.86
N ALA A 782 26.19 -11.91 -17.99
CA ALA A 782 26.85 -11.72 -19.27
C ALA A 782 26.51 -10.33 -19.81
N HIS A 783 27.54 -9.54 -20.11
CA HIS A 783 27.38 -8.11 -20.34
C HIS A 783 27.49 -7.77 -21.82
N ASN A 784 26.42 -7.21 -22.37
CA ASN A 784 26.46 -6.58 -23.69
C ASN A 784 26.77 -5.10 -23.52
N HIS A 785 26.55 -4.29 -24.55
CA HIS A 785 26.69 -2.84 -24.42
C HIS A 785 25.55 -2.16 -25.15
N TYR A 786 24.86 -1.26 -24.46
CA TYR A 786 23.79 -0.52 -25.12
C TYR A 786 24.02 0.97 -24.98
N PRO A 787 24.22 1.71 -26.06
CA PRO A 787 24.63 3.11 -25.95
C PRO A 787 23.45 4.02 -25.64
N LEU A 788 23.77 5.16 -25.05
CA LEU A 788 22.73 6.09 -24.60
C LEU A 788 22.37 7.07 -25.71
N PRO A 789 21.08 7.20 -26.05
CA PRO A 789 20.69 8.12 -27.13
C PRO A 789 20.75 9.59 -26.72
N GLY A 790 21.93 10.18 -26.86
CA GLY A 790 22.12 11.59 -26.56
C GLY A 790 21.45 12.52 -27.54
N GLU B 44 -29.40 1.93 10.51
CA GLU B 44 -29.36 0.54 10.95
C GLU B 44 -28.64 -0.29 9.94
N TYR B 45 -27.88 -1.28 10.39
CA TYR B 45 -27.08 -2.07 9.46
C TYR B 45 -27.74 -3.42 9.14
N ALA B 46 -28.19 -4.14 10.17
CA ALA B 46 -28.95 -5.39 10.08
C ALA B 46 -28.19 -6.48 9.33
N SER B 47 -27.04 -6.84 9.88
CA SER B 47 -26.32 -8.06 9.56
C SER B 47 -25.35 -8.32 10.71
N GLU B 48 -24.45 -9.27 10.51
CA GLU B 48 -23.50 -9.60 11.56
C GLU B 48 -22.22 -8.83 11.35
N MET B 49 -21.79 -8.11 12.39
CA MET B 49 -20.59 -7.30 12.30
C MET B 49 -19.40 -8.19 12.61
N ASN B 50 -18.58 -8.42 11.59
CA ASN B 50 -17.23 -8.88 11.83
C ASN B 50 -16.31 -7.71 12.14
N GLY B 51 -15.00 -7.95 12.10
CA GLY B 51 -14.08 -6.92 12.55
C GLY B 51 -13.85 -5.82 11.54
N MET B 52 -14.02 -6.13 10.25
CA MET B 52 -13.52 -5.29 9.17
C MET B 52 -14.61 -4.85 8.17
N GLU B 53 -15.07 -3.62 8.39
CA GLU B 53 -16.00 -2.90 7.54
C GLU B 53 -15.52 -1.46 7.41
N ILE B 54 -15.86 -0.81 6.30
CA ILE B 54 -15.46 0.57 6.05
C ILE B 54 -16.64 1.32 5.44
N ALA B 55 -17.02 2.47 6.02
CA ALA B 55 -18.15 3.23 5.50
C ALA B 55 -17.69 4.13 4.36
N ILE B 56 -18.62 4.83 3.73
CA ILE B 56 -18.31 5.83 2.71
C ILE B 56 -19.19 7.03 3.01
N ILE B 57 -18.60 8.11 3.51
CA ILE B 57 -19.48 9.15 4.01
C ILE B 57 -19.39 10.43 3.21
N GLY B 58 -19.17 10.32 1.90
CA GLY B 58 -19.43 11.46 1.03
C GLY B 58 -18.54 11.56 -0.17
N MET B 59 -19.07 11.71 -1.37
CA MET B 59 -18.27 11.74 -2.58
C MET B 59 -18.55 12.98 -3.41
N ALA B 60 -17.60 13.33 -4.27
CA ALA B 60 -17.79 14.46 -5.17
C ALA B 60 -17.11 14.16 -6.49
N VAL B 61 -17.72 14.56 -7.60
CA VAL B 61 -17.26 14.20 -8.93
C VAL B 61 -17.19 15.42 -9.81
N ARG B 62 -16.47 15.28 -10.92
CA ARG B 62 -16.49 16.24 -12.02
C ARG B 62 -16.12 15.47 -13.28
N PHE B 63 -17.12 14.92 -13.94
CA PHE B 63 -17.02 14.02 -15.07
C PHE B 63 -17.61 14.72 -16.28
N PRO B 64 -17.41 14.20 -17.50
CA PRO B 64 -17.87 14.94 -18.68
C PRO B 64 -19.38 15.10 -18.75
N GLN B 65 -19.81 16.36 -18.92
CA GLN B 65 -21.21 16.80 -18.85
C GLN B 65 -21.86 16.40 -17.52
N SER B 66 -21.10 16.52 -16.42
CA SER B 66 -21.62 16.18 -15.11
C SER B 66 -20.79 16.92 -14.06
N ARG B 67 -21.34 17.99 -13.52
CA ARG B 67 -20.55 18.87 -12.67
C ARG B 67 -20.77 18.65 -11.18
N THR B 68 -21.82 17.94 -10.76
CA THR B 68 -22.05 17.65 -9.35
C THR B 68 -22.45 16.18 -9.24
N LEU B 69 -22.95 15.77 -8.08
CA LEU B 69 -23.50 14.42 -7.98
C LEU B 69 -24.88 14.32 -8.57
N HIS B 70 -25.71 15.35 -8.41
CA HIS B 70 -27.10 15.24 -8.82
C HIS B 70 -27.22 15.08 -10.33
N GLU B 71 -26.36 15.75 -11.08
CA GLU B 71 -26.34 15.47 -12.51
C GLU B 71 -25.72 14.12 -12.84
N PHE B 72 -24.87 13.57 -11.99
CA PHE B 72 -24.35 12.24 -12.29
C PHE B 72 -25.42 11.17 -12.13
N TRP B 73 -26.26 11.28 -11.10
CA TRP B 73 -27.34 10.31 -11.02
C TRP B 73 -28.42 10.57 -12.05
N HIS B 74 -28.64 11.83 -12.42
CA HIS B 74 -29.62 12.07 -13.47
C HIS B 74 -29.12 11.61 -14.84
N ASN B 75 -27.81 11.58 -15.05
CA ASN B 75 -27.31 10.99 -16.29
C ASN B 75 -27.30 9.48 -16.27
N ILE B 76 -27.09 8.84 -15.13
CA ILE B 76 -27.13 7.38 -15.12
C ILE B 76 -28.55 6.86 -15.31
N VAL B 77 -29.50 7.36 -14.53
CA VAL B 77 -30.87 6.84 -14.60
C VAL B 77 -31.53 6.86 -15.97
N GLN B 78 -31.17 7.83 -16.82
CA GLN B 78 -31.84 7.97 -18.10
C GLN B 78 -31.14 7.19 -19.20
N GLY B 79 -29.97 6.64 -18.94
CA GLY B 79 -29.24 5.92 -19.95
C GLY B 79 -28.55 6.79 -20.97
N LYS B 80 -28.47 8.10 -20.72
CA LYS B 80 -27.91 9.03 -21.68
C LYS B 80 -26.43 8.82 -21.85
N GLU B 81 -25.92 9.21 -23.00
CA GLU B 81 -24.50 9.18 -23.25
C GLU B 81 -23.93 10.58 -23.09
N CYS B 82 -22.65 10.66 -22.70
CA CYS B 82 -22.02 11.94 -22.44
C CYS B 82 -20.86 12.25 -23.38
N VAL B 83 -20.76 11.59 -24.52
CA VAL B 83 -19.78 12.02 -25.50
C VAL B 83 -20.36 13.15 -26.33
N THR B 84 -19.50 13.93 -26.95
CA THR B 84 -19.95 15.03 -27.81
C THR B 84 -19.21 14.99 -29.13
N PHE B 85 -19.79 15.62 -30.13
CA PHE B 85 -19.26 15.61 -31.49
C PHE B 85 -18.99 17.02 -31.96
N PHE B 86 -17.77 17.27 -32.45
CA PHE B 86 -17.40 18.58 -32.92
C PHE B 86 -17.62 18.72 -34.41
N SER B 87 -17.46 19.93 -34.91
CA SER B 87 -17.41 20.16 -36.35
C SER B 87 -16.19 20.99 -36.66
N GLU B 88 -16.05 21.45 -37.90
CA GLU B 88 -14.76 21.94 -38.39
C GLU B 88 -14.42 23.30 -37.80
N GLU B 89 -15.42 24.13 -37.53
CA GLU B 89 -15.16 25.52 -37.17
C GLU B 89 -14.61 25.66 -35.76
N GLU B 90 -15.10 24.88 -34.79
CA GLU B 90 -14.55 24.96 -33.45
C GLU B 90 -13.32 24.08 -33.29
N LEU B 91 -12.91 23.37 -34.34
CA LEU B 91 -11.63 22.69 -34.36
C LEU B 91 -10.52 23.52 -34.99
N LEU B 92 -10.83 24.30 -36.04
CA LEU B 92 -9.81 25.16 -36.62
C LEU B 92 -9.40 26.31 -35.72
N ALA B 93 -10.23 26.69 -34.76
CA ALA B 93 -9.83 27.72 -33.82
C ALA B 93 -8.87 27.20 -32.76
N GLU B 94 -8.78 25.89 -32.58
CA GLU B 94 -7.89 25.32 -31.58
C GLU B 94 -6.52 24.96 -32.13
N GLY B 95 -6.29 25.16 -33.41
CA GLY B 95 -4.96 25.01 -33.96
C GLY B 95 -4.63 23.65 -34.50
N VAL B 96 -5.53 23.08 -35.30
CA VAL B 96 -5.31 21.80 -35.94
C VAL B 96 -4.94 22.05 -37.40
N GLU B 97 -3.92 21.34 -37.89
CA GLU B 97 -3.53 21.45 -39.28
C GLU B 97 -4.62 20.89 -40.18
N GLN B 98 -4.84 21.57 -41.31
CA GLN B 98 -5.88 21.18 -42.26
C GLN B 98 -5.55 19.89 -43.00
N SER B 99 -4.29 19.45 -42.95
CA SER B 99 -3.90 18.21 -43.61
C SER B 99 -4.17 16.96 -42.78
N THR B 100 -4.90 17.08 -41.66
CA THR B 100 -5.33 15.91 -40.90
C THR B 100 -6.84 15.73 -40.84
N LEU B 101 -7.61 16.80 -41.03
CA LEU B 101 -9.07 16.65 -41.02
C LEU B 101 -9.54 15.91 -42.25
N ASP B 102 -8.86 16.12 -43.39
CA ASP B 102 -9.20 15.40 -44.61
C ASP B 102 -8.74 13.95 -44.58
N ASN B 103 -7.87 13.59 -43.65
CA ASN B 103 -7.51 12.21 -43.44
C ASN B 103 -8.71 11.46 -42.87
N PRO B 104 -8.95 10.22 -43.30
CA PRO B 104 -10.08 9.46 -42.74
C PRO B 104 -9.76 8.76 -41.43
N ALA B 105 -8.71 9.18 -40.74
CA ALA B 105 -8.32 8.58 -39.47
C ALA B 105 -8.57 9.49 -38.28
N TYR B 106 -9.30 10.56 -38.44
CA TYR B 106 -9.50 11.53 -37.36
C TYR B 106 -10.99 11.57 -37.07
N VAL B 107 -11.44 10.63 -36.24
CA VAL B 107 -12.83 10.59 -35.80
C VAL B 107 -12.98 11.58 -34.63
N ARG B 108 -13.91 12.51 -34.76
CA ARG B 108 -13.92 13.73 -33.94
C ARG B 108 -14.90 13.61 -32.78
N ALA B 109 -14.40 13.20 -31.62
CA ALA B 109 -15.19 13.10 -30.39
C ALA B 109 -14.27 12.91 -29.20
N LYS B 110 -14.59 13.55 -28.08
CA LYS B 110 -13.80 13.36 -26.86
C LYS B 110 -14.59 13.79 -25.64
N PRO B 111 -14.71 12.95 -24.64
CA PRO B 111 -15.44 13.33 -23.41
C PRO B 111 -14.66 14.33 -22.58
N TYR B 112 -15.01 15.60 -22.55
CA TYR B 112 -14.12 16.64 -22.03
C TYR B 112 -14.66 17.31 -20.78
N ILE B 113 -13.77 17.59 -19.82
CA ILE B 113 -14.15 18.35 -18.63
C ILE B 113 -14.53 19.75 -19.09
N GLU B 114 -15.49 20.36 -18.41
CA GLU B 114 -15.76 21.77 -18.62
C GLU B 114 -15.01 22.60 -17.59
N GLY B 115 -14.23 23.56 -18.06
CA GLY B 115 -13.61 24.50 -17.15
C GLY B 115 -12.42 23.95 -16.39
N ILE B 116 -11.33 23.66 -17.12
CA ILE B 116 -10.10 23.21 -16.50
C ILE B 116 -9.14 24.33 -16.18
N CYS B 117 -9.45 25.57 -16.57
CA CYS B 117 -8.47 26.65 -16.51
C CYS B 117 -8.84 27.74 -15.52
N ASP B 118 -9.60 27.43 -14.47
CA ASP B 118 -10.02 28.44 -13.51
C ASP B 118 -9.78 27.94 -12.09
N PHE B 119 -9.53 28.87 -11.18
CA PHE B 119 -9.07 28.51 -9.86
C PHE B 119 -9.28 29.68 -8.94
N ASP B 120 -9.58 29.41 -7.67
CA ASP B 120 -9.80 30.45 -6.66
C ASP B 120 -8.54 30.55 -5.82
N ALA B 121 -7.62 31.41 -6.23
CA ALA B 121 -6.23 31.32 -5.77
C ALA B 121 -6.07 31.78 -4.34
N ALA B 122 -6.71 32.89 -3.97
CA ALA B 122 -6.42 33.47 -2.66
C ALA B 122 -7.07 32.72 -1.52
N PHE B 123 -8.02 31.83 -1.80
CA PHE B 123 -8.75 31.14 -0.74
C PHE B 123 -7.92 30.02 -0.13
N PHE B 124 -7.09 29.34 -0.92
CA PHE B 124 -6.36 28.20 -0.41
C PHE B 124 -5.05 28.57 0.23
N GLY B 125 -4.45 29.68 -0.16
CA GLY B 125 -3.19 30.11 0.43
C GLY B 125 -2.13 30.46 -0.59
N TYR B 126 -2.50 30.51 -1.87
CA TYR B 126 -1.56 30.81 -2.93
C TYR B 126 -1.61 32.28 -3.30
N SER B 127 -0.63 32.71 -4.10
CA SER B 127 -0.63 34.01 -4.74
C SER B 127 -0.67 33.81 -6.24
N HIS B 128 -0.56 34.91 -6.99
CA HIS B 128 -0.90 34.85 -8.41
C HIS B 128 0.13 34.13 -9.25
N LYS B 129 1.43 34.33 -9.02
CA LYS B 129 2.39 33.60 -9.85
C LYS B 129 2.47 32.12 -9.45
N GLU B 130 2.30 31.82 -8.16
CA GLU B 130 2.30 30.44 -7.71
C GLU B 130 1.08 29.72 -8.23
N ALA B 131 -0.05 30.40 -8.32
CA ALA B 131 -1.20 29.80 -8.96
C ALA B 131 -1.05 29.76 -10.47
N GLN B 132 -0.17 30.58 -11.04
CA GLN B 132 0.06 30.50 -12.47
C GLN B 132 0.88 29.27 -12.85
N THR B 133 1.84 28.87 -12.03
CA THR B 133 2.76 27.82 -12.44
C THR B 133 2.27 26.39 -12.15
N LEU B 134 0.98 26.17 -11.90
CA LEU B 134 0.50 24.86 -11.46
C LEU B 134 -0.05 24.02 -12.60
N ASP B 135 0.28 22.74 -12.57
CA ASP B 135 -0.23 21.75 -13.52
C ASP B 135 -1.74 21.61 -13.33
N PRO B 136 -2.54 21.57 -14.42
CA PRO B 136 -4.01 21.59 -14.27
C PRO B 136 -4.62 20.44 -13.49
N LYS B 137 -3.90 19.34 -13.33
CA LYS B 137 -4.31 18.30 -12.39
C LYS B 137 -4.50 18.86 -10.99
N SER B 138 -3.55 19.66 -10.52
CA SER B 138 -3.65 20.13 -9.15
C SER B 138 -4.72 21.21 -8.99
N ARG B 139 -4.95 22.01 -10.02
CA ARG B 139 -5.99 23.02 -9.93
C ARG B 139 -7.36 22.40 -9.90
N VAL B 140 -7.58 21.29 -10.59
CA VAL B 140 -8.89 20.66 -10.44
C VAL B 140 -8.98 19.92 -9.10
N LEU B 141 -7.95 19.17 -8.72
CA LEU B 141 -8.09 18.28 -7.56
C LEU B 141 -8.16 19.02 -6.24
N HIS B 142 -7.67 20.26 -6.14
CA HIS B 142 -7.90 21.04 -4.92
C HIS B 142 -9.39 21.25 -4.68
N GLU B 143 -10.12 21.69 -5.70
CA GLU B 143 -11.54 22.03 -5.53
C GLU B 143 -12.38 20.77 -5.38
N VAL B 144 -12.05 19.70 -6.10
CA VAL B 144 -12.82 18.47 -5.94
C VAL B 144 -12.61 17.86 -4.56
N ALA B 145 -11.39 17.92 -4.01
CA ALA B 145 -11.20 17.39 -2.65
C ALA B 145 -11.85 18.26 -1.60
N TYR B 146 -11.90 19.58 -1.78
CA TYR B 146 -12.60 20.37 -0.76
C TYR B 146 -14.11 20.16 -0.81
N HIS B 147 -14.69 19.97 -2.00
CA HIS B 147 -16.11 19.62 -2.05
C HIS B 147 -16.36 18.26 -1.42
N ALA B 148 -15.47 17.31 -1.65
CA ALA B 148 -15.68 16.00 -1.05
C ALA B 148 -15.31 15.94 0.41
N LEU B 149 -14.72 16.99 0.97
CA LEU B 149 -14.78 17.09 2.42
C LEU B 149 -16.09 17.71 2.87
N GLU B 150 -16.49 18.82 2.25
CA GLU B 150 -17.60 19.61 2.76
C GLU B 150 -18.92 18.86 2.61
N ASP B 151 -18.98 17.92 1.69
CA ASP B 151 -20.16 17.07 1.56
C ASP B 151 -20.25 16.05 2.68
N ALA B 152 -19.16 15.76 3.37
CA ALA B 152 -19.17 14.78 4.42
C ALA B 152 -19.55 15.34 5.77
N GLY B 153 -19.60 16.66 5.91
CA GLY B 153 -19.87 17.32 7.17
C GLY B 153 -18.64 17.90 7.82
N TYR B 154 -17.53 17.15 7.81
CA TYR B 154 -16.30 17.56 8.46
C TYR B 154 -15.54 18.56 7.59
N ALA B 155 -16.11 19.74 7.45
CA ALA B 155 -15.42 20.84 6.79
C ALA B 155 -14.94 21.80 7.86
N GLN B 156 -13.63 22.11 7.82
CA GLN B 156 -12.97 23.01 8.76
C GLN B 156 -13.15 22.56 10.21
N ARG B 157 -13.15 21.24 10.44
CA ARG B 157 -13.28 20.73 11.80
C ARG B 157 -12.31 19.58 12.05
N THR B 158 -11.29 19.40 11.21
CA THR B 158 -10.34 18.29 11.28
C THR B 158 -9.04 18.65 11.97
N SER B 159 -9.08 19.51 13.00
CA SER B 159 -7.90 19.80 13.81
C SER B 159 -7.85 18.94 15.06
N ASP B 160 -8.68 17.91 15.13
CA ASP B 160 -8.57 16.92 16.20
C ASP B 160 -8.85 15.50 15.69
N LEU B 161 -8.73 15.27 14.39
CA LEU B 161 -8.82 13.96 13.76
C LEU B 161 -7.59 13.75 12.88
N ILE B 162 -7.04 12.55 12.91
CA ILE B 162 -5.82 12.26 12.15
C ILE B 162 -6.29 11.81 10.77
N THR B 163 -6.59 12.78 9.92
CA THR B 163 -7.00 12.49 8.56
C THR B 163 -5.79 12.16 7.70
N GLY B 164 -6.00 11.86 6.43
CA GLY B 164 -4.84 11.64 5.58
C GLY B 164 -5.06 11.09 4.19
N VAL B 165 -4.45 11.70 3.21
CA VAL B 165 -4.79 11.55 1.80
C VAL B 165 -4.17 10.28 1.25
N PHE B 166 -4.79 9.64 0.22
CA PHE B 166 -4.09 8.69 -0.66
C PHE B 166 -4.53 8.84 -2.11
N VAL B 167 -4.07 9.86 -2.85
CA VAL B 167 -4.56 9.99 -4.22
C VAL B 167 -3.55 9.37 -5.16
N GLY B 168 -3.91 9.18 -6.41
CA GLY B 168 -2.96 8.65 -7.36
C GLY B 168 -3.26 9.12 -8.76
N ALA B 169 -2.27 9.62 -9.49
CA ALA B 169 -2.55 10.34 -10.73
C ALA B 169 -1.72 9.80 -11.88
N SER B 170 -2.26 9.92 -13.08
CA SER B 170 -1.62 9.43 -14.29
C SER B 170 -0.66 10.48 -14.83
N GLU B 171 -0.32 10.35 -16.11
CA GLU B 171 0.49 11.33 -16.83
C GLU B 171 0.32 11.18 -18.34
N ASP B 172 0.16 12.32 -19.04
CA ASP B 172 0.32 12.35 -20.49
C ASP B 172 1.21 13.51 -20.90
N VAL B 173 1.89 13.34 -22.04
CA VAL B 173 3.16 14.03 -22.30
C VAL B 173 3.05 15.45 -22.81
N ASP B 174 1.84 15.94 -23.12
CA ASP B 174 1.76 17.23 -23.80
C ASP B 174 2.06 18.39 -22.87
N TRP B 175 1.68 18.30 -21.60
CA TRP B 175 2.07 19.36 -20.69
C TRP B 175 3.56 19.27 -20.34
N LEU B 176 4.16 18.07 -20.43
CA LEU B 176 5.60 17.95 -20.31
C LEU B 176 6.31 18.67 -21.45
N ARG B 177 5.76 18.56 -22.66
CA ARG B 177 6.31 19.32 -23.79
C ARG B 177 6.09 20.82 -23.62
N ARG B 178 4.97 21.22 -23.02
CA ARG B 178 4.70 22.64 -22.85
C ARG B 178 5.40 23.27 -21.64
N SER B 179 5.93 22.46 -20.72
CA SER B 179 6.56 23.02 -19.53
C SER B 179 8.04 23.28 -19.66
N LEU B 180 8.74 22.55 -20.53
CA LEU B 180 10.18 22.72 -20.70
C LEU B 180 10.56 23.57 -21.90
N SER B 181 9.57 24.17 -22.57
CA SER B 181 9.86 25.14 -23.62
C SER B 181 10.25 26.51 -23.06
N GLN B 182 10.10 26.71 -21.76
CA GLN B 182 10.59 27.93 -21.12
C GLN B 182 12.12 27.91 -21.05
N ILE B 183 12.68 29.11 -20.96
CA ILE B 183 14.12 29.27 -20.77
C ILE B 183 14.42 29.20 -19.28
N GLY B 184 15.69 29.06 -18.93
CA GLY B 184 16.07 29.03 -17.54
C GLY B 184 17.56 28.76 -17.41
N GLY B 185 18.05 28.96 -16.20
CA GLY B 185 19.46 28.71 -15.91
C GLY B 185 19.67 27.97 -14.61
N ASP B 186 18.72 27.08 -14.29
CA ASP B 186 18.69 26.31 -13.04
C ASP B 186 18.73 27.23 -11.81
N ALA B 187 17.79 28.17 -11.76
CA ALA B 187 17.72 29.17 -10.71
C ALA B 187 16.74 28.72 -9.63
N LEU B 188 16.47 29.62 -8.68
CA LEU B 188 15.53 29.36 -7.60
C LEU B 188 14.10 29.23 -8.12
N ASN B 189 13.73 30.05 -9.10
CA ASN B 189 12.46 29.90 -9.79
C ASN B 189 12.38 28.58 -10.54
N ARG B 190 13.50 28.13 -11.11
CA ARG B 190 13.55 26.82 -11.76
C ARG B 190 13.36 25.69 -10.74
N PHE B 191 13.93 25.81 -9.54
CA PHE B 191 13.67 24.81 -8.51
C PHE B 191 12.21 24.83 -8.06
N GLU B 192 11.59 26.02 -8.03
CA GLU B 192 10.15 26.09 -7.75
C GLU B 192 9.34 25.38 -8.83
N SER B 193 9.71 25.56 -10.10
CA SER B 193 9.05 24.85 -11.20
C SER B 193 9.39 23.37 -11.22
N GLY B 194 10.46 22.96 -10.53
CA GLY B 194 10.82 21.56 -10.47
C GLY B 194 10.05 20.72 -9.48
N ILE B 195 9.51 21.34 -8.42
CA ILE B 195 8.68 20.61 -7.48
C ILE B 195 7.19 20.95 -7.63
N TYR B 196 6.85 22.18 -8.01
CA TYR B 196 5.43 22.51 -8.18
C TYR B 196 4.86 21.85 -9.43
N GLY B 197 5.58 21.93 -10.55
CA GLY B 197 5.11 21.37 -11.80
C GLY B 197 5.23 19.86 -11.92
N HIS B 198 5.73 19.20 -10.88
CA HIS B 198 5.81 17.75 -10.86
C HIS B 198 4.40 17.17 -10.75
N LYS B 199 4.22 15.97 -11.32
CA LYS B 199 2.95 15.28 -11.22
C LYS B 199 2.90 14.32 -10.05
N ASP B 200 3.89 14.36 -9.17
CA ASP B 200 3.88 13.48 -8.01
C ASP B 200 4.27 14.22 -6.73
N LEU B 201 4.02 15.52 -6.68
CA LEU B 201 3.78 16.19 -5.41
C LEU B 201 2.38 16.76 -5.41
N LEU B 202 1.41 15.91 -5.75
CA LEU B 202 0.00 16.26 -5.74
C LEU B 202 -0.59 16.12 -4.35
N ALA B 203 -0.43 14.94 -3.77
CA ALA B 203 -1.10 14.66 -2.51
C ALA B 203 -0.48 15.41 -1.36
N HIS B 204 0.81 15.73 -1.43
CA HIS B 204 1.40 16.57 -0.39
C HIS B 204 0.90 18.01 -0.49
N LEU B 205 0.64 18.51 -1.70
CA LEU B 205 0.03 19.84 -1.81
C LEU B 205 -1.39 19.86 -1.26
N ILE B 206 -2.19 18.82 -1.50
CA ILE B 206 -3.55 18.84 -0.96
C ILE B 206 -3.53 18.74 0.55
N ALA B 207 -2.73 17.81 1.11
CA ALA B 207 -2.69 17.69 2.56
C ALA B 207 -1.88 18.79 3.23
N TYR B 208 -1.19 19.62 2.49
CA TYR B 208 -0.66 20.81 3.12
C TYR B 208 -1.66 21.94 3.08
N SER B 209 -2.37 22.10 1.97
CA SER B 209 -3.25 23.26 1.86
C SER B 209 -4.52 23.11 2.66
N LEU B 210 -4.91 21.91 3.07
CA LEU B 210 -6.07 21.79 3.94
C LEU B 210 -5.72 21.46 5.38
N ASN B 211 -4.43 21.51 5.75
CA ASN B 211 -3.91 21.18 7.09
C ASN B 211 -4.30 19.75 7.52
N LEU B 212 -3.72 18.77 6.85
CA LEU B 212 -4.02 17.38 7.18
C LEU B 212 -2.74 16.73 7.69
N ASN B 213 -2.81 16.05 8.83
CA ASN B 213 -1.60 15.48 9.42
C ASN B 213 -1.60 13.98 9.59
N GLY B 214 -1.68 13.23 8.49
CA GLY B 214 -1.57 11.80 8.59
C GLY B 214 -0.77 11.24 7.45
N PRO B 215 -0.90 9.93 7.19
CA PRO B 215 -0.18 9.32 6.08
C PRO B 215 -0.58 9.95 4.76
N VAL B 216 0.37 10.00 3.83
CA VAL B 216 0.07 10.52 2.50
C VAL B 216 0.97 9.87 1.46
N TYR B 217 0.38 9.33 0.40
CA TYR B 217 1.11 8.62 -0.64
C TYR B 217 0.67 9.13 -1.99
N SER B 218 1.27 8.63 -3.05
CA SER B 218 0.95 9.11 -4.37
C SER B 218 1.03 8.01 -5.43
N LEU B 219 0.38 6.86 -5.18
CA LEU B 219 0.55 5.58 -5.87
C LEU B 219 0.33 5.67 -7.37
N TYR B 220 0.73 4.60 -8.08
CA TYR B 220 0.26 4.34 -9.45
C TYR B 220 0.43 2.86 -9.81
N THR B 221 -0.70 2.14 -9.86
CA THR B 221 -0.77 0.83 -10.53
C THR B 221 -1.71 0.96 -11.72
N SER B 222 -1.24 0.58 -12.92
CA SER B 222 -1.79 1.05 -14.19
C SER B 222 -3.25 0.68 -14.40
N CYS B 223 -4.05 1.70 -14.74
CA CYS B 223 -5.45 1.73 -15.14
C CYS B 223 -6.43 1.41 -14.01
N SER B 224 -5.94 1.00 -12.84
CA SER B 224 -6.78 0.74 -11.68
C SER B 224 -6.27 1.53 -10.49
N THR B 225 -5.81 2.76 -10.73
CA THR B 225 -5.14 3.57 -9.72
C THR B 225 -6.04 3.84 -8.55
N SER B 226 -7.28 4.14 -8.84
CA SER B 226 -8.16 4.57 -7.78
C SER B 226 -8.58 3.40 -6.91
N LEU B 227 -8.81 2.23 -7.49
CA LEU B 227 -9.14 1.10 -6.63
C LEU B 227 -7.93 0.53 -5.89
N SER B 228 -6.70 0.67 -6.41
CA SER B 228 -5.55 0.33 -5.57
C SER B 228 -5.41 1.31 -4.42
N ALA B 229 -5.63 2.60 -4.66
CA ALA B 229 -5.54 3.57 -3.57
C ALA B 229 -6.68 3.40 -2.57
N THR B 230 -7.87 3.04 -3.02
CA THR B 230 -8.94 2.78 -2.08
C THR B 230 -8.69 1.51 -1.28
N HIS B 231 -8.02 0.53 -1.88
CA HIS B 231 -7.72 -0.69 -1.13
C HIS B 231 -6.67 -0.46 -0.05
N ILE B 232 -5.59 0.27 -0.35
CA ILE B 232 -4.66 0.49 0.77
C ILE B 232 -5.19 1.54 1.73
N ALA B 233 -6.16 2.38 1.34
CA ALA B 233 -6.81 3.25 2.31
C ALA B 233 -7.66 2.42 3.27
N CYS B 234 -8.32 1.38 2.79
CA CYS B 234 -9.06 0.52 3.72
C CYS B 234 -8.12 -0.26 4.64
N ARG B 235 -6.97 -0.72 4.15
CA ARG B 235 -6.07 -1.44 5.05
C ARG B 235 -5.48 -0.53 6.12
N SER B 236 -4.92 0.60 5.73
CA SER B 236 -4.35 1.46 6.75
C SER B 236 -5.38 2.26 7.51
N LEU B 237 -6.66 2.16 7.16
CA LEU B 237 -7.70 2.59 8.08
C LEU B 237 -8.03 1.52 9.10
N LEU B 238 -7.98 0.24 8.70
CA LEU B 238 -8.31 -0.81 9.65
C LEU B 238 -7.22 -1.06 10.67
N PHE B 239 -5.98 -0.68 10.38
CA PHE B 239 -4.95 -0.91 11.39
C PHE B 239 -5.05 0.04 12.58
N GLY B 240 -5.83 1.10 12.49
CA GLY B 240 -5.87 2.04 13.58
C GLY B 240 -4.77 3.07 13.47
N GLU B 241 -4.63 3.66 12.29
CA GLU B 241 -3.59 4.64 12.01
C GLU B 241 -4.15 6.02 11.72
N CYS B 242 -5.07 6.14 10.78
CA CYS B 242 -5.76 7.38 10.48
C CYS B 242 -7.25 7.22 10.76
N ASP B 243 -8.01 8.28 10.56
CA ASP B 243 -9.44 8.23 10.83
C ASP B 243 -10.23 8.48 9.56
N LEU B 244 -9.86 9.50 8.81
CA LEU B 244 -10.58 9.84 7.60
C LEU B 244 -9.66 9.77 6.40
N ALA B 245 -9.77 8.71 5.61
CA ALA B 245 -8.93 8.56 4.44
C ALA B 245 -9.67 9.00 3.19
N LEU B 246 -8.93 9.50 2.21
CA LEU B 246 -9.55 9.95 0.97
C LEU B 246 -8.92 9.27 -0.20
N ALA B 247 -9.73 8.69 -1.08
CA ALA B 247 -9.21 8.03 -2.25
C ALA B 247 -9.08 9.09 -3.30
N GLY B 248 -8.81 8.72 -4.52
CA GLY B 248 -8.83 9.69 -5.59
C GLY B 248 -8.36 9.17 -6.89
N GLY B 249 -8.15 10.08 -7.81
CA GLY B 249 -7.57 9.76 -9.09
C GLY B 249 -8.07 10.75 -10.09
N ILE B 250 -7.15 11.24 -10.91
CA ILE B 250 -7.50 12.30 -11.85
C ILE B 250 -6.61 12.19 -13.09
N THR B 251 -7.23 12.34 -14.26
CA THR B 251 -6.48 12.52 -15.51
C THR B 251 -7.14 13.56 -16.40
N ILE B 252 -6.30 14.46 -16.94
CA ILE B 252 -6.74 15.50 -17.87
C ILE B 252 -5.70 15.57 -18.98
N ASP B 253 -6.08 15.20 -20.19
CA ASP B 253 -5.22 15.29 -21.37
C ASP B 253 -5.36 16.68 -21.96
N LEU B 254 -4.26 17.43 -21.99
CA LEU B 254 -4.36 18.89 -22.06
C LEU B 254 -4.98 19.52 -23.31
N PRO B 255 -4.72 19.09 -24.55
CA PRO B 255 -5.42 19.76 -25.65
C PRO B 255 -6.88 19.37 -25.72
N GLN B 256 -7.73 20.04 -24.93
CA GLN B 256 -9.15 19.72 -24.95
C GLN B 256 -9.77 20.18 -26.26
N LYS B 257 -10.95 19.64 -26.55
CA LYS B 257 -11.66 19.82 -27.82
C LYS B 257 -10.82 19.36 -29.00
N SER B 258 -10.52 18.06 -29.02
CA SER B 258 -9.79 17.48 -30.15
C SER B 258 -10.04 15.99 -30.20
N GLY B 259 -10.05 15.45 -31.41
CA GLY B 259 -10.28 14.04 -31.61
C GLY B 259 -9.01 13.23 -31.40
N TYR B 260 -9.12 11.95 -31.69
CA TYR B 260 -8.01 11.01 -31.59
C TYR B 260 -7.63 10.53 -32.97
N PHE B 261 -6.74 9.55 -33.02
CA PHE B 261 -6.36 8.88 -34.26
C PHE B 261 -6.71 7.41 -34.14
N CYS B 262 -7.71 6.97 -34.89
CA CYS B 262 -8.08 5.57 -34.85
C CYS B 262 -7.05 4.74 -35.57
N GLN B 263 -7.00 3.46 -35.24
CA GLN B 263 -6.11 2.52 -35.92
C GLN B 263 -6.86 1.21 -36.12
N GLN B 264 -6.42 0.44 -37.10
CA GLN B 264 -7.15 -0.77 -37.49
C GLN B 264 -6.71 -2.00 -36.72
N GLY B 265 -5.51 -2.02 -36.18
CA GLY B 265 -5.06 -3.17 -35.41
C GLY B 265 -5.00 -2.89 -33.93
N MET B 266 -5.93 -2.07 -33.44
CA MET B 266 -5.88 -1.62 -32.05
C MET B 266 -7.28 -1.71 -31.43
N ILE B 267 -7.45 -1.06 -30.28
CA ILE B 267 -8.67 -1.11 -29.48
C ILE B 267 -9.41 0.21 -29.50
N HIS B 268 -8.95 1.19 -30.26
CA HIS B 268 -9.67 2.45 -30.35
C HIS B 268 -10.87 2.30 -31.27
N SER B 269 -12.03 2.74 -30.79
CA SER B 269 -13.28 2.55 -31.52
C SER B 269 -13.35 3.45 -32.73
N THR B 270 -13.69 2.87 -33.88
CA THR B 270 -13.69 3.59 -35.14
C THR B 270 -15.00 4.29 -35.41
N ASP B 271 -15.83 4.46 -34.41
CA ASP B 271 -17.15 5.05 -34.59
C ASP B 271 -17.32 6.36 -33.87
N GLY B 272 -16.55 6.62 -32.82
CA GLY B 272 -16.87 7.65 -31.86
C GLY B 272 -17.71 7.17 -30.70
N HIS B 273 -18.18 5.92 -30.74
CA HIS B 273 -19.13 5.39 -29.77
C HIS B 273 -18.52 4.18 -29.07
N CYS B 274 -18.83 4.02 -27.78
CA CYS B 274 -18.40 2.87 -27.00
C CYS B 274 -19.61 2.09 -26.53
N ARG B 275 -19.69 0.82 -26.90
CA ARG B 275 -20.81 -0.04 -26.55
C ARG B 275 -20.27 -1.30 -25.88
N PRO B 276 -20.57 -1.56 -24.62
CA PRO B 276 -20.11 -2.80 -24.01
C PRO B 276 -21.13 -3.92 -24.08
N PHE B 277 -20.62 -5.14 -24.24
CA PHE B 277 -21.39 -6.39 -24.35
C PHE B 277 -22.43 -6.33 -25.46
N ASP B 278 -22.03 -5.87 -26.63
CA ASP B 278 -22.96 -5.66 -27.72
C ASP B 278 -22.44 -6.29 -29.00
N SER B 279 -23.37 -6.77 -29.83
CA SER B 279 -23.06 -7.39 -31.11
C SER B 279 -22.54 -6.41 -32.15
N GLN B 280 -22.61 -5.12 -31.90
CA GLN B 280 -22.19 -4.12 -32.85
C GLN B 280 -20.83 -3.50 -32.48
N ALA B 281 -20.22 -3.98 -31.39
CA ALA B 281 -19.17 -3.25 -30.68
C ALA B 281 -17.90 -3.11 -31.49
N SER B 282 -17.24 -1.97 -31.33
CA SER B 282 -16.00 -1.74 -32.06
C SER B 282 -14.80 -1.55 -31.14
N GLY B 283 -14.86 -0.66 -30.16
CA GLY B 283 -13.67 -0.44 -29.35
C GLY B 283 -13.93 0.23 -28.03
N THR B 284 -13.07 1.17 -27.63
CA THR B 284 -13.26 1.91 -26.38
C THR B 284 -13.06 3.40 -26.61
N LEU B 285 -13.06 4.21 -25.56
CA LEU B 285 -13.03 5.66 -25.75
C LEU B 285 -12.36 6.33 -24.57
N PHE B 286 -11.20 6.94 -24.79
CA PHE B 286 -10.38 7.50 -23.72
C PHE B 286 -10.72 8.96 -23.51
N GLY B 287 -11.12 9.32 -22.29
CA GLY B 287 -11.68 10.62 -21.99
C GLY B 287 -10.94 11.29 -20.84
N ASP B 288 -11.69 12.05 -20.05
CA ASP B 288 -11.14 12.82 -18.94
C ASP B 288 -11.96 12.55 -17.68
N GLY B 289 -11.59 13.13 -16.54
CA GLY B 289 -12.29 12.78 -15.33
C GLY B 289 -11.76 13.48 -14.09
N ALA B 290 -12.27 13.05 -12.93
CA ALA B 290 -11.89 13.46 -11.58
C ALA B 290 -12.54 12.49 -10.61
N GLY B 291 -12.53 12.79 -9.32
CA GLY B 291 -13.33 12.01 -8.38
C GLY B 291 -12.66 11.60 -7.09
N VAL B 292 -13.31 11.76 -5.94
CA VAL B 292 -12.72 11.56 -4.61
C VAL B 292 -13.80 11.06 -3.66
N VAL B 293 -13.53 9.99 -2.87
CA VAL B 293 -14.47 9.55 -1.83
C VAL B 293 -13.89 9.90 -0.46
N VAL B 294 -14.60 9.58 0.62
CA VAL B 294 -14.11 9.80 1.99
C VAL B 294 -14.51 8.60 2.84
N LEU B 295 -13.55 7.96 3.50
CA LEU B 295 -13.74 6.64 4.09
C LEU B 295 -13.49 6.67 5.58
N ARG B 296 -14.42 6.17 6.38
CA ARG B 296 -14.26 6.11 7.83
C ARG B 296 -14.79 4.76 8.33
N ARG B 297 -14.30 4.29 9.49
CA ARG B 297 -14.70 2.99 10.02
C ARG B 297 -16.18 2.97 10.37
N LEU B 298 -16.74 1.76 10.50
CA LEU B 298 -18.19 1.65 10.64
C LEU B 298 -18.63 2.06 12.03
N GLU B 299 -17.92 1.61 13.05
CA GLU B 299 -18.36 1.81 14.43
C GLU B 299 -18.36 3.28 14.83
N ASP B 300 -17.32 4.01 14.41
CA ASP B 300 -17.29 5.44 14.71
C ASP B 300 -18.35 6.20 13.93
N ALA B 301 -18.54 5.85 12.65
CA ALA B 301 -19.52 6.59 11.85
C ALA B 301 -20.94 6.11 12.08
N LEU B 302 -21.15 5.15 12.96
CA LEU B 302 -22.48 4.95 13.52
C LEU B 302 -22.63 5.57 14.89
N ALA B 303 -21.54 5.79 15.62
CA ALA B 303 -21.65 6.50 16.89
C ALA B 303 -21.96 7.97 16.67
N ALA B 304 -21.24 8.62 15.77
CA ALA B 304 -21.39 10.06 15.61
C ALA B 304 -22.56 10.45 14.73
N GLY B 305 -23.25 9.49 14.12
CA GLY B 305 -24.48 9.76 13.42
C GLY B 305 -24.33 10.51 12.12
N ASP B 306 -23.75 9.90 11.12
CA ASP B 306 -23.47 10.54 9.86
C ASP B 306 -24.30 9.93 8.75
N ARG B 307 -24.05 10.37 7.53
CA ARG B 307 -24.79 9.97 6.35
C ARG B 307 -23.95 8.93 5.62
N ILE B 308 -24.41 7.70 5.53
CA ILE B 308 -23.62 6.60 4.99
C ILE B 308 -24.26 6.11 3.71
N TYR B 309 -23.48 6.00 2.65
CA TYR B 309 -24.02 5.51 1.39
C TYR B 309 -23.94 4.00 1.27
N ALA B 310 -22.82 3.41 1.64
CA ALA B 310 -22.58 1.99 1.46
C ALA B 310 -21.72 1.54 2.60
N VAL B 311 -21.42 0.25 2.69
CA VAL B 311 -20.39 -0.22 3.60
C VAL B 311 -19.51 -1.20 2.84
N ILE B 312 -18.28 -0.80 2.55
CA ILE B 312 -17.32 -1.64 1.85
C ILE B 312 -16.94 -2.81 2.73
N ARG B 313 -17.02 -4.02 2.21
CA ARG B 313 -16.61 -5.10 3.08
C ARG B 313 -15.22 -5.65 2.76
N GLY B 314 -15.06 -6.29 1.62
CA GLY B 314 -13.83 -7.02 1.38
C GLY B 314 -13.09 -6.54 0.16
N SER B 315 -11.83 -6.93 -0.01
CA SER B 315 -11.02 -6.36 -1.06
C SER B 315 -9.82 -7.24 -1.33
N ALA B 316 -9.62 -7.64 -2.57
CA ALA B 316 -8.51 -8.51 -2.92
C ALA B 316 -7.72 -7.89 -4.04
N VAL B 317 -6.40 -8.08 -4.02
CA VAL B 317 -5.51 -7.66 -5.09
C VAL B 317 -4.66 -8.86 -5.44
N ASN B 318 -4.48 -9.13 -6.74
CA ASN B 318 -3.37 -9.99 -7.15
C ASN B 318 -2.95 -9.63 -8.55
N ASN B 319 -1.65 -9.67 -8.80
CA ASN B 319 -1.12 -9.57 -10.15
C ASN B 319 -1.47 -10.81 -10.92
N ASP B 320 -1.39 -10.73 -12.25
CA ASP B 320 -1.63 -11.93 -13.03
C ASP B 320 -0.38 -12.78 -13.14
N GLY B 321 0.77 -12.16 -13.35
CA GLY B 321 2.00 -12.91 -13.49
C GLY B 321 2.32 -13.22 -14.94
N LYS B 322 3.17 -14.23 -15.13
CA LYS B 322 3.62 -14.66 -16.44
C LYS B 322 2.67 -15.68 -17.09
N GLN B 323 1.48 -15.89 -16.54
CA GLN B 323 0.54 -16.77 -17.20
C GLN B 323 -0.04 -16.14 -18.46
N LYS B 324 -0.03 -14.82 -18.55
CA LYS B 324 -0.49 -14.14 -19.74
C LYS B 324 0.53 -14.29 -20.87
N ILE B 325 0.09 -13.99 -22.09
CA ILE B 325 0.83 -14.26 -23.31
C ILE B 325 2.08 -13.39 -23.38
N GLY B 326 1.91 -12.09 -23.15
CA GLY B 326 3.02 -11.17 -23.13
C GLY B 326 2.96 -10.30 -21.89
N PHE B 327 2.92 -8.98 -22.07
CA PHE B 327 2.72 -8.07 -20.95
C PHE B 327 1.37 -7.36 -20.99
N VAL B 328 0.83 -7.09 -22.18
CA VAL B 328 -0.19 -6.07 -22.32
C VAL B 328 -1.61 -6.63 -22.39
N ALA B 329 -1.86 -7.83 -21.88
CA ALA B 329 -3.22 -8.36 -21.94
C ALA B 329 -3.53 -9.22 -20.73
N PRO B 330 -4.67 -9.00 -20.07
CA PRO B 330 -5.02 -9.84 -18.91
C PRO B 330 -5.56 -11.20 -19.36
N GLY B 331 -5.45 -12.16 -18.45
CA GLY B 331 -5.83 -13.54 -18.68
C GLY B 331 -7.22 -13.84 -18.16
N HIS B 332 -7.38 -15.03 -17.63
CA HIS B 332 -8.64 -15.59 -17.15
C HIS B 332 -8.53 -16.10 -15.73
N GLU B 333 -7.44 -16.77 -15.38
CA GLU B 333 -7.33 -17.40 -14.07
C GLU B 333 -7.13 -16.37 -12.97
N GLY B 334 -6.42 -15.28 -13.29
CA GLY B 334 -6.28 -14.20 -12.33
C GLY B 334 -7.61 -13.54 -12.00
N GLN B 335 -8.47 -13.39 -13.00
CA GLN B 335 -9.78 -12.78 -12.79
C GLN B 335 -10.67 -13.67 -11.91
N LYS B 336 -10.74 -14.98 -12.21
CA LYS B 336 -11.60 -15.79 -11.35
C LYS B 336 -11.01 -15.98 -9.96
N ALA B 337 -9.69 -15.89 -9.82
CA ALA B 337 -9.09 -16.02 -8.50
C ALA B 337 -9.36 -14.78 -7.65
N VAL B 338 -9.31 -13.59 -8.25
CA VAL B 338 -9.58 -12.40 -7.43
C VAL B 338 -11.05 -12.30 -7.07
N ILE B 339 -11.96 -12.77 -7.94
CA ILE B 339 -13.38 -12.71 -7.58
C ILE B 339 -13.69 -13.69 -6.46
N CYS B 340 -13.12 -14.90 -6.51
CA CYS B 340 -13.39 -15.84 -5.42
C CYS B 340 -12.72 -15.41 -4.12
N ALA B 341 -11.54 -14.79 -4.19
CA ALA B 341 -10.88 -14.36 -2.96
C ALA B 341 -11.61 -13.21 -2.29
N ALA B 342 -12.12 -12.26 -3.05
CA ALA B 342 -12.84 -11.17 -2.40
C ALA B 342 -14.25 -11.56 -1.99
N CYS B 343 -14.87 -12.55 -2.62
CA CYS B 343 -16.14 -13.04 -2.07
C CYS B 343 -15.92 -13.83 -0.79
N HIS B 344 -14.87 -14.65 -0.73
CA HIS B 344 -14.63 -15.46 0.46
C HIS B 344 -14.13 -14.65 1.64
N LEU B 345 -13.31 -13.62 1.39
CA LEU B 345 -12.69 -12.88 2.49
C LEU B 345 -13.69 -11.99 3.23
N ALA B 346 -14.88 -11.75 2.68
CA ALA B 346 -15.85 -10.87 3.29
C ALA B 346 -17.10 -11.60 3.75
N GLU B 347 -17.09 -12.94 3.73
CA GLU B 347 -18.17 -13.80 4.26
C GLU B 347 -19.53 -13.53 3.61
N VAL B 348 -19.53 -13.41 2.29
CA VAL B 348 -20.76 -13.29 1.52
C VAL B 348 -20.76 -14.40 0.48
N SER B 349 -21.77 -15.26 0.54
CA SER B 349 -21.91 -16.28 -0.47
C SER B 349 -22.36 -15.65 -1.79
N PRO B 350 -21.89 -16.15 -2.93
CA PRO B 350 -22.10 -15.44 -4.19
C PRO B 350 -23.48 -15.64 -4.80
N GLU B 351 -24.46 -16.04 -4.01
CA GLU B 351 -25.85 -16.09 -4.47
C GLU B 351 -26.70 -15.08 -3.71
N SER B 352 -26.14 -13.91 -3.44
CA SER B 352 -26.94 -12.80 -2.94
C SER B 352 -26.54 -11.49 -3.60
N ILE B 353 -25.71 -11.54 -4.63
CA ILE B 353 -25.16 -10.33 -5.24
C ILE B 353 -26.02 -10.00 -6.44
N GLY B 354 -26.78 -8.91 -6.34
CA GLY B 354 -27.70 -8.53 -7.38
C GLY B 354 -27.21 -7.50 -8.37
N TYR B 355 -25.93 -7.13 -8.34
CA TYR B 355 -25.40 -6.11 -9.26
C TYR B 355 -23.89 -6.22 -9.35
N VAL B 356 -23.35 -6.40 -10.56
CA VAL B 356 -21.91 -6.56 -10.75
C VAL B 356 -21.45 -5.53 -11.76
N GLU B 357 -20.88 -4.43 -11.28
CA GLU B 357 -20.31 -3.46 -12.19
C GLU B 357 -19.06 -4.11 -12.73
N THR B 358 -19.00 -4.29 -14.04
CA THR B 358 -17.89 -5.00 -14.66
C THR B 358 -16.74 -4.05 -14.99
N HIS B 359 -15.76 -4.53 -15.75
CA HIS B 359 -14.82 -3.62 -16.39
C HIS B 359 -15.45 -3.10 -17.67
N GLY B 360 -15.67 -3.98 -18.63
CA GLY B 360 -16.42 -3.67 -19.84
C GLY B 360 -15.80 -2.61 -20.72
N THR B 361 -14.63 -2.88 -21.27
CA THR B 361 -14.01 -1.87 -22.11
C THR B 361 -14.64 -1.80 -23.49
N GLY B 362 -15.36 -2.83 -23.91
CA GLY B 362 -16.08 -2.77 -25.16
C GLY B 362 -15.34 -3.28 -26.37
N THR B 363 -14.29 -4.08 -26.19
CA THR B 363 -13.65 -4.72 -27.33
C THR B 363 -14.43 -5.98 -27.72
N ARG B 364 -14.06 -6.54 -28.88
CA ARG B 364 -14.63 -7.79 -29.35
C ARG B 364 -13.94 -9.00 -28.78
N ILE B 365 -12.91 -8.80 -27.96
CA ILE B 365 -12.11 -9.89 -27.42
C ILE B 365 -12.20 -9.96 -25.90
N GLY B 366 -12.15 -8.81 -25.22
CA GLY B 366 -12.16 -8.80 -23.78
C GLY B 366 -13.50 -9.18 -23.16
N ASP B 367 -14.60 -9.03 -23.89
CA ASP B 367 -15.90 -9.18 -23.27
C ASP B 367 -16.35 -10.63 -23.04
N PRO B 368 -16.20 -11.58 -23.98
CA PRO B 368 -16.47 -12.96 -23.60
C PRO B 368 -15.51 -13.49 -22.55
N ILE B 369 -14.29 -12.98 -22.49
CA ILE B 369 -13.35 -13.36 -21.43
C ILE B 369 -13.87 -12.94 -20.08
N GLU B 370 -14.32 -11.69 -19.96
CA GLU B 370 -14.78 -11.23 -18.66
C GLU B 370 -16.10 -11.88 -18.26
N PHE B 371 -17.01 -12.09 -19.21
CA PHE B 371 -18.22 -12.82 -18.86
C PHE B 371 -17.92 -14.26 -18.47
N ALA B 372 -16.91 -14.89 -19.09
CA ALA B 372 -16.57 -16.26 -18.72
C ALA B 372 -16.00 -16.34 -17.32
N ALA B 373 -15.14 -15.38 -16.94
CA ALA B 373 -14.62 -15.36 -15.59
C ALA B 373 -15.72 -15.10 -14.58
N LEU B 374 -16.63 -14.19 -14.89
CA LEU B 374 -17.74 -13.89 -13.99
C LEU B 374 -18.80 -14.99 -13.96
N THR B 375 -18.77 -15.93 -14.89
CA THR B 375 -19.64 -17.09 -14.76
C THR B 375 -18.99 -18.16 -13.91
N GLU B 376 -17.69 -18.41 -14.14
CA GLU B 376 -17.01 -19.47 -13.41
C GLU B 376 -16.83 -19.15 -11.94
N ALA B 377 -16.64 -17.87 -11.59
CA ALA B 377 -16.39 -17.55 -10.19
C ALA B 377 -17.65 -17.65 -9.36
N PHE B 378 -18.79 -17.28 -9.93
CA PHE B 378 -20.08 -17.50 -9.28
C PHE B 378 -20.40 -18.97 -9.48
N ASP B 379 -20.17 -19.80 -8.49
CA ASP B 379 -20.31 -21.23 -8.73
C ASP B 379 -21.73 -21.73 -8.65
N THR B 380 -22.72 -20.84 -8.75
CA THR B 380 -24.11 -21.22 -8.53
C THR B 380 -24.70 -21.92 -9.75
N SER B 381 -25.92 -22.39 -9.58
CA SER B 381 -26.70 -22.93 -10.68
C SER B 381 -28.04 -22.23 -10.85
N HIS B 382 -28.34 -21.20 -10.07
CA HIS B 382 -29.55 -20.40 -10.25
C HIS B 382 -29.48 -19.67 -11.59
N ARG B 383 -30.64 -19.30 -12.12
CA ARG B 383 -30.69 -18.78 -13.48
C ARG B 383 -31.26 -17.37 -13.51
N GLN B 384 -30.49 -16.43 -14.06
CA GLN B 384 -30.89 -15.08 -14.44
C GLN B 384 -31.47 -14.30 -13.26
N TYR B 385 -30.60 -13.97 -12.32
CA TYR B 385 -30.99 -13.19 -11.16
C TYR B 385 -30.14 -11.98 -10.87
N CYS B 386 -29.07 -11.74 -11.61
CA CYS B 386 -28.12 -10.66 -11.35
C CYS B 386 -27.96 -9.77 -12.57
N ALA B 387 -27.87 -8.46 -12.35
CA ALA B 387 -27.77 -7.52 -13.45
C ALA B 387 -26.31 -7.24 -13.77
N LEU B 388 -26.03 -6.39 -14.75
CA LEU B 388 -24.68 -5.96 -15.04
C LEU B 388 -24.71 -4.49 -15.41
N GLY B 389 -23.63 -4.01 -16.00
CA GLY B 389 -23.53 -2.62 -16.38
C GLY B 389 -22.08 -2.25 -16.52
N ALA B 390 -21.86 -1.09 -17.14
CA ALA B 390 -20.52 -0.57 -17.30
C ALA B 390 -20.64 0.93 -17.52
N VAL B 391 -19.97 1.73 -16.69
CA VAL B 391 -20.11 3.17 -16.79
C VAL B 391 -19.39 3.71 -18.03
N LYS B 392 -18.49 2.90 -18.61
CA LYS B 392 -17.72 3.27 -19.79
C LYS B 392 -18.60 3.42 -21.02
N ALA B 393 -19.85 3.00 -20.96
CA ALA B 393 -20.81 3.43 -21.97
C ALA B 393 -21.17 4.89 -21.77
N ASN B 394 -21.41 5.28 -20.52
CA ASN B 394 -21.98 6.60 -20.26
C ASN B 394 -20.96 7.72 -20.42
N ILE B 395 -19.73 7.56 -19.92
CA ILE B 395 -18.79 8.66 -19.93
C ILE B 395 -17.55 8.41 -20.78
N GLY B 396 -17.33 7.20 -21.26
CA GLY B 396 -16.07 6.88 -21.88
C GLY B 396 -15.03 6.48 -20.83
N HIS B 397 -14.03 5.75 -21.28
CA HIS B 397 -13.03 5.20 -20.37
C HIS B 397 -12.15 6.32 -19.86
N THR B 398 -12.35 6.71 -18.61
CA THR B 398 -11.42 7.59 -17.93
C THR B 398 -10.15 6.82 -17.62
N HIS B 399 -9.01 7.49 -17.66
CA HIS B 399 -7.76 6.75 -17.79
C HIS B 399 -7.20 6.29 -16.46
N ALA B 400 -7.34 7.07 -15.40
CA ALA B 400 -6.84 6.60 -14.12
C ALA B 400 -7.81 6.91 -13.01
N ALA B 401 -9.04 7.30 -13.34
CA ALA B 401 -10.11 7.45 -12.37
C ALA B 401 -11.22 6.43 -12.59
N ALA B 402 -10.93 5.38 -13.37
CA ALA B 402 -11.98 4.47 -13.82
C ALA B 402 -12.53 3.65 -12.69
N GLY B 403 -11.68 3.21 -11.78
CA GLY B 403 -12.16 2.46 -10.65
C GLY B 403 -13.03 3.29 -9.73
N VAL B 404 -12.63 4.53 -9.43
CA VAL B 404 -13.46 5.29 -8.49
C VAL B 404 -14.70 5.86 -9.18
N ALA B 405 -14.72 5.94 -10.52
CA ALA B 405 -16.01 6.15 -11.19
C ALA B 405 -16.93 4.97 -10.98
N GLY B 406 -16.39 3.76 -11.05
CA GLY B 406 -17.18 2.59 -10.71
C GLY B 406 -17.66 2.57 -9.28
N LEU B 407 -16.81 3.00 -8.36
CA LEU B 407 -17.16 3.00 -6.95
C LEU B 407 -18.25 4.00 -6.64
N ILE B 408 -18.20 5.19 -7.22
CA ILE B 408 -19.25 6.16 -6.96
C ILE B 408 -20.57 5.74 -7.61
N LYS B 409 -20.53 5.09 -8.79
CA LYS B 409 -21.80 4.62 -9.37
C LYS B 409 -22.44 3.51 -8.52
N THR B 410 -21.65 2.55 -8.03
CA THR B 410 -22.26 1.49 -7.22
C THR B 410 -22.68 1.99 -5.83
N ALA B 411 -21.98 2.98 -5.27
CA ALA B 411 -22.44 3.58 -4.03
C ALA B 411 -23.77 4.29 -4.20
N LEU B 412 -23.94 5.04 -5.28
CA LEU B 412 -25.22 5.69 -5.53
C LEU B 412 -26.34 4.68 -5.78
N VAL B 413 -26.04 3.58 -6.47
CA VAL B 413 -27.07 2.55 -6.73
C VAL B 413 -27.57 1.94 -5.43
N LEU B 414 -26.67 1.63 -4.50
CA LEU B 414 -27.18 1.09 -3.23
C LEU B 414 -27.83 2.16 -2.37
N HIS B 415 -27.56 3.45 -2.64
CA HIS B 415 -28.21 4.44 -1.81
C HIS B 415 -29.60 4.79 -2.30
N HIS B 416 -29.79 4.98 -3.60
CA HIS B 416 -31.09 5.36 -4.13
C HIS B 416 -32.00 4.18 -4.42
N ARG B 417 -31.44 2.97 -4.56
CA ARG B 417 -32.17 1.74 -4.82
C ARG B 417 -33.00 1.80 -6.10
N THR B 418 -32.32 1.90 -7.23
CA THR B 418 -32.86 1.48 -8.51
C THR B 418 -31.79 0.63 -9.17
N ILE B 419 -32.09 0.10 -10.35
CA ILE B 419 -31.08 -0.58 -11.18
C ILE B 419 -31.07 0.11 -12.54
N PRO B 420 -30.03 0.84 -12.89
CA PRO B 420 -30.10 1.71 -14.03
C PRO B 420 -29.81 0.96 -15.31
N PRO B 421 -30.20 1.50 -16.46
CA PRO B 421 -30.00 0.79 -17.71
C PRO B 421 -28.56 0.77 -18.16
N LEU B 422 -28.27 -0.18 -19.06
CA LEU B 422 -26.98 -0.22 -19.72
C LEU B 422 -27.16 0.50 -21.04
N ALA B 423 -26.23 1.41 -21.35
CA ALA B 423 -26.42 2.38 -22.41
C ALA B 423 -25.84 1.88 -23.71
N ASN B 424 -26.64 1.98 -24.79
CA ASN B 424 -26.39 1.44 -26.13
C ASN B 424 -26.27 -0.09 -26.08
N TYR B 425 -27.40 -0.72 -25.81
CA TYR B 425 -27.52 -2.16 -25.83
C TYR B 425 -28.74 -2.53 -26.64
N GLN B 426 -28.55 -3.31 -27.71
CA GLN B 426 -29.66 -3.75 -28.53
C GLN B 426 -29.78 -5.26 -28.59
N MET B 427 -28.73 -5.98 -29.00
CA MET B 427 -28.75 -7.43 -29.11
C MET B 427 -27.43 -7.96 -28.59
N PRO B 428 -27.40 -9.10 -27.91
CA PRO B 428 -26.19 -9.52 -27.20
C PRO B 428 -25.11 -9.98 -28.16
N ASN B 429 -23.89 -10.07 -27.62
CA ASN B 429 -22.75 -10.56 -28.38
C ASN B 429 -22.97 -12.03 -28.70
N SER B 430 -22.58 -12.42 -29.92
CA SER B 430 -22.91 -13.75 -30.42
C SER B 430 -22.19 -14.87 -29.69
N LYS B 431 -21.07 -14.57 -29.05
CA LYS B 431 -20.30 -15.58 -28.32
C LYS B 431 -20.73 -15.70 -26.86
N LEU B 432 -21.76 -14.98 -26.44
CA LEU B 432 -22.25 -15.09 -25.08
C LEU B 432 -23.49 -15.98 -25.07
N ASP B 433 -23.76 -16.55 -23.90
CA ASP B 433 -25.01 -17.26 -23.66
C ASP B 433 -25.57 -16.80 -22.32
N LEU B 434 -26.62 -16.00 -22.35
CA LEU B 434 -27.20 -15.53 -21.11
C LEU B 434 -28.18 -16.52 -20.51
N ALA B 435 -28.45 -17.64 -21.19
CA ALA B 435 -29.50 -18.54 -20.72
C ALA B 435 -29.01 -19.43 -19.59
N HIS B 436 -27.92 -20.15 -19.80
CA HIS B 436 -27.38 -21.04 -18.77
C HIS B 436 -26.31 -20.34 -17.93
N SER B 437 -26.62 -19.16 -17.41
CA SER B 437 -25.67 -18.31 -16.72
C SER B 437 -26.46 -17.28 -15.92
N PRO B 438 -25.94 -16.79 -14.81
CA PRO B 438 -26.77 -16.01 -13.90
C PRO B 438 -27.12 -14.60 -14.34
N PHE B 439 -26.61 -14.06 -15.44
CA PHE B 439 -26.66 -12.62 -15.68
C PHE B 439 -27.70 -12.23 -16.71
N TYR B 440 -28.46 -11.17 -16.44
CA TYR B 440 -29.36 -10.58 -17.41
C TYR B 440 -29.08 -9.09 -17.47
N ILE B 441 -29.17 -8.51 -18.65
CA ILE B 441 -28.77 -7.12 -18.87
C ILE B 441 -30.01 -6.24 -18.86
N PRO B 442 -30.15 -5.29 -17.95
CA PRO B 442 -31.38 -4.51 -17.88
C PRO B 442 -31.43 -3.48 -18.98
N ILE B 443 -32.66 -3.10 -19.36
CA ILE B 443 -32.82 -2.06 -20.36
C ILE B 443 -33.67 -0.92 -19.79
N GLN B 444 -34.50 -1.22 -18.81
CA GLN B 444 -35.32 -0.15 -18.25
C GLN B 444 -35.06 -0.02 -16.75
N PRO B 445 -35.19 1.18 -16.18
CA PRO B 445 -34.91 1.35 -14.75
C PRO B 445 -35.95 0.64 -13.90
N GLN B 446 -35.48 -0.24 -12.99
CA GLN B 446 -36.33 -1.06 -12.15
C GLN B 446 -36.09 -0.76 -10.69
N GLU B 447 -37.11 -0.94 -9.87
CA GLU B 447 -36.88 -0.98 -8.44
C GLU B 447 -36.11 -2.23 -8.07
N TRP B 448 -35.52 -2.22 -6.90
CA TRP B 448 -34.72 -3.34 -6.45
C TRP B 448 -35.66 -4.45 -6.05
N PRO B 449 -35.52 -5.66 -6.60
CA PRO B 449 -36.51 -6.70 -6.35
C PRO B 449 -36.41 -7.24 -4.94
N ALA B 450 -37.57 -7.53 -4.35
CA ALA B 450 -37.58 -8.15 -3.04
C ALA B 450 -37.14 -9.61 -3.13
N SER B 451 -36.96 -10.23 -1.97
CA SER B 451 -36.25 -11.50 -1.78
C SER B 451 -34.81 -11.43 -2.27
N ARG B 452 -34.19 -10.25 -2.18
CA ARG B 452 -32.75 -10.09 -2.30
C ARG B 452 -32.19 -9.27 -1.16
N MET B 453 -33.03 -8.83 -0.22
CA MET B 453 -32.63 -7.92 0.82
C MET B 453 -31.70 -8.62 1.82
N PRO B 454 -30.73 -7.90 2.39
CA PRO B 454 -30.28 -6.53 2.15
C PRO B 454 -29.50 -6.47 0.85
N PRO B 455 -29.43 -5.33 0.19
CA PRO B 455 -28.80 -5.31 -1.13
C PRO B 455 -27.31 -5.51 -1.02
N ARG B 456 -26.72 -6.20 -2.00
CA ARG B 456 -25.29 -6.30 -2.12
C ARG B 456 -24.91 -6.10 -3.58
N ALA B 457 -23.71 -5.61 -3.83
CA ALA B 457 -23.29 -5.34 -5.19
C ALA B 457 -21.77 -5.38 -5.24
N GLY B 458 -21.21 -5.69 -6.40
CA GLY B 458 -19.77 -5.84 -6.45
C GLY B 458 -19.06 -5.15 -7.58
N VAL B 459 -18.10 -4.27 -7.29
CA VAL B 459 -17.37 -3.47 -8.28
C VAL B 459 -16.19 -4.30 -8.79
N SER B 460 -15.59 -3.92 -9.91
CA SER B 460 -14.39 -4.60 -10.43
C SER B 460 -13.64 -3.62 -11.33
N SER B 461 -12.31 -3.72 -11.34
CA SER B 461 -11.52 -2.94 -12.28
C SER B 461 -10.18 -3.59 -12.52
N PHE B 462 -9.99 -4.20 -13.68
CA PHE B 462 -8.75 -4.90 -14.03
C PHE B 462 -7.91 -4.02 -14.94
N GLY B 463 -6.65 -3.86 -14.59
CA GLY B 463 -5.78 -2.95 -15.32
C GLY B 463 -5.27 -3.54 -16.61
N ILE B 464 -4.46 -2.75 -17.30
CA ILE B 464 -3.78 -3.18 -18.51
C ILE B 464 -2.33 -3.40 -18.11
N GLY B 465 -1.99 -4.63 -17.74
CA GLY B 465 -0.67 -4.90 -17.22
C GLY B 465 -0.73 -5.88 -16.07
N GLY B 466 -1.84 -5.89 -15.35
CA GLY B 466 -2.04 -6.99 -14.45
C GLY B 466 -2.77 -6.79 -13.14
N THR B 467 -2.68 -5.63 -12.50
CA THR B 467 -3.16 -5.52 -11.12
C THR B 467 -4.69 -5.51 -11.11
N ASN B 468 -5.29 -6.42 -10.35
CA ASN B 468 -6.71 -6.69 -10.41
C ASN B 468 -7.34 -6.41 -9.05
N VAL B 469 -8.47 -5.70 -8.99
CA VAL B 469 -9.10 -5.35 -7.72
C VAL B 469 -10.60 -5.67 -7.81
N HIS B 470 -11.21 -6.08 -6.69
CA HIS B 470 -12.63 -6.39 -6.61
C HIS B 470 -13.08 -6.19 -5.18
N MET B 471 -14.31 -5.70 -4.97
CA MET B 471 -14.67 -5.14 -3.66
C MET B 471 -16.16 -5.26 -3.37
N ILE B 472 -16.58 -6.22 -2.55
CA ILE B 472 -18.00 -6.47 -2.32
C ILE B 472 -18.59 -5.39 -1.44
N LEU B 473 -19.66 -4.75 -1.90
CA LEU B 473 -20.35 -3.70 -1.16
C LEU B 473 -21.68 -4.21 -0.63
N GLU B 474 -22.12 -3.68 0.51
CA GLU B 474 -23.44 -3.99 1.05
C GLU B 474 -24.13 -2.73 1.52
N GLY B 475 -25.32 -2.51 1.01
CA GLY B 475 -26.04 -1.28 1.21
C GLY B 475 -26.53 -1.07 2.62
N LEU B 476 -27.15 0.08 2.86
CA LEU B 476 -27.60 0.38 4.19
C LEU B 476 -29.11 0.59 4.17
N ASN B 477 -29.79 -0.01 5.13
CA ASN B 477 -31.25 -0.07 5.12
C ASN B 477 -31.82 1.23 5.69
N PRO B 478 -32.60 1.99 4.92
CA PRO B 478 -32.98 3.34 5.32
C PRO B 478 -34.03 3.37 6.42
N ALA B 479 -34.14 4.54 7.05
CA ALA B 479 -35.01 4.79 8.19
C ALA B 479 -36.46 4.98 7.73
N VAL B 480 -37.33 5.26 8.70
CA VAL B 480 -38.77 5.17 8.46
C VAL B 480 -39.36 6.49 7.96
N ARG B 481 -38.69 7.61 8.23
CA ARG B 481 -39.17 8.97 7.93
C ARG B 481 -40.55 9.22 8.57
N ASP B 482 -40.53 9.30 9.91
CA ASP B 482 -41.73 9.39 10.72
C ASP B 482 -42.20 10.83 10.95
N ASP B 483 -42.01 11.72 9.98
CA ASP B 483 -42.47 13.09 10.06
C ASP B 483 -43.99 13.22 9.98
N HIS B 484 -44.70 12.14 9.66
CA HIS B 484 -46.16 11.94 9.73
C HIS B 484 -46.92 12.70 8.64
N ASP B 485 -46.23 13.44 7.77
CA ASP B 485 -46.82 14.27 6.70
C ASP B 485 -47.84 15.26 7.28
N GLN B 486 -47.49 15.87 8.40
CA GLN B 486 -48.36 16.80 9.10
C GLN B 486 -48.07 18.23 8.62
N VAL B 487 -48.56 19.22 9.36
CA VAL B 487 -48.60 20.61 8.92
C VAL B 487 -47.77 21.46 9.90
N ARG B 488 -46.68 20.87 10.40
CA ARG B 488 -45.96 21.32 11.60
C ARG B 488 -45.47 22.77 11.58
N ALA B 489 -44.49 23.09 10.73
CA ALA B 489 -43.81 24.36 10.90
C ALA B 489 -42.97 24.76 9.70
N PRO B 490 -42.80 26.06 9.47
CA PRO B 490 -41.67 26.51 8.66
C PRO B 490 -40.37 26.29 9.41
N VAL B 491 -39.28 26.14 8.65
CA VAL B 491 -37.95 25.93 9.21
C VAL B 491 -37.02 26.84 8.42
N PHE B 492 -35.85 27.14 8.98
CA PHE B 492 -35.00 28.20 8.43
C PHE B 492 -33.63 27.68 8.05
N ILE B 493 -32.99 28.40 7.11
CA ILE B 493 -31.76 27.95 6.47
C ILE B 493 -30.77 29.11 6.45
N PRO B 494 -29.66 29.01 7.14
CA PRO B 494 -28.70 30.12 7.19
C PRO B 494 -27.56 30.09 6.18
N LEU B 495 -27.73 30.57 4.96
CA LEU B 495 -26.64 30.62 3.99
C LEU B 495 -25.53 31.58 4.44
N SER B 496 -24.35 31.40 3.85
CA SER B 496 -23.20 32.26 4.14
C SER B 496 -22.14 32.12 3.07
N ALA B 497 -21.44 33.23 2.80
CA ALA B 497 -20.36 33.30 1.84
C ALA B 497 -19.61 34.60 2.07
N PRO B 498 -18.32 34.70 1.75
CA PRO B 498 -17.54 35.86 2.16
C PRO B 498 -17.70 37.11 1.30
N SER B 499 -18.59 37.14 0.31
CA SER B 499 -18.82 38.35 -0.48
C SER B 499 -20.21 38.26 -1.10
N PHE B 500 -20.68 39.37 -1.65
CA PHE B 500 -22.07 39.42 -2.08
C PHE B 500 -22.34 38.69 -3.40
N GLU B 501 -21.40 38.68 -4.34
CA GLU B 501 -21.66 37.95 -5.59
C GLU B 501 -21.68 36.45 -5.36
N GLN B 502 -20.77 35.93 -4.53
CA GLN B 502 -20.81 34.53 -4.15
C GLN B 502 -22.05 34.21 -3.36
N LEU B 503 -22.55 35.17 -2.57
CA LEU B 503 -23.80 34.95 -1.86
C LEU B 503 -24.97 34.88 -2.81
N ASP B 504 -24.95 35.67 -3.88
CA ASP B 504 -26.03 35.60 -4.85
C ASP B 504 -26.02 34.27 -5.61
N GLU B 505 -24.82 33.79 -5.96
CA GLU B 505 -24.70 32.46 -6.55
C GLU B 505 -25.20 31.37 -5.60
N LEU B 506 -24.87 31.49 -4.32
CA LEU B 506 -25.24 30.45 -3.37
C LEU B 506 -26.71 30.48 -3.05
N THR B 507 -27.37 31.65 -3.09
CA THR B 507 -28.80 31.63 -2.92
C THR B 507 -29.54 31.29 -4.20
N GLN B 508 -28.88 31.39 -5.35
CA GLN B 508 -29.47 30.94 -6.60
C GLN B 508 -29.35 29.42 -6.75
N GLN B 509 -28.40 28.82 -6.03
CA GLN B 509 -28.24 27.37 -5.99
C GLN B 509 -29.45 26.65 -5.41
N LEU B 510 -30.27 27.29 -4.58
CA LEU B 510 -31.11 26.57 -3.65
C LEU B 510 -32.33 25.88 -4.29
N THR B 511 -32.80 26.31 -5.47
CA THR B 511 -34.05 25.74 -5.99
C THR B 511 -34.03 24.25 -6.36
N PRO B 512 -33.06 23.70 -7.11
CA PRO B 512 -33.09 22.25 -7.32
C PRO B 512 -32.78 21.46 -6.08
N LEU B 513 -31.96 22.01 -5.17
CA LEU B 513 -31.65 21.33 -3.93
C LEU B 513 -32.87 21.21 -3.05
N LEU B 514 -33.76 22.20 -3.06
CA LEU B 514 -35.03 22.04 -2.38
C LEU B 514 -35.98 21.15 -3.17
N ALA B 515 -35.83 21.10 -4.49
CA ALA B 515 -36.75 20.32 -5.31
C ALA B 515 -36.52 18.82 -5.14
N THR B 516 -35.28 18.40 -4.92
CA THR B 516 -34.97 16.97 -4.83
C THR B 516 -34.95 16.45 -3.40
N LEU B 517 -34.31 17.16 -2.49
CA LEU B 517 -34.11 16.71 -1.12
C LEU B 517 -35.37 16.94 -0.29
N ASP B 518 -35.24 16.72 1.00
CA ASP B 518 -36.28 17.06 1.97
C ASP B 518 -35.86 18.36 2.63
N ALA B 519 -36.83 19.08 3.19
CA ALA B 519 -36.55 20.43 3.66
C ALA B 519 -36.05 20.49 5.10
N SER B 520 -36.54 19.63 5.98
CA SER B 520 -36.13 19.68 7.38
C SER B 520 -34.67 19.26 7.56
N THR B 521 -34.27 18.15 6.94
CA THR B 521 -32.89 17.69 7.08
C THR B 521 -31.91 18.60 6.36
N LEU B 522 -32.36 19.27 5.29
CA LEU B 522 -31.55 20.29 4.64
C LEU B 522 -31.32 21.46 5.58
N ALA B 523 -32.36 21.89 6.30
CA ALA B 523 -32.19 22.99 7.24
C ALA B 523 -31.31 22.60 8.40
N TYR B 524 -31.41 21.37 8.89
CA TYR B 524 -30.56 20.99 10.02
C TYR B 524 -29.09 20.89 9.60
N THR B 525 -28.81 20.22 8.48
CA THR B 525 -27.41 20.09 8.13
C THR B 525 -26.82 21.35 7.51
N GLN B 526 -27.63 22.36 7.20
CA GLN B 526 -27.07 23.68 6.97
C GLN B 526 -26.89 24.45 8.27
N GLN B 527 -27.64 24.12 9.32
CA GLN B 527 -27.43 24.80 10.59
C GLN B 527 -26.15 24.34 11.28
N VAL B 528 -25.92 23.04 11.34
CA VAL B 528 -24.86 22.57 12.24
C VAL B 528 -23.52 22.40 11.56
N ALA B 529 -23.45 21.62 10.49
CA ALA B 529 -22.19 21.06 10.03
C ALA B 529 -21.61 21.78 8.82
N ARG B 530 -21.79 23.08 8.72
CA ARG B 530 -21.11 23.83 7.68
C ARG B 530 -20.47 25.04 8.33
N PRO B 531 -19.40 25.59 7.73
CA PRO B 531 -18.78 26.78 8.33
C PRO B 531 -19.62 28.03 8.18
N VAL B 532 -19.13 29.15 8.71
CA VAL B 532 -19.79 30.46 8.59
C VAL B 532 -18.75 31.46 8.10
N PHE B 533 -19.26 32.55 7.53
CA PHE B 533 -18.39 33.57 6.96
C PHE B 533 -19.02 34.94 7.26
N ASP B 534 -18.58 35.98 6.55
CA ASP B 534 -18.93 37.34 6.94
C ASP B 534 -20.33 37.76 6.51
N CYS B 535 -20.60 37.78 5.21
CA CYS B 535 -21.86 38.34 4.72
C CYS B 535 -22.94 37.27 4.64
N ARG B 536 -24.06 37.48 5.33
CA ARG B 536 -25.03 36.43 5.60
C ARG B 536 -26.40 36.82 5.08
N ARG B 537 -27.34 35.88 5.19
CA ARG B 537 -28.71 35.92 4.70
C ARG B 537 -29.41 34.68 5.23
N VAL B 538 -30.72 34.78 5.47
CA VAL B 538 -31.53 33.65 5.87
C VAL B 538 -32.63 33.46 4.83
N ILE B 539 -32.97 32.21 4.52
CA ILE B 539 -34.06 31.89 3.59
C ILE B 539 -35.03 30.98 4.31
N GLN B 540 -36.30 31.37 4.36
CA GLN B 540 -37.31 30.66 5.11
C GLN B 540 -38.14 29.79 4.17
N VAL B 541 -38.37 28.54 4.56
CA VAL B 541 -39.10 27.58 3.75
C VAL B 541 -40.38 27.20 4.46
N GLU B 542 -41.52 27.45 3.82
CA GLU B 542 -42.81 27.09 4.39
C GLU B 542 -43.17 25.65 4.08
N ASN B 543 -44.44 25.28 4.27
CA ASN B 543 -44.83 23.89 4.18
C ASN B 543 -45.02 23.40 2.75
N ASP B 544 -45.38 24.29 1.82
CA ASP B 544 -45.67 23.87 0.45
C ASP B 544 -44.46 23.98 -0.47
N GLY B 545 -43.46 24.76 -0.12
CA GLY B 545 -42.24 24.89 -0.92
C GLY B 545 -41.85 26.32 -1.24
N THR B 546 -42.55 27.33 -0.73
CA THR B 546 -42.26 28.71 -1.07
C THR B 546 -40.95 29.17 -0.43
N GLN B 547 -40.41 30.27 -0.95
CA GLN B 547 -39.16 30.83 -0.45
C GLN B 547 -39.35 32.31 -0.16
N ALA B 548 -39.37 32.66 1.13
CA ALA B 548 -39.51 34.05 1.56
C ALA B 548 -38.27 34.46 2.33
N MET B 549 -37.56 35.48 1.83
CA MET B 549 -36.38 36.00 2.51
C MET B 549 -36.78 36.65 3.83
N LEU B 550 -35.86 36.59 4.80
CA LEU B 550 -36.15 36.97 6.18
C LEU B 550 -35.67 38.39 6.45
N ALA B 551 -36.57 39.21 6.99
CA ALA B 551 -36.32 40.63 7.17
C ALA B 551 -35.35 40.89 8.32
N SER B 552 -34.42 41.81 8.10
CA SER B 552 -33.39 42.10 9.08
C SER B 552 -33.89 43.11 10.11
N LEU B 553 -33.06 43.34 11.13
CA LEU B 553 -33.37 44.31 12.16
C LEU B 553 -33.18 45.73 11.64
N ASP B 554 -33.68 46.70 12.40
CA ASP B 554 -33.69 48.09 11.98
C ASP B 554 -32.74 48.97 12.77
N ASN B 555 -32.88 49.02 14.10
CA ASN B 555 -32.09 49.91 14.94
C ASN B 555 -31.16 49.08 15.82
N LEU B 556 -29.88 49.09 15.46
CA LEU B 556 -28.83 48.51 16.27
C LEU B 556 -27.57 49.36 16.09
N MET B 557 -26.70 49.31 17.09
CA MET B 557 -25.43 50.01 17.06
C MET B 557 -24.29 49.01 17.24
N PRO B 558 -23.18 49.17 16.52
CA PRO B 558 -22.19 48.08 16.45
C PRO B 558 -21.37 47.90 17.72
N ASP B 559 -21.01 48.99 18.40
CA ASP B 559 -20.15 48.89 19.57
C ASP B 559 -20.91 48.57 20.86
N ALA B 560 -22.23 48.60 20.83
CA ALA B 560 -23.03 48.34 22.02
C ALA B 560 -23.12 46.84 22.26
N PRO B 561 -22.69 46.34 23.44
CA PRO B 561 -22.79 44.90 23.71
C PRO B 561 -24.22 44.44 23.99
N TRP B 562 -24.39 43.15 24.24
CA TRP B 562 -25.70 42.52 24.35
C TRP B 562 -26.01 42.18 25.79
N GLY B 563 -27.26 41.85 26.07
CA GLY B 563 -27.66 41.52 27.43
C GLY B 563 -29.14 41.21 27.56
N LEU B 564 -29.53 40.60 28.68
CA LEU B 564 -30.93 40.25 28.88
C LEU B 564 -31.53 41.00 30.05
N HIS B 565 -32.86 41.12 30.05
CA HIS B 565 -33.54 41.77 31.17
C HIS B 565 -34.38 40.77 31.94
N CYS B 566 -34.30 40.87 33.27
CA CYS B 566 -35.08 40.03 34.18
C CYS B 566 -36.18 40.84 34.82
N PRO B 567 -37.42 40.34 34.86
CA PRO B 567 -38.51 41.13 35.46
C PRO B 567 -38.60 40.98 36.96
N ASP B 568 -39.64 41.54 37.56
CA ASP B 568 -39.88 41.45 38.99
C ASP B 568 -40.83 40.30 39.28
N LEU B 569 -40.39 39.36 40.12
CA LEU B 569 -41.15 38.14 40.37
C LEU B 569 -42.32 38.36 41.31
N ARG B 570 -42.37 39.48 42.03
CA ARG B 570 -43.49 39.72 42.94
C ARG B 570 -44.76 40.08 42.18
N THR B 571 -44.65 40.97 41.19
CA THR B 571 -45.82 41.38 40.43
C THR B 571 -45.96 40.63 39.11
N THR B 572 -44.89 40.56 38.33
CA THR B 572 -44.91 39.87 37.03
C THR B 572 -44.58 38.41 37.26
N ASN B 573 -45.57 37.54 37.10
CA ASN B 573 -45.36 36.11 37.25
C ASN B 573 -44.72 35.48 36.03
N ASP B 574 -44.65 36.20 34.91
CA ASP B 574 -43.96 35.70 33.73
C ASP B 574 -42.46 35.64 33.97
N CYS B 575 -41.85 34.55 33.49
CA CYS B 575 -40.44 34.31 33.70
C CYS B 575 -39.61 35.08 32.67
N THR B 576 -38.30 34.84 32.67
CA THR B 576 -37.44 35.38 31.62
C THR B 576 -37.47 34.40 30.45
N TYR B 577 -38.56 34.49 29.69
CA TYR B 577 -38.78 33.79 28.42
C TYR B 577 -38.77 32.27 28.60
N ALA B 578 -39.18 31.76 29.75
CA ALA B 578 -39.16 30.33 30.02
C ALA B 578 -40.45 29.64 29.66
N GLN B 579 -41.39 30.35 29.04
CA GLN B 579 -42.64 29.72 28.63
C GLN B 579 -42.44 28.81 27.43
N TRP B 580 -41.44 29.06 26.59
CA TRP B 580 -41.23 28.29 25.37
C TRP B 580 -40.06 27.33 25.43
N LEU B 581 -39.10 27.57 26.32
CA LEU B 581 -37.86 26.79 26.35
C LEU B 581 -37.99 25.47 27.08
N ALA B 582 -39.20 24.91 27.20
CA ALA B 582 -39.38 23.66 27.93
C ALA B 582 -38.85 22.47 27.12
N HIS B 583 -39.01 22.52 25.80
CA HIS B 583 -38.64 21.37 24.99
C HIS B 583 -37.14 21.29 24.71
N SER B 584 -36.37 22.32 25.07
CA SER B 584 -34.93 22.30 24.87
C SER B 584 -34.29 21.30 25.82
N ALA B 585 -33.37 20.48 25.29
CA ALA B 585 -32.80 19.40 26.07
C ALA B 585 -31.82 19.89 27.12
N HIS B 586 -31.17 21.03 26.86
CA HIS B 586 -30.24 21.60 27.81
C HIS B 586 -30.99 22.14 29.04
N TYR B 587 -32.21 22.62 28.83
CA TYR B 587 -32.99 23.22 29.91
C TYR B 587 -33.43 22.17 30.93
N GLN B 588 -33.87 20.99 30.49
CA GLN B 588 -34.24 19.98 31.46
C GLN B 588 -33.02 19.35 32.13
N ARG B 589 -31.86 19.38 31.49
CA ARG B 589 -30.64 18.96 32.18
C ARG B 589 -30.30 19.95 33.29
N GLU B 590 -30.48 21.24 33.05
CA GLU B 590 -30.30 22.20 34.15
C GLU B 590 -31.40 22.09 35.19
N ALA B 591 -32.61 21.67 34.80
CA ALA B 591 -33.67 21.44 35.76
C ALA B 591 -33.34 20.27 36.68
N THR B 592 -32.82 19.17 36.13
CA THR B 592 -32.39 18.06 36.97
C THR B 592 -31.13 18.39 37.76
N ALA B 593 -30.32 19.34 37.28
CA ALA B 593 -29.19 19.79 38.08
C ALA B 593 -29.65 20.63 39.26
N LEU B 594 -30.68 21.47 39.06
CA LEU B 594 -31.16 22.33 40.14
C LEU B 594 -31.98 21.56 41.16
N THR B 595 -32.74 20.57 40.70
CA THR B 595 -33.55 19.81 41.64
C THR B 595 -32.73 18.81 42.44
N ALA B 596 -31.47 18.60 42.10
CA ALA B 596 -30.58 17.78 42.92
C ALA B 596 -30.00 18.57 44.09
N LEU B 597 -30.16 19.89 44.09
CA LEU B 597 -29.70 20.72 45.19
C LEU B 597 -30.85 21.40 45.94
N LEU B 598 -31.99 21.57 45.30
CA LEU B 598 -33.12 22.22 45.96
C LEU B 598 -33.76 21.28 47.00
N ASP B 599 -33.80 19.98 46.71
CA ASP B 599 -34.51 19.05 47.58
C ASP B 599 -33.72 18.65 48.82
N GLY B 600 -32.44 19.00 48.89
CA GLY B 600 -31.57 18.52 49.93
C GLY B 600 -31.84 19.08 51.32
N MET B 601 -31.64 20.38 51.50
CA MET B 601 -31.69 20.99 52.82
C MET B 601 -32.82 21.99 53.01
N ASN B 602 -33.44 22.48 51.95
CA ASN B 602 -34.49 23.48 52.10
C ASN B 602 -35.80 22.87 52.59
N ILE B 603 -36.11 21.67 52.13
CA ILE B 603 -37.34 20.91 52.42
C ILE B 603 -38.58 21.75 52.17
N PRO B 604 -38.98 21.95 50.92
CA PRO B 604 -40.24 22.66 50.64
C PRO B 604 -41.44 21.80 50.99
N PRO B 605 -42.63 22.41 51.19
CA PRO B 605 -43.81 21.60 51.52
C PRO B 605 -44.31 20.75 50.34
N ALA B 606 -43.62 19.65 50.09
CA ALA B 606 -43.95 18.64 49.07
C ALA B 606 -44.03 19.26 47.67
N TYR B 607 -42.90 19.81 47.22
CA TYR B 607 -42.82 20.38 45.87
C TYR B 607 -41.38 20.18 45.38
N CYS B 608 -41.16 19.05 44.71
CA CYS B 608 -39.79 18.65 44.34
C CYS B 608 -39.84 17.88 43.02
N HIS B 609 -38.68 17.35 42.63
CA HIS B 609 -38.38 16.50 41.48
C HIS B 609 -38.48 17.22 40.14
N ALA B 610 -38.89 18.49 40.10
CA ALA B 610 -38.96 19.36 38.92
C ALA B 610 -39.82 18.75 37.81
N GLU B 611 -41.11 18.64 38.10
CA GLU B 611 -42.02 17.96 37.20
C GLU B 611 -43.08 18.87 36.59
N THR B 612 -43.87 19.56 37.42
CA THR B 612 -45.11 20.19 36.98
C THR B 612 -45.18 21.65 37.39
N TRP B 613 -44.11 22.38 37.10
CA TRP B 613 -44.02 23.83 37.37
C TRP B 613 -44.97 24.65 36.52
N ALA B 614 -45.54 24.10 35.45
CA ALA B 614 -46.47 24.83 34.60
C ALA B 614 -47.87 24.93 35.18
N ALA B 615 -48.15 24.26 36.30
CA ALA B 615 -49.47 24.31 36.91
C ALA B 615 -49.53 25.35 38.04
N GLN B 616 -48.51 25.38 38.89
CA GLN B 616 -48.50 26.27 40.06
C GLN B 616 -47.32 27.23 39.96
N ALA B 617 -47.18 27.88 38.80
CA ALA B 617 -46.03 28.75 38.58
C ALA B 617 -46.12 30.04 39.37
N ASN B 618 -47.31 30.49 39.73
CA ASN B 618 -47.49 31.80 40.33
C ASN B 618 -47.39 31.81 41.86
N SER B 619 -47.22 30.64 42.49
CA SER B 619 -47.28 30.59 43.95
C SER B 619 -45.91 30.76 44.60
N SER B 620 -45.01 29.82 44.36
CA SER B 620 -43.74 29.78 45.09
C SER B 620 -42.72 30.70 44.44
N LEU B 621 -42.03 31.48 45.29
CA LEU B 621 -40.92 32.29 44.80
C LEU B 621 -39.69 31.44 44.51
N LEU B 622 -39.58 30.29 45.17
CA LEU B 622 -38.39 29.44 45.02
C LEU B 622 -38.33 28.82 43.64
N ILE B 623 -39.45 28.26 43.15
CA ILE B 623 -39.47 27.69 41.81
C ILE B 623 -39.34 28.78 40.76
N ARG B 624 -39.82 29.99 41.06
CA ARG B 624 -39.71 31.09 40.12
C ARG B 624 -38.26 31.53 39.98
N GLY B 625 -37.53 31.59 41.10
CA GLY B 625 -36.11 31.87 41.04
C GLY B 625 -35.32 30.76 40.37
N CYS B 626 -35.72 29.53 40.62
CA CYS B 626 -35.06 28.41 39.95
C CYS B 626 -35.32 28.55 38.47
N GLN B 627 -36.58 28.79 38.11
CA GLN B 627 -36.93 28.97 36.71
C GLN B 627 -35.94 29.94 36.09
N THR B 628 -35.91 31.16 36.61
CA THR B 628 -35.01 32.16 36.06
C THR B 628 -33.61 31.61 35.90
N ILE B 629 -33.08 30.99 36.96
CA ILE B 629 -31.70 30.52 36.88
C ILE B 629 -31.52 29.62 35.66
N ALA B 630 -32.43 28.66 35.47
CA ALA B 630 -32.32 27.72 34.35
C ALA B 630 -32.55 28.40 33.01
N ALA B 631 -33.50 29.34 32.95
CA ALA B 631 -33.80 30.05 31.72
C ALA B 631 -32.64 30.92 31.28
N LEU B 632 -32.04 31.64 32.21
CA LEU B 632 -30.89 32.46 31.86
C LEU B 632 -29.70 31.56 31.50
N LYS B 633 -29.55 30.45 32.20
CA LYS B 633 -28.46 29.53 31.90
C LYS B 633 -28.53 29.05 30.45
N THR B 634 -29.72 28.62 30.02
CA THR B 634 -29.93 28.23 28.62
C THR B 634 -29.72 29.42 27.69
N TRP B 635 -30.24 30.59 28.06
CA TRP B 635 -30.12 31.77 27.23
C TRP B 635 -28.73 32.41 27.26
N MET B 636 -27.80 31.93 28.08
CA MET B 636 -26.43 32.33 27.83
C MET B 636 -25.57 31.23 27.19
N ASN B 637 -25.93 29.96 27.34
CA ASN B 637 -25.24 28.96 26.52
C ASN B 637 -25.69 28.98 25.08
N LEU B 638 -26.83 29.61 24.78
CA LEU B 638 -27.34 29.64 23.41
C LEU B 638 -26.55 30.62 22.57
N LEU B 639 -26.07 31.72 23.17
CA LEU B 639 -25.36 32.79 22.45
C LEU B 639 -24.03 33.07 23.12
N PRO B 640 -22.90 32.85 22.46
CA PRO B 640 -21.61 33.08 23.14
C PRO B 640 -21.25 34.52 23.36
N THR B 641 -21.86 35.49 22.67
CA THR B 641 -21.49 36.89 22.84
C THR B 641 -22.45 37.62 23.77
N LEU B 642 -22.94 36.96 24.81
CA LEU B 642 -23.86 37.55 25.77
C LEU B 642 -23.10 37.80 27.08
N THR B 643 -23.11 39.05 27.54
CA THR B 643 -22.33 39.44 28.71
C THR B 643 -23.19 39.89 29.88
N LEU B 644 -24.01 40.92 29.73
CA LEU B 644 -24.80 41.43 30.84
C LEU B 644 -26.01 40.54 31.12
N LEU B 645 -26.38 40.45 32.40
CA LEU B 645 -27.50 39.63 32.85
C LEU B 645 -28.37 40.39 33.84
N SER B 646 -28.71 41.63 33.50
CA SER B 646 -29.29 42.55 34.47
C SER B 646 -30.75 42.20 34.79
N GLY B 647 -31.31 42.95 35.74
CA GLY B 647 -32.68 42.73 36.15
C GLY B 647 -33.18 43.90 36.96
N ALA B 648 -34.51 44.00 37.06
CA ALA B 648 -35.17 45.12 37.71
C ALA B 648 -36.01 44.68 38.91
N GLY B 649 -35.45 43.83 39.78
CA GLY B 649 -36.15 43.47 41.00
C GLY B 649 -36.34 41.99 41.16
N THR B 650 -35.95 41.46 42.32
CA THR B 650 -36.09 40.07 42.77
C THR B 650 -35.40 39.04 41.87
N GLY B 651 -34.61 39.50 40.90
CA GLY B 651 -33.78 38.63 40.08
C GLY B 651 -32.32 38.95 40.16
N LEU B 652 -31.91 39.91 40.98
CA LEU B 652 -30.50 40.27 41.09
C LEU B 652 -29.69 39.16 41.75
N LEU B 653 -30.30 38.42 42.68
CA LEU B 653 -29.61 37.29 43.29
C LEU B 653 -29.49 36.08 42.35
N PRO B 654 -30.50 35.68 41.54
CA PRO B 654 -30.21 34.71 40.47
C PRO B 654 -29.22 35.21 39.44
N ALA B 655 -29.22 36.52 39.16
CA ALA B 655 -28.26 37.09 38.22
C ALA B 655 -26.84 36.98 38.74
N ALA B 656 -26.64 37.26 40.02
CA ALA B 656 -25.34 37.04 40.64
C ALA B 656 -25.02 35.55 40.75
N ALA B 657 -26.04 34.71 40.87
CA ALA B 657 -25.84 33.27 40.98
C ALA B 657 -25.29 32.69 39.69
N ALA B 658 -25.91 33.02 38.57
CA ALA B 658 -25.52 32.46 37.29
C ALA B 658 -24.61 33.38 36.50
N SER B 659 -24.13 34.47 37.09
CA SER B 659 -23.03 35.22 36.50
C SER B 659 -21.69 34.94 37.18
N GLY B 660 -21.70 34.21 38.30
CA GLY B 660 -20.47 33.80 38.95
C GLY B 660 -20.06 34.62 40.15
N MET B 661 -20.81 35.67 40.50
CA MET B 661 -20.43 36.51 41.64
C MET B 661 -20.66 35.79 42.96
N ILE B 662 -21.78 35.06 43.07
CA ILE B 662 -22.10 34.28 44.25
C ILE B 662 -22.23 32.83 43.84
N ALA B 663 -21.75 31.92 44.68
CA ALA B 663 -21.96 30.50 44.45
C ALA B 663 -23.43 30.13 44.65
N THR B 664 -23.81 28.97 44.11
CA THR B 664 -25.20 28.54 44.11
C THR B 664 -25.69 28.12 45.50
N GLN B 665 -24.78 27.70 46.38
CA GLN B 665 -25.19 27.13 47.66
C GLN B 665 -25.85 28.17 48.56
N ASP B 666 -25.23 29.34 48.69
CA ASP B 666 -25.76 30.36 49.58
C ASP B 666 -27.05 30.98 49.03
N VAL B 667 -27.14 31.18 47.73
CA VAL B 667 -28.36 31.77 47.17
C VAL B 667 -29.52 30.77 47.16
N LEU B 668 -29.25 29.47 46.94
CA LEU B 668 -30.31 28.48 47.09
C LEU B 668 -30.68 28.25 48.56
N HIS B 669 -29.75 28.54 49.47
CA HIS B 669 -30.11 28.59 50.89
C HIS B 669 -31.03 29.77 51.19
N LEU B 670 -30.74 30.93 50.61
CA LEU B 670 -31.46 32.16 50.94
C LEU B 670 -32.82 32.23 50.28
N LEU B 671 -33.00 31.59 49.11
CA LEU B 671 -34.26 31.71 48.37
C LEU B 671 -35.43 31.07 49.12
N TRP B 672 -35.21 29.90 49.75
CA TRP B 672 -36.30 29.27 50.48
C TRP B 672 -36.58 29.98 51.79
N GLU B 673 -35.56 30.51 52.45
CA GLU B 673 -35.77 31.31 53.64
C GLU B 673 -36.35 32.69 53.34
N MET B 674 -36.31 33.12 52.07
CA MET B 674 -37.00 34.33 51.65
C MET B 674 -38.52 34.15 51.67
N GLU B 675 -39.02 32.91 51.61
CA GLU B 675 -40.45 32.65 51.67
C GLU B 675 -41.03 33.01 53.05
N GLN B 676 -40.33 32.67 54.13
CA GLN B 676 -40.79 33.07 55.45
C GLN B 676 -40.65 34.56 55.68
N LYS B 677 -39.59 35.17 55.10
CA LYS B 677 -39.27 36.61 55.08
C LYS B 677 -39.34 37.29 56.45
N ALA B 678 -39.12 36.54 57.54
CA ALA B 678 -39.28 37.07 58.87
C ALA B 678 -37.95 37.58 59.44
N LEU B 679 -36.96 36.70 59.55
CA LEU B 679 -35.72 37.02 60.23
C LEU B 679 -34.80 37.83 59.31
N HIS B 680 -33.59 38.12 59.79
CA HIS B 680 -32.73 39.11 59.16
C HIS B 680 -32.10 38.58 57.87
N LEU B 681 -31.72 39.52 57.01
CA LEU B 681 -31.11 39.21 55.72
C LEU B 681 -29.68 38.68 55.92
N TRP B 682 -29.15 38.06 54.87
CA TRP B 682 -27.84 37.43 54.88
C TRP B 682 -26.97 38.01 53.78
N LEU B 683 -25.73 38.38 54.13
CA LEU B 683 -24.77 38.88 53.15
C LEU B 683 -23.89 37.73 52.71
N PRO B 684 -23.79 37.45 51.42
CA PRO B 684 -23.08 36.26 50.94
C PRO B 684 -21.57 36.44 51.03
N GLU B 685 -20.86 35.36 50.64
CA GLU B 685 -19.40 35.32 50.75
C GLU B 685 -18.71 36.18 49.69
N ARG B 686 -19.43 36.54 48.62
CA ARG B 686 -18.97 37.43 47.55
C ARG B 686 -17.74 36.86 46.83
N HIS B 687 -17.98 35.75 46.13
CA HIS B 687 -16.95 35.10 45.32
C HIS B 687 -16.52 35.97 44.14
N GLU B 688 -15.42 35.58 43.53
CA GLU B 688 -14.90 36.26 42.35
C GLU B 688 -15.53 35.67 41.09
N PRO B 689 -16.12 36.49 40.22
CA PRO B 689 -16.77 35.96 39.03
C PRO B 689 -15.78 35.58 37.93
N ILE B 690 -16.32 34.90 36.92
CA ILE B 690 -15.60 34.48 35.72
C ILE B 690 -15.33 35.74 34.90
N PRO B 691 -14.27 35.79 34.07
CA PRO B 691 -14.16 36.89 33.10
C PRO B 691 -15.33 36.92 32.13
N GLY B 692 -15.71 38.15 31.76
CA GLY B 692 -17.01 38.38 31.18
C GLY B 692 -18.06 38.38 32.26
N TYR B 693 -19.33 38.40 31.82
CA TYR B 693 -20.50 38.17 32.68
C TYR B 693 -20.62 39.17 33.83
N VAL B 694 -20.21 40.41 33.59
CA VAL B 694 -20.38 41.43 34.63
C VAL B 694 -21.85 41.80 34.75
N LEU B 695 -22.23 42.27 35.93
CA LEU B 695 -23.62 42.46 36.29
C LEU B 695 -23.95 43.94 36.48
N ALA B 696 -25.10 44.35 35.96
CA ALA B 696 -25.64 45.69 36.16
C ALA B 696 -27.03 45.57 36.76
N TRP B 697 -27.57 46.71 37.20
CA TRP B 697 -28.86 46.74 37.88
C TRP B 697 -29.90 47.59 37.17
N GLN B 698 -29.53 48.80 36.73
CA GLN B 698 -30.41 49.64 35.92
C GLN B 698 -29.62 50.24 34.77
N GLY B 699 -28.88 49.38 34.07
CA GLY B 699 -27.97 49.86 33.04
C GLY B 699 -26.73 50.52 33.58
N ASN B 700 -26.28 50.15 34.77
CA ASN B 700 -25.11 50.76 35.41
C ASN B 700 -24.11 49.67 35.77
N PRO B 701 -23.29 49.24 34.82
CA PRO B 701 -22.29 48.20 35.12
C PRO B 701 -21.07 48.81 35.78
N ILE B 702 -20.89 48.51 37.07
CA ILE B 702 -19.76 49.03 37.82
C ILE B 702 -19.14 47.88 38.61
N THR B 703 -17.82 47.95 38.83
CA THR B 703 -17.06 46.90 39.48
C THR B 703 -16.28 47.49 40.64
N ASP B 704 -16.30 46.77 41.77
CA ASP B 704 -15.61 47.13 43.02
C ASP B 704 -16.03 48.52 43.53
N ALA B 705 -17.30 48.86 43.36
CA ALA B 705 -17.83 50.10 43.92
C ALA B 705 -18.94 49.83 44.93
N GLN B 706 -19.98 49.08 44.55
CA GLN B 706 -21.08 48.77 45.44
C GLN B 706 -21.16 47.29 45.75
N ARG B 707 -20.10 46.53 45.47
CA ARG B 707 -20.08 45.09 45.72
C ARG B 707 -19.40 44.75 47.04
N ASN B 708 -18.99 45.75 47.81
CA ASN B 708 -18.37 45.51 49.11
C ASN B 708 -19.13 46.12 50.28
N ASP B 709 -20.08 47.02 50.03
CA ASP B 709 -20.85 47.63 51.10
C ASP B 709 -22.11 46.79 51.36
N ARG B 710 -23.05 47.34 52.11
CA ARG B 710 -24.33 46.69 52.36
C ARG B 710 -25.52 47.59 52.07
N GLY B 711 -25.34 48.91 51.96
CA GLY B 711 -26.45 49.80 51.73
C GLY B 711 -27.09 49.66 50.36
N PHE B 712 -26.26 49.47 49.34
CA PHE B 712 -26.79 49.31 47.97
C PHE B 712 -27.53 47.99 47.82
N TRP B 713 -27.05 46.93 48.47
CA TRP B 713 -27.72 45.64 48.42
C TRP B 713 -29.05 45.66 49.15
N SER B 714 -29.17 46.47 50.20
CA SER B 714 -30.47 46.64 50.85
C SER B 714 -31.38 47.57 50.06
N GLU B 715 -30.81 48.56 49.37
CA GLU B 715 -31.62 49.48 48.57
C GLU B 715 -32.16 48.83 47.32
N ALA B 716 -31.41 47.90 46.72
CA ALA B 716 -31.73 47.37 45.40
C ALA B 716 -32.90 46.40 45.39
N LEU B 717 -33.38 45.95 46.55
CA LEU B 717 -34.49 45.00 46.60
C LEU B 717 -35.85 45.71 46.62
N LEU B 718 -36.07 46.60 45.66
CA LEU B 718 -37.34 47.29 45.48
C LEU B 718 -37.77 47.17 44.03
N ALA B 719 -39.07 47.36 43.79
CA ALA B 719 -39.64 47.27 42.46
C ALA B 719 -39.63 48.64 41.80
N ASP B 720 -38.76 48.82 40.81
CA ASP B 720 -38.71 50.09 40.08
C ASP B 720 -39.87 50.22 39.10
N THR B 721 -40.26 49.10 38.47
CA THR B 721 -41.35 49.00 37.50
C THR B 721 -41.13 49.96 36.32
N ARG B 722 -40.03 49.73 35.61
CA ARG B 722 -39.63 50.55 34.47
C ARG B 722 -38.80 49.68 33.54
N GLU B 723 -39.37 49.33 32.38
CA GLU B 723 -38.63 48.50 31.43
C GLU B 723 -37.51 49.29 30.78
N LEU B 724 -37.80 50.50 30.32
CA LEU B 724 -36.77 51.43 29.84
C LEU B 724 -36.37 52.38 30.96
N GLY B 725 -35.94 51.79 32.08
CA GLY B 725 -35.56 52.57 33.23
C GLY B 725 -34.18 53.18 33.17
N GLU B 726 -33.39 52.85 32.15
CA GLU B 726 -32.02 53.32 32.03
C GLU B 726 -31.88 54.51 31.08
N GLY B 727 -32.95 54.90 30.40
CA GLY B 727 -32.86 55.93 29.39
C GLY B 727 -32.10 55.45 28.18
N VAL B 728 -30.88 55.95 28.00
CA VAL B 728 -29.94 55.41 27.02
C VAL B 728 -28.63 55.11 27.73
N HIS B 729 -28.08 53.92 27.48
CA HIS B 729 -26.78 53.55 28.00
C HIS B 729 -25.95 52.76 27.01
N SER B 730 -26.38 52.68 25.73
CA SER B 730 -25.71 51.93 24.67
C SER B 730 -25.59 50.45 25.02
N ILE B 731 -26.74 49.83 25.29
CA ILE B 731 -26.84 48.39 25.52
C ILE B 731 -27.95 47.85 24.62
N ASN B 732 -27.60 46.94 23.72
CA ASN B 732 -28.59 46.27 22.89
C ASN B 732 -29.21 45.12 23.66
N TRP B 733 -30.54 45.06 23.69
CA TRP B 733 -31.24 44.18 24.60
C TRP B 733 -31.90 43.02 23.87
N VAL B 734 -31.88 41.85 24.52
CA VAL B 734 -32.52 40.66 23.97
C VAL B 734 -33.99 40.69 24.34
N ARG B 735 -34.77 41.41 23.55
CA ARG B 735 -36.20 41.58 23.77
C ARG B 735 -36.99 40.82 22.70
N LEU B 736 -37.88 39.93 23.15
CA LEU B 736 -38.71 39.16 22.24
C LEU B 736 -39.75 40.06 21.57
N PRO B 737 -40.22 39.70 20.36
CA PRO B 737 -41.20 40.55 19.69
C PRO B 737 -42.53 40.52 20.40
N PRO B 738 -43.34 41.58 20.28
CA PRO B 738 -44.62 41.62 21.02
C PRO B 738 -45.67 40.64 20.52
N GLU B 739 -45.70 40.33 19.22
CA GLU B 739 -46.72 39.47 18.64
C GLU B 739 -46.15 38.06 18.48
N ILE B 740 -46.08 37.33 19.58
CA ILE B 740 -45.51 35.99 19.59
C ILE B 740 -46.49 35.02 20.28
N ARG B 741 -46.81 33.93 19.59
CA ARG B 741 -47.65 32.90 20.17
C ARG B 741 -46.95 31.54 20.17
N GLU B 742 -46.48 31.12 19.00
CA GLU B 742 -45.91 29.77 18.87
C GLU B 742 -44.41 29.79 19.14
N ASP B 743 -43.88 28.60 19.43
CA ASP B 743 -42.47 28.44 19.75
C ASP B 743 -41.54 28.73 18.58
N VAL B 744 -42.05 28.76 17.36
CA VAL B 744 -41.19 29.00 16.20
C VAL B 744 -40.83 30.48 16.11
N ASP B 745 -41.58 31.35 16.79
CA ASP B 745 -41.30 32.79 16.73
C ASP B 745 -40.01 33.12 17.46
N VAL B 746 -39.75 32.45 18.59
CA VAL B 746 -38.49 32.64 19.28
C VAL B 746 -37.33 32.12 18.45
N LEU B 747 -37.56 31.04 17.70
CA LEU B 747 -36.50 30.56 16.81
C LEU B 747 -36.31 31.52 15.64
N ARG B 748 -37.38 32.18 15.20
CA ARG B 748 -37.25 33.23 14.19
C ARG B 748 -36.42 34.39 14.72
N TYR B 749 -36.61 34.72 15.98
CA TYR B 749 -35.79 35.76 16.60
C TYR B 749 -34.33 35.31 16.68
N VAL B 750 -34.10 34.03 16.98
CA VAL B 750 -32.72 33.52 17.04
C VAL B 750 -32.07 33.59 15.66
N ALA B 751 -32.86 33.32 14.62
CA ALA B 751 -32.34 33.46 13.26
C ALA B 751 -32.04 34.92 12.93
N GLN B 752 -32.85 35.85 13.41
CA GLN B 752 -32.58 37.26 13.14
C GLN B 752 -31.32 37.73 13.85
N LEU B 753 -31.08 37.26 15.08
CA LEU B 753 -29.79 37.54 15.70
C LEU B 753 -28.63 36.79 15.07
N TRP B 754 -28.88 35.68 14.38
CA TRP B 754 -27.81 35.09 13.58
C TRP B 754 -27.48 35.98 12.40
N CYS B 755 -28.50 36.57 11.79
CA CYS B 755 -28.28 37.45 10.65
C CYS B 755 -27.60 38.74 11.06
N ALA B 756 -27.81 39.18 12.30
CA ALA B 756 -27.22 40.44 12.76
C ALA B 756 -25.72 40.36 12.93
N GLY B 757 -25.16 39.18 13.14
CA GLY B 757 -23.72 39.05 13.14
C GLY B 757 -23.08 38.50 14.40
N ILE B 758 -23.81 37.69 15.15
CA ILE B 758 -23.26 36.99 16.31
C ILE B 758 -23.56 35.51 16.20
N ASN B 759 -22.56 34.69 16.51
CA ASN B 759 -22.68 33.25 16.35
C ASN B 759 -23.69 32.67 17.33
N VAL B 760 -24.37 31.61 16.92
CA VAL B 760 -25.43 31.04 17.76
C VAL B 760 -25.25 29.54 18.01
N ASP B 761 -25.46 29.11 19.24
CA ASP B 761 -25.39 27.68 19.54
C ASP B 761 -26.71 27.04 19.18
N TRP B 762 -26.89 26.72 17.91
CA TRP B 762 -28.16 26.17 17.44
C TRP B 762 -28.56 24.83 18.06
N ALA B 763 -27.64 23.87 18.11
CA ALA B 763 -28.02 22.56 18.62
C ALA B 763 -28.69 22.61 19.98
N VAL B 764 -28.57 23.72 20.70
CA VAL B 764 -29.10 23.82 22.05
C VAL B 764 -30.62 23.83 22.04
N TRP B 765 -31.22 24.38 20.98
CA TRP B 765 -32.66 24.56 20.98
C TRP B 765 -33.41 23.23 20.81
N TYR B 766 -32.85 22.28 20.07
CA TYR B 766 -33.63 21.15 19.60
C TYR B 766 -33.92 20.16 20.73
N GLY B 767 -35.02 19.42 20.56
CA GLY B 767 -35.56 18.55 21.58
C GLY B 767 -34.86 17.21 21.68
N THR B 768 -35.62 16.19 22.03
CA THR B 768 -35.00 14.90 22.31
C THR B 768 -34.67 14.03 21.09
N PRO B 769 -35.49 13.94 20.00
CA PRO B 769 -34.93 13.33 18.78
C PRO B 769 -34.21 14.37 17.93
N LEU B 770 -32.89 14.30 17.90
CA LEU B 770 -32.12 15.21 17.07
C LEU B 770 -32.30 14.80 15.61
N PRO B 771 -32.70 15.70 14.72
CA PRO B 771 -33.00 15.29 13.34
C PRO B 771 -31.76 14.85 12.59
N GLN B 772 -31.98 13.98 11.62
CA GLN B 772 -30.88 13.30 10.96
C GLN B 772 -30.12 14.24 10.02
N ARG B 773 -28.80 14.18 10.10
CA ARG B 773 -27.91 14.92 9.23
C ARG B 773 -27.95 14.41 7.81
N GLY B 774 -27.51 15.25 6.89
CA GLY B 774 -27.65 14.96 5.49
C GLY B 774 -26.81 15.85 4.62
N SER B 775 -27.21 15.97 3.36
CA SER B 775 -26.45 16.62 2.31
C SER B 775 -27.12 17.92 1.93
N ALA B 776 -26.37 19.01 1.87
CA ALA B 776 -27.00 20.31 1.67
C ALA B 776 -26.55 21.05 0.41
N SER B 777 -25.30 21.50 0.34
CA SER B 777 -25.03 22.59 -0.58
C SER B 777 -23.54 22.84 -0.75
N ALA B 778 -23.11 23.01 -1.99
CA ALA B 778 -21.70 23.11 -2.29
C ALA B 778 -21.22 24.51 -1.98
N TYR B 779 -20.06 24.81 -2.35
CA TYR B 779 -19.50 26.13 -2.13
C TYR B 779 -19.47 26.92 -3.44
N PRO B 780 -19.70 28.20 -3.40
CA PRO B 780 -19.62 29.02 -4.62
C PRO B 780 -18.26 29.61 -4.89
N PHE B 781 -17.36 28.88 -5.56
CA PHE B 781 -16.03 29.40 -5.86
C PHE B 781 -16.10 30.59 -6.81
N ALA B 782 -15.09 31.44 -6.74
CA ALA B 782 -15.02 32.67 -7.55
C ALA B 782 -13.90 32.53 -8.57
N HIS B 783 -14.27 32.24 -9.81
CA HIS B 783 -13.30 31.89 -10.83
C HIS B 783 -12.56 33.12 -11.35
N ASN B 784 -11.24 33.04 -11.43
CA ASN B 784 -10.43 33.93 -12.24
C ASN B 784 -10.27 33.31 -13.63
N HIS B 785 -9.30 33.78 -14.41
CA HIS B 785 -8.89 33.09 -15.61
C HIS B 785 -7.37 33.02 -15.66
N TYR B 786 -6.84 31.86 -16.04
CA TYR B 786 -5.40 31.62 -16.12
C TYR B 786 -5.13 30.97 -17.46
N PRO B 787 -4.27 31.52 -18.30
CA PRO B 787 -4.10 30.98 -19.65
C PRO B 787 -3.32 29.68 -19.65
N LEU B 788 -3.62 28.85 -20.64
CA LEU B 788 -2.83 27.65 -20.87
C LEU B 788 -1.47 28.03 -21.43
N PRO B 789 -0.39 27.45 -20.89
CA PRO B 789 0.95 27.76 -21.42
C PRO B 789 1.12 27.26 -22.84
N GLY B 790 1.86 28.04 -23.63
CA GLY B 790 2.06 27.71 -25.03
C GLY B 790 0.89 28.11 -25.90
N MET C 828 3.87 -16.11 -48.26
CA MET C 828 4.14 -16.80 -47.00
C MET C 828 5.63 -16.72 -46.68
N GLN C 829 6.45 -16.85 -47.73
CA GLN C 829 7.91 -16.79 -47.58
C GLN C 829 8.35 -15.41 -47.09
N TYR C 830 7.76 -14.35 -47.65
CA TYR C 830 8.10 -13.01 -47.23
C TYR C 830 7.55 -12.71 -45.83
N ILE C 831 6.41 -13.31 -45.48
CA ILE C 831 5.86 -13.16 -44.14
C ILE C 831 6.79 -13.79 -43.10
N THR C 832 7.26 -15.01 -43.39
CA THR C 832 8.25 -15.64 -42.53
C THR C 832 9.57 -14.89 -42.51
N GLY C 833 9.93 -14.24 -43.64
CA GLY C 833 11.14 -13.44 -43.68
C GLY C 833 11.09 -12.22 -42.78
N LEU C 834 9.97 -11.51 -42.76
CA LEU C 834 9.84 -10.40 -41.82
C LEU C 834 9.67 -10.86 -40.37
N MET C 835 9.01 -12.00 -40.12
CA MET C 835 8.92 -12.42 -38.73
C MET C 835 10.26 -12.96 -38.22
N GLU C 836 11.09 -13.50 -39.13
CA GLU C 836 12.43 -13.91 -38.76
C GLU C 836 13.37 -12.71 -38.71
N LEU C 837 12.99 -11.62 -39.36
CA LEU C 837 13.74 -10.37 -39.21
C LEU C 837 13.44 -9.71 -37.87
N LEU C 838 12.17 -9.73 -37.47
CA LEU C 838 11.76 -9.06 -36.23
C LEU C 838 12.18 -9.86 -35.00
N LEU C 839 12.02 -11.19 -35.02
CA LEU C 839 12.22 -11.97 -33.81
C LEU C 839 13.56 -12.71 -33.79
N GLU C 840 14.06 -13.12 -34.97
CA GLU C 840 15.41 -13.68 -35.17
C GLU C 840 15.65 -14.97 -34.38
N ILE C 841 14.84 -15.98 -34.66
CA ILE C 841 15.10 -17.35 -34.24
C ILE C 841 14.98 -18.23 -35.48
N SER C 842 16.07 -18.92 -35.82
CA SER C 842 16.13 -19.72 -37.04
C SER C 842 15.17 -20.91 -37.05
N PRO C 843 15.00 -21.70 -35.97
CA PRO C 843 13.84 -22.60 -36.07
C PRO C 843 12.52 -21.90 -35.77
N GLU C 852 2.48 -20.48 -34.26
CA GLU C 852 1.60 -19.87 -33.28
C GLU C 852 2.38 -19.26 -32.13
N LEU C 853 3.70 -19.26 -32.25
CA LEU C 853 4.59 -18.75 -31.22
C LEU C 853 5.27 -17.48 -31.70
N GLY C 854 4.55 -16.65 -32.45
CA GLY C 854 5.07 -15.38 -32.87
C GLY C 854 4.84 -14.29 -31.85
N GLY C 855 4.88 -13.04 -32.33
CA GLY C 855 4.59 -11.92 -31.45
C GLY C 855 3.12 -11.86 -31.05
N HIS C 856 2.23 -11.79 -32.05
CA HIS C 856 0.77 -11.77 -31.92
C HIS C 856 0.30 -10.62 -31.03
N SER C 857 0.99 -9.49 -31.10
CA SER C 857 0.78 -8.37 -30.20
C SER C 857 0.58 -7.10 -31.02
N LEU C 858 0.74 -5.97 -30.32
CA LEU C 858 0.51 -4.57 -30.74
C LEU C 858 1.05 -4.30 -32.15
N LEU C 859 2.34 -4.51 -32.42
CA LEU C 859 2.90 -4.03 -33.68
C LEU C 859 3.07 -5.16 -34.69
N VAL C 860 3.12 -6.41 -34.21
CA VAL C 860 3.46 -7.55 -35.07
C VAL C 860 2.34 -7.83 -36.08
N THR C 861 1.10 -7.86 -35.58
CA THR C 861 -0.04 -8.14 -36.45
C THR C 861 -0.24 -7.06 -37.49
N GLN C 862 -0.10 -5.79 -37.09
CA GLN C 862 -0.29 -4.70 -38.03
C GLN C 862 0.85 -4.63 -39.02
N LEU C 863 2.08 -4.92 -38.57
CA LEU C 863 3.24 -4.90 -39.47
C LEU C 863 3.14 -6.01 -40.51
N THR C 864 2.58 -7.16 -40.13
CA THR C 864 2.32 -8.19 -41.13
C THR C 864 1.17 -7.80 -42.04
N SER C 865 0.16 -7.11 -41.49
CA SER C 865 -1.04 -6.84 -42.27
C SER C 865 -0.84 -5.69 -43.25
N ARG C 866 0.18 -4.85 -43.04
CA ARG C 866 0.38 -3.68 -43.90
C ARG C 866 0.85 -4.09 -45.30
N LEU C 867 1.86 -4.97 -45.37
CA LEU C 867 2.46 -5.25 -46.67
C LEU C 867 1.72 -6.38 -47.39
N GLU C 868 0.87 -7.12 -46.66
CA GLU C 868 0.13 -8.21 -47.29
C GLU C 868 -0.95 -7.71 -48.22
N ARG C 869 -1.53 -6.55 -47.91
CA ARG C 869 -2.47 -5.93 -48.85
C ARG C 869 -1.73 -5.32 -50.03
N ASP C 870 -0.49 -4.87 -49.80
CA ASP C 870 0.36 -4.46 -50.91
C ASP C 870 0.90 -5.67 -51.68
N PHE C 871 0.93 -6.83 -51.03
CA PHE C 871 1.32 -8.08 -51.67
C PHE C 871 0.22 -8.54 -52.63
N ASN C 872 0.54 -9.55 -53.44
CA ASN C 872 -0.45 -10.13 -54.34
C ASN C 872 -1.56 -10.88 -53.59
N VAL C 873 -1.31 -11.26 -52.33
CA VAL C 873 -2.35 -11.88 -51.53
C VAL C 873 -3.34 -10.81 -51.07
N HIS C 874 -4.53 -11.25 -50.67
CA HIS C 874 -5.53 -10.36 -50.11
C HIS C 874 -5.87 -10.80 -48.70
N ILE C 875 -5.73 -9.88 -47.74
CA ILE C 875 -5.97 -10.19 -46.33
C ILE C 875 -6.98 -9.18 -45.80
N ASP C 876 -7.81 -9.61 -44.86
CA ASP C 876 -8.77 -8.73 -44.21
C ASP C 876 -8.39 -8.53 -42.75
N LEU C 877 -8.99 -7.51 -42.14
CA LEU C 877 -8.78 -7.28 -40.71
C LEU C 877 -9.49 -8.34 -39.87
N LEU C 878 -10.63 -8.83 -40.38
CA LEU C 878 -11.36 -9.89 -39.68
C LEU C 878 -10.56 -11.19 -39.65
N THR C 879 -9.94 -11.55 -40.78
CA THR C 879 -9.08 -12.73 -40.77
C THR C 879 -7.69 -12.41 -40.21
N LEU C 880 -7.37 -11.12 -40.03
CA LEU C 880 -6.21 -10.76 -39.23
C LEU C 880 -6.44 -11.09 -37.75
N MET C 881 -7.64 -10.78 -37.24
CA MET C 881 -7.92 -11.08 -35.85
C MET C 881 -8.47 -12.49 -35.64
N GLU C 882 -8.58 -13.31 -36.69
CA GLU C 882 -9.11 -14.66 -36.58
C GLU C 882 -8.04 -15.73 -36.76
N ASN C 883 -6.89 -15.40 -37.33
CA ASN C 883 -5.90 -16.38 -37.73
C ASN C 883 -4.68 -16.32 -36.81
N PRO C 884 -4.38 -17.37 -36.04
CA PRO C 884 -3.20 -17.35 -35.17
C PRO C 884 -1.96 -18.03 -35.75
N ASN C 885 -2.04 -18.55 -36.97
CA ASN C 885 -0.90 -19.28 -37.54
C ASN C 885 -0.72 -18.89 -39.00
N PRO C 886 0.51 -18.90 -39.52
CA PRO C 886 0.70 -18.68 -40.97
C PRO C 886 0.09 -19.76 -41.86
N ARG C 887 -0.19 -20.95 -41.32
CA ARG C 887 -0.89 -21.97 -42.11
C ARG C 887 -2.33 -21.56 -42.39
N ASN C 888 -3.05 -21.05 -41.39
CA ASN C 888 -4.41 -20.60 -41.60
C ASN C 888 -4.45 -19.32 -42.42
N ILE C 889 -3.44 -18.46 -42.26
CA ILE C 889 -3.29 -17.28 -43.10
C ILE C 889 -3.09 -17.68 -44.56
N TYR C 890 -2.26 -18.70 -44.80
CA TYR C 890 -2.04 -19.20 -46.15
C TYR C 890 -3.27 -19.93 -46.69
N ALA C 891 -4.07 -20.53 -45.80
CA ALA C 891 -5.34 -21.12 -46.21
C ALA C 891 -6.33 -20.05 -46.64
N HIS C 892 -6.36 -18.92 -45.92
CA HIS C 892 -7.21 -17.80 -46.34
C HIS C 892 -6.65 -17.15 -47.60
N ILE C 893 -5.34 -17.24 -47.82
CA ILE C 893 -4.72 -16.77 -49.06
C ILE C 893 -5.24 -17.56 -50.26
N ALA C 894 -5.31 -18.88 -50.11
CA ALA C 894 -5.82 -19.72 -51.19
C ALA C 894 -7.33 -19.53 -51.39
N ALA C 895 -8.04 -19.12 -50.33
CA ALA C 895 -9.47 -18.85 -50.46
C ALA C 895 -9.73 -17.56 -51.22
N GLN C 896 -8.98 -16.50 -50.90
CA GLN C 896 -9.16 -15.22 -51.57
C GLN C 896 -8.53 -15.24 -52.97
#